data_7NGK
# 
_entry.id   7NGK 
# 
_audit_conform.dict_name       mmcif_pdbx.dic 
_audit_conform.dict_version    5.384 
_audit_conform.dict_location   http://mmcif.pdb.org/dictionaries/ascii/mmcif_pdbx.dic 
# 
loop_
_database_2.database_id 
_database_2.database_code 
_database_2.pdbx_database_accession 
_database_2.pdbx_DOI 
PDB   7NGK         pdb_00007ngk 10.2210/pdb7ngk/pdb 
WWPDB D_1292113941 ?            ?                   
# 
loop_
_pdbx_audit_revision_history.ordinal 
_pdbx_audit_revision_history.data_content_type 
_pdbx_audit_revision_history.major_revision 
_pdbx_audit_revision_history.minor_revision 
_pdbx_audit_revision_history.revision_date 
1 'Structure model' 1 0 2022-02-23 
2 'Structure model' 1 1 2024-01-31 
# 
_pdbx_audit_revision_details.ordinal             1 
_pdbx_audit_revision_details.revision_ordinal    1 
_pdbx_audit_revision_details.data_content_type   'Structure model' 
_pdbx_audit_revision_details.provider            repository 
_pdbx_audit_revision_details.type                'Initial release' 
_pdbx_audit_revision_details.description         ? 
_pdbx_audit_revision_details.details             ? 
# 
loop_
_pdbx_audit_revision_group.ordinal 
_pdbx_audit_revision_group.revision_ordinal 
_pdbx_audit_revision_group.data_content_type 
_pdbx_audit_revision_group.group 
1 2 'Structure model' 'Data collection'        
2 2 'Structure model' 'Refinement description' 
# 
loop_
_pdbx_audit_revision_category.ordinal 
_pdbx_audit_revision_category.revision_ordinal 
_pdbx_audit_revision_category.data_content_type 
_pdbx_audit_revision_category.category 
1 2 'Structure model' chem_comp_atom                
2 2 'Structure model' chem_comp_bond                
3 2 'Structure model' pdbx_initial_refinement_model 
# 
_pdbx_database_status.status_code                     REL 
_pdbx_database_status.status_code_sf                  REL 
_pdbx_database_status.status_code_mr                  ? 
_pdbx_database_status.entry_id                        7NGK 
_pdbx_database_status.recvd_initial_deposition_date   2021-02-09 
_pdbx_database_status.SG_entry                        N 
_pdbx_database_status.deposit_site                    PDBE 
_pdbx_database_status.process_site                    PDBE 
_pdbx_database_status.status_code_cs                  ? 
_pdbx_database_status.status_code_nmr_data            ? 
_pdbx_database_status.methods_development_category    ? 
_pdbx_database_status.pdb_format_compatible           Y 
# 
loop_
_pdbx_database_related.db_name 
_pdbx_database_related.details 
_pdbx_database_related.db_id 
_pdbx_database_related.content_type 
PDB 'related ligands' 7NGD unspecified 
PDB 'related ligands' 7NGG unspecified 
PDB 'related ligands' 7NGI unspecified 
PDB 'related ligands' 7NGJ unspecified 
# 
loop_
_audit_author.name 
_audit_author.pdbx_ordinal 
_audit_author.identifier_ORCID 
'Tomlinson, C.W.E.' 1 0000-0002-1845-6028 
'Tatum, N.J.'       2 0000-0003-3878-9265 
'Pohl, E.'          3 0000-0002-9949-4471 
# 
_citation.abstract                  ? 
_citation.abstract_id_CAS           ? 
_citation.book_id_ISBN              ? 
_citation.book_publisher            ? 
_citation.book_publisher_city       ? 
_citation.book_title                ? 
_citation.coordinate_linkage        ? 
_citation.country                   ? 
_citation.database_id_Medline       ? 
_citation.details                   ? 
_citation.id                        primary 
_citation.journal_abbrev            'To Be Published' 
_citation.journal_id_ASTM           ? 
_citation.journal_id_CSD            0353 
_citation.journal_id_ISSN           ? 
_citation.journal_full              ? 
_citation.journal_issue             ? 
_citation.journal_volume            ? 
_citation.language                  ? 
_citation.page_first                ? 
_citation.page_last                 ? 
_citation.title                     
'Systematic exploration of the hydrophobic capacity of the EthR binding site for lead compound optimization' 
_citation.year                      ? 
_citation.database_id_CSD           ? 
_citation.pdbx_database_id_DOI      ? 
_citation.pdbx_database_id_PubMed   ? 
_citation.unpublished_flag          ? 
# 
loop_
_citation_author.citation_id 
_citation_author.name 
_citation_author.ordinal 
_citation_author.identifier_ORCID 
primary 'Tatum, N.J.'       1 ? 
primary 'Tomlinson, C.W.E.' 2 ? 
primary 'Frita, R.'         3 ? 
primary 'Bennett, R.'       4 ? 
primary 'Baulard, A.R.'     5 ? 
primary 'Pohl, E.'          6 ? 
primary 'Kitching, M.O.'    7 ? 
# 
loop_
_entity.id 
_entity.type 
_entity.src_method 
_entity.pdbx_description 
_entity.formula_weight 
_entity.pdbx_number_of_molecules 
_entity.pdbx_ec 
_entity.pdbx_mutation 
_entity.pdbx_fragment 
_entity.details 
1 polymer     man 'HTH-type transcriptional regulator EthR'           23781.705 1   ? ? ? ? 
2 non-polymer syn 'SULFATE ION'                                       96.063    1   ? ? ? ? 
3 non-polymer syn '~{N}-cyclohexyl-4-methyl-piperidine-1-carboxamide' 224.342   1   ? ? ? ? 
4 water       nat water                                               18.015    107 ? ? ? ? 
# 
_entity_poly.entity_id                      1 
_entity_poly.type                           'polypeptide(L)' 
_entity_poly.nstd_linkage                   no 
_entity_poly.nstd_monomer                   no 
_entity_poly.pdbx_seq_one_letter_code       
;MTTSAASQASLPRGRRTARPSGDDRELAILATAENLLEDRPLADISVDDLAKGAGISRPTFYFYFPSKEAVLLTLLDRVV
NQADMALQTLAENPADTDRENMWRTGINVFFETFGSHKAVTRAGQAARATSVEVAELWSTFMQKWIAYTAAVIDAERDRG
AAPRTLPAHELATALNLMNERTLFASFAGEQPSVPEARVLDTLVHIWVTSIYGENR
;
_entity_poly.pdbx_seq_one_letter_code_can   
;MTTSAASQASLPRGRRTARPSGDDRELAILATAENLLEDRPLADISVDDLAKGAGISRPTFYFYFPSKEAVLLTLLDRVV
NQADMALQTLAENPADTDRENMWRTGINVFFETFGSHKAVTRAGQAARATSVEVAELWSTFMQKWIAYTAAVIDAERDRG
AAPRTLPAHELATALNLMNERTLFASFAGEQPSVPEARVLDTLVHIWVTSIYGENR
;
_entity_poly.pdbx_strand_id                 A 
_entity_poly.pdbx_target_identifier         ? 
# 
loop_
_pdbx_entity_nonpoly.entity_id 
_pdbx_entity_nonpoly.name 
_pdbx_entity_nonpoly.comp_id 
2 'SULFATE ION'                                       SO4 
3 '~{N}-cyclohexyl-4-methyl-piperidine-1-carboxamide' UAE 
4 water                                               HOH 
# 
loop_
_entity_poly_seq.entity_id 
_entity_poly_seq.num 
_entity_poly_seq.mon_id 
_entity_poly_seq.hetero 
1 1   MET n 
1 2   THR n 
1 3   THR n 
1 4   SER n 
1 5   ALA n 
1 6   ALA n 
1 7   SER n 
1 8   GLN n 
1 9   ALA n 
1 10  SER n 
1 11  LEU n 
1 12  PRO n 
1 13  ARG n 
1 14  GLY n 
1 15  ARG n 
1 16  ARG n 
1 17  THR n 
1 18  ALA n 
1 19  ARG n 
1 20  PRO n 
1 21  SER n 
1 22  GLY n 
1 23  ASP n 
1 24  ASP n 
1 25  ARG n 
1 26  GLU n 
1 27  LEU n 
1 28  ALA n 
1 29  ILE n 
1 30  LEU n 
1 31  ALA n 
1 32  THR n 
1 33  ALA n 
1 34  GLU n 
1 35  ASN n 
1 36  LEU n 
1 37  LEU n 
1 38  GLU n 
1 39  ASP n 
1 40  ARG n 
1 41  PRO n 
1 42  LEU n 
1 43  ALA n 
1 44  ASP n 
1 45  ILE n 
1 46  SER n 
1 47  VAL n 
1 48  ASP n 
1 49  ASP n 
1 50  LEU n 
1 51  ALA n 
1 52  LYS n 
1 53  GLY n 
1 54  ALA n 
1 55  GLY n 
1 56  ILE n 
1 57  SER n 
1 58  ARG n 
1 59  PRO n 
1 60  THR n 
1 61  PHE n 
1 62  TYR n 
1 63  PHE n 
1 64  TYR n 
1 65  PHE n 
1 66  PRO n 
1 67  SER n 
1 68  LYS n 
1 69  GLU n 
1 70  ALA n 
1 71  VAL n 
1 72  LEU n 
1 73  LEU n 
1 74  THR n 
1 75  LEU n 
1 76  LEU n 
1 77  ASP n 
1 78  ARG n 
1 79  VAL n 
1 80  VAL n 
1 81  ASN n 
1 82  GLN n 
1 83  ALA n 
1 84  ASP n 
1 85  MET n 
1 86  ALA n 
1 87  LEU n 
1 88  GLN n 
1 89  THR n 
1 90  LEU n 
1 91  ALA n 
1 92  GLU n 
1 93  ASN n 
1 94  PRO n 
1 95  ALA n 
1 96  ASP n 
1 97  THR n 
1 98  ASP n 
1 99  ARG n 
1 100 GLU n 
1 101 ASN n 
1 102 MET n 
1 103 TRP n 
1 104 ARG n 
1 105 THR n 
1 106 GLY n 
1 107 ILE n 
1 108 ASN n 
1 109 VAL n 
1 110 PHE n 
1 111 PHE n 
1 112 GLU n 
1 113 THR n 
1 114 PHE n 
1 115 GLY n 
1 116 SER n 
1 117 HIS n 
1 118 LYS n 
1 119 ALA n 
1 120 VAL n 
1 121 THR n 
1 122 ARG n 
1 123 ALA n 
1 124 GLY n 
1 125 GLN n 
1 126 ALA n 
1 127 ALA n 
1 128 ARG n 
1 129 ALA n 
1 130 THR n 
1 131 SER n 
1 132 VAL n 
1 133 GLU n 
1 134 VAL n 
1 135 ALA n 
1 136 GLU n 
1 137 LEU n 
1 138 TRP n 
1 139 SER n 
1 140 THR n 
1 141 PHE n 
1 142 MET n 
1 143 GLN n 
1 144 LYS n 
1 145 TRP n 
1 146 ILE n 
1 147 ALA n 
1 148 TYR n 
1 149 THR n 
1 150 ALA n 
1 151 ALA n 
1 152 VAL n 
1 153 ILE n 
1 154 ASP n 
1 155 ALA n 
1 156 GLU n 
1 157 ARG n 
1 158 ASP n 
1 159 ARG n 
1 160 GLY n 
1 161 ALA n 
1 162 ALA n 
1 163 PRO n 
1 164 ARG n 
1 165 THR n 
1 166 LEU n 
1 167 PRO n 
1 168 ALA n 
1 169 HIS n 
1 170 GLU n 
1 171 LEU n 
1 172 ALA n 
1 173 THR n 
1 174 ALA n 
1 175 LEU n 
1 176 ASN n 
1 177 LEU n 
1 178 MET n 
1 179 ASN n 
1 180 GLU n 
1 181 ARG n 
1 182 THR n 
1 183 LEU n 
1 184 PHE n 
1 185 ALA n 
1 186 SER n 
1 187 PHE n 
1 188 ALA n 
1 189 GLY n 
1 190 GLU n 
1 191 GLN n 
1 192 PRO n 
1 193 SER n 
1 194 VAL n 
1 195 PRO n 
1 196 GLU n 
1 197 ALA n 
1 198 ARG n 
1 199 VAL n 
1 200 LEU n 
1 201 ASP n 
1 202 THR n 
1 203 LEU n 
1 204 VAL n 
1 205 HIS n 
1 206 ILE n 
1 207 TRP n 
1 208 VAL n 
1 209 THR n 
1 210 SER n 
1 211 ILE n 
1 212 TYR n 
1 213 GLY n 
1 214 GLU n 
1 215 ASN n 
1 216 ARG n 
# 
_entity_src_gen.entity_id                          1 
_entity_src_gen.pdbx_src_id                        1 
_entity_src_gen.pdbx_alt_source_flag               sample 
_entity_src_gen.pdbx_seq_type                      'Biological sequence' 
_entity_src_gen.pdbx_beg_seq_num                   1 
_entity_src_gen.pdbx_end_seq_num                   216 
_entity_src_gen.gene_src_common_name               ? 
_entity_src_gen.gene_src_genus                     ? 
_entity_src_gen.pdbx_gene_src_gene                 'ethR, etaR, Rv3855' 
_entity_src_gen.gene_src_species                   ? 
_entity_src_gen.gene_src_strain                    ? 
_entity_src_gen.gene_src_tissue                    ? 
_entity_src_gen.gene_src_tissue_fraction           ? 
_entity_src_gen.gene_src_details                   ? 
_entity_src_gen.pdbx_gene_src_fragment             ? 
_entity_src_gen.pdbx_gene_src_scientific_name      'Mycobacterium tuberculosis' 
_entity_src_gen.pdbx_gene_src_ncbi_taxonomy_id     1773 
_entity_src_gen.pdbx_gene_src_variant              ? 
_entity_src_gen.pdbx_gene_src_cell_line            ? 
_entity_src_gen.pdbx_gene_src_atcc                 ? 
_entity_src_gen.pdbx_gene_src_organ                ? 
_entity_src_gen.pdbx_gene_src_organelle            ? 
_entity_src_gen.pdbx_gene_src_cell                 ? 
_entity_src_gen.pdbx_gene_src_cellular_location    ? 
_entity_src_gen.host_org_common_name               ? 
_entity_src_gen.pdbx_host_org_scientific_name      ' Escherichia coli BL21(DE3)' 
_entity_src_gen.pdbx_host_org_ncbi_taxonomy_id     469008 
_entity_src_gen.host_org_genus                     ? 
_entity_src_gen.pdbx_host_org_gene                 ? 
_entity_src_gen.pdbx_host_org_organ                ? 
_entity_src_gen.host_org_species                   ? 
_entity_src_gen.pdbx_host_org_tissue               ? 
_entity_src_gen.pdbx_host_org_tissue_fraction      ? 
_entity_src_gen.pdbx_host_org_strain               ? 
_entity_src_gen.pdbx_host_org_variant              ? 
_entity_src_gen.pdbx_host_org_cell_line            ? 
_entity_src_gen.pdbx_host_org_atcc                 ? 
_entity_src_gen.pdbx_host_org_culture_collection   ? 
_entity_src_gen.pdbx_host_org_cell                 ? 
_entity_src_gen.pdbx_host_org_organelle            ? 
_entity_src_gen.pdbx_host_org_cellular_location    ? 
_entity_src_gen.pdbx_host_org_vector_type          ? 
_entity_src_gen.pdbx_host_org_vector               ? 
_entity_src_gen.host_org_details                   ? 
_entity_src_gen.expression_system_id               ? 
_entity_src_gen.plasmid_name                       ? 
_entity_src_gen.plasmid_details                    ? 
_entity_src_gen.pdbx_description                   ? 
# 
loop_
_chem_comp.id 
_chem_comp.type 
_chem_comp.mon_nstd_flag 
_chem_comp.name 
_chem_comp.pdbx_synonyms 
_chem_comp.formula 
_chem_comp.formula_weight 
ALA 'L-peptide linking' y ALANINE                                             ? 'C3 H7 N O2'     89.093  
ARG 'L-peptide linking' y ARGININE                                            ? 'C6 H15 N4 O2 1' 175.209 
ASN 'L-peptide linking' y ASPARAGINE                                          ? 'C4 H8 N2 O3'    132.118 
ASP 'L-peptide linking' y 'ASPARTIC ACID'                                     ? 'C4 H7 N O4'     133.103 
GLN 'L-peptide linking' y GLUTAMINE                                           ? 'C5 H10 N2 O3'   146.144 
GLU 'L-peptide linking' y 'GLUTAMIC ACID'                                     ? 'C5 H9 N O4'     147.129 
GLY 'peptide linking'   y GLYCINE                                             ? 'C2 H5 N O2'     75.067  
HIS 'L-peptide linking' y HISTIDINE                                           ? 'C6 H10 N3 O2 1' 156.162 
HOH non-polymer         . WATER                                               ? 'H2 O'           18.015  
ILE 'L-peptide linking' y ISOLEUCINE                                          ? 'C6 H13 N O2'    131.173 
LEU 'L-peptide linking' y LEUCINE                                             ? 'C6 H13 N O2'    131.173 
LYS 'L-peptide linking' y LYSINE                                              ? 'C6 H15 N2 O2 1' 147.195 
MET 'L-peptide linking' y METHIONINE                                          ? 'C5 H11 N O2 S'  149.211 
PHE 'L-peptide linking' y PHENYLALANINE                                       ? 'C9 H11 N O2'    165.189 
PRO 'L-peptide linking' y PROLINE                                             ? 'C5 H9 N O2'     115.130 
SER 'L-peptide linking' y SERINE                                              ? 'C3 H7 N O3'     105.093 
SO4 non-polymer         . 'SULFATE ION'                                       ? 'O4 S -2'        96.063  
THR 'L-peptide linking' y THREONINE                                           ? 'C4 H9 N O3'     119.119 
TRP 'L-peptide linking' y TRYPTOPHAN                                          ? 'C11 H12 N2 O2'  204.225 
TYR 'L-peptide linking' y TYROSINE                                            ? 'C9 H11 N O3'    181.189 
UAE non-polymer         . '~{N}-cyclohexyl-4-methyl-piperidine-1-carboxamide' ? 'C13 H24 N2 O'   224.342 
VAL 'L-peptide linking' y VALINE                                              ? 'C5 H11 N O2'    117.146 
# 
loop_
_pdbx_poly_seq_scheme.asym_id 
_pdbx_poly_seq_scheme.entity_id 
_pdbx_poly_seq_scheme.seq_id 
_pdbx_poly_seq_scheme.mon_id 
_pdbx_poly_seq_scheme.ndb_seq_num 
_pdbx_poly_seq_scheme.pdb_seq_num 
_pdbx_poly_seq_scheme.auth_seq_num 
_pdbx_poly_seq_scheme.pdb_mon_id 
_pdbx_poly_seq_scheme.auth_mon_id 
_pdbx_poly_seq_scheme.pdb_strand_id 
_pdbx_poly_seq_scheme.pdb_ins_code 
_pdbx_poly_seq_scheme.hetero 
A 1 1   MET 1   1   ?   ?   ?   A . n 
A 1 2   THR 2   2   ?   ?   ?   A . n 
A 1 3   THR 3   3   ?   ?   ?   A . n 
A 1 4   SER 4   4   ?   ?   ?   A . n 
A 1 5   ALA 5   5   ?   ?   ?   A . n 
A 1 6   ALA 6   6   ?   ?   ?   A . n 
A 1 7   SER 7   7   ?   ?   ?   A . n 
A 1 8   GLN 8   8   ?   ?   ?   A . n 
A 1 9   ALA 9   9   ?   ?   ?   A . n 
A 1 10  SER 10  10  ?   ?   ?   A . n 
A 1 11  LEU 11  11  ?   ?   ?   A . n 
A 1 12  PRO 12  12  ?   ?   ?   A . n 
A 1 13  ARG 13  13  ?   ?   ?   A . n 
A 1 14  GLY 14  14  ?   ?   ?   A . n 
A 1 15  ARG 15  15  ?   ?   ?   A . n 
A 1 16  ARG 16  16  ?   ?   ?   A . n 
A 1 17  THR 17  17  ?   ?   ?   A . n 
A 1 18  ALA 18  18  ?   ?   ?   A . n 
A 1 19  ARG 19  19  ?   ?   ?   A . n 
A 1 20  PRO 20  20  ?   ?   ?   A . n 
A 1 21  SER 21  21  ?   ?   ?   A . n 
A 1 22  GLY 22  22  22  GLY GLY A . n 
A 1 23  ASP 23  23  23  ASP ASP A . n 
A 1 24  ASP 24  24  24  ASP ASP A . n 
A 1 25  ARG 25  25  25  ARG ARG A . n 
A 1 26  GLU 26  26  26  GLU GLU A . n 
A 1 27  LEU 27  27  27  LEU LEU A . n 
A 1 28  ALA 28  28  28  ALA ALA A . n 
A 1 29  ILE 29  29  29  ILE ILE A . n 
A 1 30  LEU 30  30  30  LEU LEU A . n 
A 1 31  ALA 31  31  31  ALA ALA A . n 
A 1 32  THR 32  32  32  THR THR A . n 
A 1 33  ALA 33  33  33  ALA ALA A . n 
A 1 34  GLU 34  34  34  GLU GLU A . n 
A 1 35  ASN 35  35  35  ASN ASN A . n 
A 1 36  LEU 36  36  36  LEU LEU A . n 
A 1 37  LEU 37  37  37  LEU LEU A . n 
A 1 38  GLU 38  38  38  GLU GLU A . n 
A 1 39  ASP 39  39  39  ASP ASP A . n 
A 1 40  ARG 40  40  40  ARG ARG A . n 
A 1 41  PRO 41  41  41  PRO PRO A . n 
A 1 42  LEU 42  42  42  LEU LEU A . n 
A 1 43  ALA 43  43  43  ALA ALA A . n 
A 1 44  ASP 44  44  44  ASP ASP A . n 
A 1 45  ILE 45  45  45  ILE ILE A . n 
A 1 46  SER 46  46  46  SER SER A . n 
A 1 47  VAL 47  47  47  VAL VAL A . n 
A 1 48  ASP 48  48  48  ASP ASP A . n 
A 1 49  ASP 49  49  49  ASP ASP A . n 
A 1 50  LEU 50  50  50  LEU LEU A . n 
A 1 51  ALA 51  51  51  ALA ALA A . n 
A 1 52  LYS 52  52  52  LYS LYS A . n 
A 1 53  GLY 53  53  53  GLY GLY A . n 
A 1 54  ALA 54  54  54  ALA ALA A . n 
A 1 55  GLY 55  55  55  GLY GLY A . n 
A 1 56  ILE 56  56  56  ILE ILE A . n 
A 1 57  SER 57  57  57  SER SER A . n 
A 1 58  ARG 58  58  58  ARG ARG A . n 
A 1 59  PRO 59  59  59  PRO PRO A . n 
A 1 60  THR 60  60  60  THR THR A . n 
A 1 61  PHE 61  61  61  PHE PHE A . n 
A 1 62  TYR 62  62  62  TYR TYR A . n 
A 1 63  PHE 63  63  63  PHE PHE A . n 
A 1 64  TYR 64  64  64  TYR TYR A . n 
A 1 65  PHE 65  65  65  PHE PHE A . n 
A 1 66  PRO 66  66  66  PRO PRO A . n 
A 1 67  SER 67  67  67  SER SER A . n 
A 1 68  LYS 68  68  68  LYS LYS A . n 
A 1 69  GLU 69  69  69  GLU GLU A . n 
A 1 70  ALA 70  70  70  ALA ALA A . n 
A 1 71  VAL 71  71  71  VAL VAL A . n 
A 1 72  LEU 72  72  72  LEU LEU A . n 
A 1 73  LEU 73  73  73  LEU LEU A . n 
A 1 74  THR 74  74  74  THR THR A . n 
A 1 75  LEU 75  75  75  LEU LEU A . n 
A 1 76  LEU 76  76  76  LEU LEU A . n 
A 1 77  ASP 77  77  77  ASP ASP A . n 
A 1 78  ARG 78  78  78  ARG ARG A . n 
A 1 79  VAL 79  79  79  VAL VAL A . n 
A 1 80  VAL 80  80  80  VAL VAL A . n 
A 1 81  ASN 81  81  81  ASN ASN A . n 
A 1 82  GLN 82  82  82  GLN GLN A . n 
A 1 83  ALA 83  83  83  ALA ALA A . n 
A 1 84  ASP 84  84  84  ASP ASP A . n 
A 1 85  MET 85  85  85  MET MET A . n 
A 1 86  ALA 86  86  86  ALA ALA A . n 
A 1 87  LEU 87  87  87  LEU LEU A . n 
A 1 88  GLN 88  88  88  GLN GLN A . n 
A 1 89  THR 89  89  89  THR THR A . n 
A 1 90  LEU 90  90  90  LEU LEU A . n 
A 1 91  ALA 91  91  91  ALA ALA A . n 
A 1 92  GLU 92  92  92  GLU GLU A . n 
A 1 93  ASN 93  93  93  ASN ASN A . n 
A 1 94  PRO 94  94  94  PRO PRO A . n 
A 1 95  ALA 95  95  95  ALA ALA A . n 
A 1 96  ASP 96  96  96  ASP ASP A . n 
A 1 97  THR 97  97  97  THR THR A . n 
A 1 98  ASP 98  98  98  ASP ASP A . n 
A 1 99  ARG 99  99  99  ARG ARG A . n 
A 1 100 GLU 100 100 100 GLU GLU A . n 
A 1 101 ASN 101 101 101 ASN ASN A . n 
A 1 102 MET 102 102 102 MET MET A . n 
A 1 103 TRP 103 103 103 TRP TRP A . n 
A 1 104 ARG 104 104 104 ARG ARG A . n 
A 1 105 THR 105 105 105 THR THR A . n 
A 1 106 GLY 106 106 106 GLY GLY A . n 
A 1 107 ILE 107 107 107 ILE ILE A . n 
A 1 108 ASN 108 108 108 ASN ASN A . n 
A 1 109 VAL 109 109 109 VAL VAL A . n 
A 1 110 PHE 110 110 110 PHE PHE A . n 
A 1 111 PHE 111 111 111 PHE PHE A . n 
A 1 112 GLU 112 112 112 GLU GLU A . n 
A 1 113 THR 113 113 113 THR THR A . n 
A 1 114 PHE 114 114 114 PHE PHE A . n 
A 1 115 GLY 115 115 115 GLY GLY A . n 
A 1 116 SER 116 116 116 SER SER A . n 
A 1 117 HIS 117 117 117 HIS HIS A . n 
A 1 118 LYS 118 118 118 LYS LYS A . n 
A 1 119 ALA 119 119 119 ALA ALA A . n 
A 1 120 VAL 120 120 120 VAL VAL A . n 
A 1 121 THR 121 121 121 THR THR A . n 
A 1 122 ARG 122 122 122 ARG ARG A . n 
A 1 123 ALA 123 123 123 ALA ALA A . n 
A 1 124 GLY 124 124 124 GLY GLY A . n 
A 1 125 GLN 125 125 125 GLN GLN A . n 
A 1 126 ALA 126 126 126 ALA ALA A . n 
A 1 127 ALA 127 127 127 ALA ALA A . n 
A 1 128 ARG 128 128 128 ARG ARG A . n 
A 1 129 ALA 129 129 129 ALA ALA A . n 
A 1 130 THR 130 130 130 THR THR A . n 
A 1 131 SER 131 131 131 SER SER A . n 
A 1 132 VAL 132 132 132 VAL VAL A . n 
A 1 133 GLU 133 133 133 GLU GLU A . n 
A 1 134 VAL 134 134 134 VAL VAL A . n 
A 1 135 ALA 135 135 135 ALA ALA A . n 
A 1 136 GLU 136 136 136 GLU GLU A . n 
A 1 137 LEU 137 137 137 LEU LEU A . n 
A 1 138 TRP 138 138 138 TRP TRP A . n 
A 1 139 SER 139 139 139 SER SER A . n 
A 1 140 THR 140 140 140 THR THR A . n 
A 1 141 PHE 141 141 141 PHE PHE A . n 
A 1 142 MET 142 142 142 MET MET A . n 
A 1 143 GLN 143 143 143 GLN GLN A . n 
A 1 144 LYS 144 144 144 LYS LYS A . n 
A 1 145 TRP 145 145 145 TRP TRP A . n 
A 1 146 ILE 146 146 146 ILE ILE A . n 
A 1 147 ALA 147 147 147 ALA ALA A . n 
A 1 148 TYR 148 148 148 TYR TYR A . n 
A 1 149 THR 149 149 149 THR THR A . n 
A 1 150 ALA 150 150 150 ALA ALA A . n 
A 1 151 ALA 151 151 151 ALA ALA A . n 
A 1 152 VAL 152 152 152 VAL VAL A . n 
A 1 153 ILE 153 153 153 ILE ILE A . n 
A 1 154 ASP 154 154 154 ASP ASP A . n 
A 1 155 ALA 155 155 155 ALA ALA A . n 
A 1 156 GLU 156 156 156 GLU GLU A . n 
A 1 157 ARG 157 157 157 ARG ARG A . n 
A 1 158 ASP 158 158 158 ASP ASP A . n 
A 1 159 ARG 159 159 159 ARG ARG A . n 
A 1 160 GLY 160 160 160 GLY GLY A . n 
A 1 161 ALA 161 161 161 ALA ALA A . n 
A 1 162 ALA 162 162 162 ALA ALA A . n 
A 1 163 PRO 163 163 163 PRO PRO A . n 
A 1 164 ARG 164 164 164 ARG ARG A . n 
A 1 165 THR 165 165 165 THR THR A . n 
A 1 166 LEU 166 166 166 LEU LEU A . n 
A 1 167 PRO 167 167 167 PRO PRO A . n 
A 1 168 ALA 168 168 168 ALA ALA A . n 
A 1 169 HIS 169 169 169 HIS HIS A . n 
A 1 170 GLU 170 170 170 GLU GLU A . n 
A 1 171 LEU 171 171 171 LEU LEU A . n 
A 1 172 ALA 172 172 172 ALA ALA A . n 
A 1 173 THR 173 173 173 THR THR A . n 
A 1 174 ALA 174 174 174 ALA ALA A . n 
A 1 175 LEU 175 175 175 LEU LEU A . n 
A 1 176 ASN 176 176 176 ASN ASN A . n 
A 1 177 LEU 177 177 177 LEU LEU A . n 
A 1 178 MET 178 178 178 MET MET A . n 
A 1 179 ASN 179 179 179 ASN ASN A . n 
A 1 180 GLU 180 180 180 GLU GLU A . n 
A 1 181 ARG 181 181 181 ARG ARG A . n 
A 1 182 THR 182 182 182 THR THR A . n 
A 1 183 LEU 183 183 183 LEU LEU A . n 
A 1 184 PHE 184 184 184 PHE PHE A . n 
A 1 185 ALA 185 185 185 ALA ALA A . n 
A 1 186 SER 186 186 186 SER SER A . n 
A 1 187 PHE 187 187 187 PHE PHE A . n 
A 1 188 ALA 188 188 188 ALA ALA A . n 
A 1 189 GLY 189 189 189 GLY GLY A . n 
A 1 190 GLU 190 190 190 GLU GLU A . n 
A 1 191 GLN 191 191 191 GLN GLN A . n 
A 1 192 PRO 192 192 192 PRO PRO A . n 
A 1 193 SER 193 193 193 SER SER A . n 
A 1 194 VAL 194 194 194 VAL VAL A . n 
A 1 195 PRO 195 195 195 PRO PRO A . n 
A 1 196 GLU 196 196 196 GLU GLU A . n 
A 1 197 ALA 197 197 197 ALA ALA A . n 
A 1 198 ARG 198 198 198 ARG ARG A . n 
A 1 199 VAL 199 199 199 VAL VAL A . n 
A 1 200 LEU 200 200 200 LEU LEU A . n 
A 1 201 ASP 201 201 201 ASP ASP A . n 
A 1 202 THR 202 202 202 THR THR A . n 
A 1 203 LEU 203 203 203 LEU LEU A . n 
A 1 204 VAL 204 204 204 VAL VAL A . n 
A 1 205 HIS 205 205 205 HIS HIS A . n 
A 1 206 ILE 206 206 206 ILE ILE A . n 
A 1 207 TRP 207 207 207 TRP TRP A . n 
A 1 208 VAL 208 208 208 VAL VAL A . n 
A 1 209 THR 209 209 209 THR THR A . n 
A 1 210 SER 210 210 210 SER SER A . n 
A 1 211 ILE 211 211 211 ILE ILE A . n 
A 1 212 TYR 212 212 212 TYR TYR A . n 
A 1 213 GLY 213 213 213 GLY GLY A . n 
A 1 214 GLU 214 214 214 GLU GLU A . n 
A 1 215 ASN 215 215 ?   ?   ?   A . n 
A 1 216 ARG 216 216 ?   ?   ?   A . n 
# 
loop_
_pdbx_nonpoly_scheme.asym_id 
_pdbx_nonpoly_scheme.entity_id 
_pdbx_nonpoly_scheme.mon_id 
_pdbx_nonpoly_scheme.ndb_seq_num 
_pdbx_nonpoly_scheme.pdb_seq_num 
_pdbx_nonpoly_scheme.auth_seq_num 
_pdbx_nonpoly_scheme.pdb_mon_id 
_pdbx_nonpoly_scheme.auth_mon_id 
_pdbx_nonpoly_scheme.pdb_strand_id 
_pdbx_nonpoly_scheme.pdb_ins_code 
B 2 SO4 1   301 302 SO4 SO4 A . 
C 3 UAE 1   302 401 UAE DRG A . 
D 4 HOH 1   401 88  HOH HOH A . 
D 4 HOH 2   402 28  HOH HOH A . 
D 4 HOH 3   403 62  HOH HOH A . 
D 4 HOH 4   404 24  HOH HOH A . 
D 4 HOH 5   405 90  HOH HOH A . 
D 4 HOH 6   406 89  HOH HOH A . 
D 4 HOH 7   407 45  HOH HOH A . 
D 4 HOH 8   408 66  HOH HOH A . 
D 4 HOH 9   409 47  HOH HOH A . 
D 4 HOH 10  410 23  HOH HOH A . 
D 4 HOH 11  411 63  HOH HOH A . 
D 4 HOH 12  412 32  HOH HOH A . 
D 4 HOH 13  413 19  HOH HOH A . 
D 4 HOH 14  414 41  HOH HOH A . 
D 4 HOH 15  415 72  HOH HOH A . 
D 4 HOH 16  416 11  HOH HOH A . 
D 4 HOH 17  417 71  HOH HOH A . 
D 4 HOH 18  418 58  HOH HOH A . 
D 4 HOH 19  419 53  HOH HOH A . 
D 4 HOH 20  420 7   HOH HOH A . 
D 4 HOH 21  421 48  HOH HOH A . 
D 4 HOH 22  422 35  HOH HOH A . 
D 4 HOH 23  423 21  HOH HOH A . 
D 4 HOH 24  424 42  HOH HOH A . 
D 4 HOH 25  425 5   HOH HOH A . 
D 4 HOH 26  426 74  HOH HOH A . 
D 4 HOH 27  427 17  HOH HOH A . 
D 4 HOH 28  428 80  HOH HOH A . 
D 4 HOH 29  429 14  HOH HOH A . 
D 4 HOH 30  430 73  HOH HOH A . 
D 4 HOH 31  431 51  HOH HOH A . 
D 4 HOH 32  432 44  HOH HOH A . 
D 4 HOH 33  433 25  HOH HOH A . 
D 4 HOH 34  434 6   HOH HOH A . 
D 4 HOH 35  435 13  HOH HOH A . 
D 4 HOH 36  436 67  HOH HOH A . 
D 4 HOH 37  437 43  HOH HOH A . 
D 4 HOH 38  438 49  HOH HOH A . 
D 4 HOH 39  439 36  HOH HOH A . 
D 4 HOH 40  440 31  HOH HOH A . 
D 4 HOH 41  441 37  HOH HOH A . 
D 4 HOH 42  442 3   HOH HOH A . 
D 4 HOH 43  443 69  HOH HOH A . 
D 4 HOH 44  444 27  HOH HOH A . 
D 4 HOH 45  445 4   HOH HOH A . 
D 4 HOH 46  446 39  HOH HOH A . 
D 4 HOH 47  447 29  HOH HOH A . 
D 4 HOH 48  448 20  HOH HOH A . 
D 4 HOH 49  449 82  HOH HOH A . 
D 4 HOH 50  450 16  HOH HOH A . 
D 4 HOH 51  451 8   HOH HOH A . 
D 4 HOH 52  452 15  HOH HOH A . 
D 4 HOH 53  453 79  HOH HOH A . 
D 4 HOH 54  454 1   HOH HOH A . 
D 4 HOH 55  455 26  HOH HOH A . 
D 4 HOH 56  456 12  HOH HOH A . 
D 4 HOH 57  457 86  HOH HOH A . 
D 4 HOH 58  458 56  HOH HOH A . 
D 4 HOH 59  459 83  HOH HOH A . 
D 4 HOH 60  460 52  HOH HOH A . 
D 4 HOH 61  461 92  HOH HOH A . 
D 4 HOH 62  462 75  HOH HOH A . 
D 4 HOH 63  463 81  HOH HOH A . 
D 4 HOH 64  464 18  HOH HOH A . 
D 4 HOH 65  465 55  HOH HOH A . 
D 4 HOH 66  466 33  HOH HOH A . 
D 4 HOH 67  467 34  HOH HOH A . 
D 4 HOH 68  468 9   HOH HOH A . 
D 4 HOH 69  469 59  HOH HOH A . 
D 4 HOH 70  470 22  HOH HOH A . 
D 4 HOH 71  471 38  HOH HOH A . 
D 4 HOH 72  472 76  HOH HOH A . 
D 4 HOH 73  473 10  HOH HOH A . 
D 4 HOH 74  474 94  HOH HOH A . 
D 4 HOH 75  475 61  HOH HOH A . 
D 4 HOH 76  476 91  HOH HOH A . 
D 4 HOH 77  477 64  HOH HOH A . 
D 4 HOH 78  478 95  HOH HOH A . 
D 4 HOH 79  479 50  HOH HOH A . 
D 4 HOH 80  480 2   HOH HOH A . 
D 4 HOH 81  481 103 HOH HOH A . 
D 4 HOH 82  482 77  HOH HOH A . 
D 4 HOH 83  483 54  HOH HOH A . 
D 4 HOH 84  484 93  HOH HOH A . 
D 4 HOH 85  485 100 HOH HOH A . 
D 4 HOH 86  486 40  HOH HOH A . 
D 4 HOH 87  487 102 HOH HOH A . 
D 4 HOH 88  488 70  HOH HOH A . 
D 4 HOH 89  489 68  HOH HOH A . 
D 4 HOH 90  490 98  HOH HOH A . 
D 4 HOH 91  491 85  HOH HOH A . 
D 4 HOH 92  492 87  HOH HOH A . 
D 4 HOH 93  493 96  HOH HOH A . 
D 4 HOH 94  494 106 HOH HOH A . 
D 4 HOH 95  495 105 HOH HOH A . 
D 4 HOH 96  496 65  HOH HOH A . 
D 4 HOH 97  497 46  HOH HOH A . 
D 4 HOH 98  498 30  HOH HOH A . 
D 4 HOH 99  499 60  HOH HOH A . 
D 4 HOH 100 500 97  HOH HOH A . 
D 4 HOH 101 501 57  HOH HOH A . 
D 4 HOH 102 502 84  HOH HOH A . 
D 4 HOH 103 503 99  HOH HOH A . 
D 4 HOH 104 504 104 HOH HOH A . 
D 4 HOH 105 505 101 HOH HOH A . 
D 4 HOH 106 506 78  HOH HOH A . 
D 4 HOH 107 507 107 HOH HOH A . 
# 
loop_
_pdbx_unobs_or_zero_occ_atoms.id 
_pdbx_unobs_or_zero_occ_atoms.PDB_model_num 
_pdbx_unobs_or_zero_occ_atoms.polymer_flag 
_pdbx_unobs_or_zero_occ_atoms.occupancy_flag 
_pdbx_unobs_or_zero_occ_atoms.auth_asym_id 
_pdbx_unobs_or_zero_occ_atoms.auth_comp_id 
_pdbx_unobs_or_zero_occ_atoms.auth_seq_id 
_pdbx_unobs_or_zero_occ_atoms.PDB_ins_code 
_pdbx_unobs_or_zero_occ_atoms.auth_atom_id 
_pdbx_unobs_or_zero_occ_atoms.label_alt_id 
_pdbx_unobs_or_zero_occ_atoms.label_asym_id 
_pdbx_unobs_or_zero_occ_atoms.label_comp_id 
_pdbx_unobs_or_zero_occ_atoms.label_seq_id 
_pdbx_unobs_or_zero_occ_atoms.label_atom_id 
1 1 Y 1 A ASP 96 ? CG  ? A ASP 96 CG  
2 1 Y 1 A ASP 96 ? OD1 ? A ASP 96 OD1 
3 1 Y 1 A ASP 96 ? OD2 ? A ASP 96 OD2 
# 
loop_
_software.citation_id 
_software.classification 
_software.compiler_name 
_software.compiler_version 
_software.contact_author 
_software.contact_author_email 
_software.date 
_software.description 
_software.dependencies 
_software.hardware 
_software.language 
_software.location 
_software.mods 
_software.name 
_software.os 
_software.os_version 
_software.type 
_software.version 
_software.pdbx_ordinal 
? refinement        ? ? ? ? ? ? ? ? ? ? ? REFMAC      ? ? ? 5.8.0238 1 
? 'data extraction' ? ? ? ? ? ? ? ? ? ? ? PDB_EXTRACT ? ? ? 3.22     2 
? 'data scaling'    ? ? ? ? ? ? ? ? ? ? ? Aimless     ? ? ? .        3 
? 'data reduction'  ? ? ? ? ? ? ? ? ? ? ? pointless   ? ? ? .        4 
? phasing           ? ? ? ? ? ? ? ? ? ? ? PHASER      ? ? ? .        5 
# 
_cell.angle_alpha                  90.000 
_cell.angle_alpha_esd              ? 
_cell.angle_beta                   90.000 
_cell.angle_beta_esd               ? 
_cell.angle_gamma                  90.000 
_cell.angle_gamma_esd              ? 
_cell.entry_id                     7NGK 
_cell.details                      ? 
_cell.formula_units_Z              ? 
_cell.length_a                     121.164 
_cell.length_a_esd                 ? 
_cell.length_b                     121.164 
_cell.length_b_esd                 ? 
_cell.length_c                     33.693 
_cell.length_c_esd                 ? 
_cell.volume                       ? 
_cell.volume_esd                   ? 
_cell.Z_PDB                        8 
_cell.reciprocal_angle_alpha       ? 
_cell.reciprocal_angle_beta        ? 
_cell.reciprocal_angle_gamma       ? 
_cell.reciprocal_angle_alpha_esd   ? 
_cell.reciprocal_angle_beta_esd    ? 
_cell.reciprocal_angle_gamma_esd   ? 
_cell.reciprocal_length_a          ? 
_cell.reciprocal_length_b          ? 
_cell.reciprocal_length_c          ? 
_cell.reciprocal_length_a_esd      ? 
_cell.reciprocal_length_b_esd      ? 
_cell.reciprocal_length_c_esd      ? 
_cell.pdbx_unique_axis             ? 
# 
_symmetry.entry_id                         7NGK 
_symmetry.cell_setting                     ? 
_symmetry.Int_Tables_number                92 
_symmetry.space_group_name_Hall            ? 
_symmetry.space_group_name_H-M             'P 41 21 2' 
_symmetry.pdbx_full_space_group_name_H-M   ? 
# 
_exptl.absorpt_coefficient_mu     ? 
_exptl.absorpt_correction_T_max   ? 
_exptl.absorpt_correction_T_min   ? 
_exptl.absorpt_correction_type    ? 
_exptl.absorpt_process_details    ? 
_exptl.entry_id                   7NGK 
_exptl.crystals_number            1 
_exptl.details                    ? 
_exptl.method                     'X-RAY DIFFRACTION' 
_exptl.method_details             ? 
# 
_exptl_crystal.colour                      ? 
_exptl_crystal.density_diffrn              ? 
_exptl_crystal.density_Matthews            2.60 
_exptl_crystal.density_method              ? 
_exptl_crystal.density_percent_sol         52.69 
_exptl_crystal.description                 ? 
_exptl_crystal.F_000                       ? 
_exptl_crystal.id                          1 
_exptl_crystal.preparation                 ? 
_exptl_crystal.size_max                    ? 
_exptl_crystal.size_mid                    ? 
_exptl_crystal.size_min                    ? 
_exptl_crystal.size_rad                    ? 
_exptl_crystal.colour_lustre               ? 
_exptl_crystal.colour_modifier             ? 
_exptl_crystal.colour_primary              ? 
_exptl_crystal.density_meas                ? 
_exptl_crystal.density_meas_esd            ? 
_exptl_crystal.density_meas_gt             ? 
_exptl_crystal.density_meas_lt             ? 
_exptl_crystal.density_meas_temp           ? 
_exptl_crystal.density_meas_temp_esd       ? 
_exptl_crystal.density_meas_temp_gt        ? 
_exptl_crystal.density_meas_temp_lt        ? 
_exptl_crystal.pdbx_crystal_image_url      ? 
_exptl_crystal.pdbx_crystal_image_format   ? 
_exptl_crystal.pdbx_mosaicity              ? 
_exptl_crystal.pdbx_mosaicity_esd          ? 
# 
_exptl_crystal_grow.apparatus       ? 
_exptl_crystal_grow.atmosphere      ? 
_exptl_crystal_grow.crystal_id      1 
_exptl_crystal_grow.details         ? 
_exptl_crystal_grow.method          'VAPOR DIFFUSION, SITTING DROP' 
_exptl_crystal_grow.method_ref      ? 
_exptl_crystal_grow.pH              ? 
_exptl_crystal_grow.pressure        ? 
_exptl_crystal_grow.pressure_esd    ? 
_exptl_crystal_grow.seeding         ? 
_exptl_crystal_grow.seeding_ref     ? 
_exptl_crystal_grow.temp            300 
_exptl_crystal_grow.temp_details    ? 
_exptl_crystal_grow.temp_esd        ? 
_exptl_crystal_grow.time            ? 
_exptl_crystal_grow.pdbx_details    'PEG based' 
_exptl_crystal_grow.pdbx_pH_range   ? 
# 
_diffrn.ambient_environment              ? 
_diffrn.ambient_temp                     100 
_diffrn.ambient_temp_details             ? 
_diffrn.ambient_temp_esd                 ? 
_diffrn.crystal_id                       1 
_diffrn.crystal_support                  ? 
_diffrn.crystal_treatment                ? 
_diffrn.details                          ? 
_diffrn.id                               1 
_diffrn.ambient_pressure                 ? 
_diffrn.ambient_pressure_esd             ? 
_diffrn.ambient_pressure_gt              ? 
_diffrn.ambient_pressure_lt              ? 
_diffrn.ambient_temp_gt                  ? 
_diffrn.ambient_temp_lt                  ? 
_diffrn.pdbx_serial_crystal_experiment   N 
# 
_diffrn_detector.details                      ? 
_diffrn_detector.detector                     PIXEL 
_diffrn_detector.diffrn_id                    1 
_diffrn_detector.type                         'DECTRIS PILATUS 6M' 
_diffrn_detector.area_resol_mean              ? 
_diffrn_detector.dtime                        ? 
_diffrn_detector.pdbx_frames_total            ? 
_diffrn_detector.pdbx_collection_time_total   ? 
_diffrn_detector.pdbx_collection_date         2018-05-03 
_diffrn_detector.pdbx_frequency               ? 
# 
_diffrn_radiation.collimation                      ? 
_diffrn_radiation.diffrn_id                        1 
_diffrn_radiation.filter_edge                      ? 
_diffrn_radiation.inhomogeneity                    ? 
_diffrn_radiation.monochromator                    ? 
_diffrn_radiation.polarisn_norm                    ? 
_diffrn_radiation.polarisn_ratio                   ? 
_diffrn_radiation.probe                            ? 
_diffrn_radiation.type                             ? 
_diffrn_radiation.xray_symbol                      ? 
_diffrn_radiation.wavelength_id                    1 
_diffrn_radiation.pdbx_monochromatic_or_laue_m_l   M 
_diffrn_radiation.pdbx_wavelength_list             ? 
_diffrn_radiation.pdbx_wavelength                  ? 
_diffrn_radiation.pdbx_diffrn_protocol             'SINGLE WAVELENGTH' 
_diffrn_radiation.pdbx_analyzer                    ? 
_diffrn_radiation.pdbx_scattering_type             x-ray 
# 
_diffrn_radiation_wavelength.id           1 
_diffrn_radiation_wavelength.wavelength   0.9795 
_diffrn_radiation_wavelength.wt           1.0 
# 
_diffrn_source.current                     ? 
_diffrn_source.details                     ? 
_diffrn_source.diffrn_id                   1 
_diffrn_source.power                       ? 
_diffrn_source.size                        ? 
_diffrn_source.source                      SYNCHROTRON 
_diffrn_source.target                      ? 
_diffrn_source.type                        'DIAMOND BEAMLINE I04' 
_diffrn_source.voltage                     ? 
_diffrn_source.take-off_angle              ? 
_diffrn_source.pdbx_wavelength_list        0.9795 
_diffrn_source.pdbx_wavelength             ? 
_diffrn_source.pdbx_synchrotron_beamline   I04 
_diffrn_source.pdbx_synchrotron_site       Diamond 
# 
_reflns.B_iso_Wilson_estimate            ? 
_reflns.entry_id                         7NGK 
_reflns.data_reduction_details           ? 
_reflns.data_reduction_method            ? 
_reflns.d_resolution_high                1.53 
_reflns.d_resolution_low                 54.09 
_reflns.details                          ? 
_reflns.limit_h_max                      ? 
_reflns.limit_h_min                      ? 
_reflns.limit_k_max                      ? 
_reflns.limit_k_min                      ? 
_reflns.limit_l_max                      ? 
_reflns.limit_l_min                      ? 
_reflns.number_all                       ? 
_reflns.number_obs                       20672 
_reflns.observed_criterion               ? 
_reflns.observed_criterion_F_max         ? 
_reflns.observed_criterion_F_min         ? 
_reflns.observed_criterion_I_max         ? 
_reflns.observed_criterion_I_min         ? 
_reflns.observed_criterion_sigma_F       ? 
_reflns.observed_criterion_sigma_I       ? 
_reflns.percent_possible_obs             100 
_reflns.R_free_details                   ? 
_reflns.Rmerge_F_all                     ? 
_reflns.Rmerge_F_obs                     ? 
_reflns.Friedel_coverage                 ? 
_reflns.number_gt                        ? 
_reflns.threshold_expression             ? 
_reflns.pdbx_redundancy                  12.5 
_reflns.pdbx_Rmerge_I_obs                ? 
_reflns.pdbx_Rmerge_I_all                ? 
_reflns.pdbx_Rsym_value                  ? 
_reflns.pdbx_netI_over_av_sigmaI         ? 
_reflns.pdbx_netI_over_sigmaI            16.4 
_reflns.pdbx_res_netI_over_av_sigmaI_2   ? 
_reflns.pdbx_res_netI_over_sigmaI_2      ? 
_reflns.pdbx_chi_squared                 ? 
_reflns.pdbx_scaling_rejects             ? 
_reflns.pdbx_d_res_high_opt              ? 
_reflns.pdbx_d_res_low_opt               ? 
_reflns.pdbx_d_res_opt_method            ? 
_reflns.phase_calculation_details        ? 
_reflns.pdbx_Rrim_I_all                  ? 
_reflns.pdbx_Rpim_I_all                  ? 
_reflns.pdbx_d_opt                       ? 
_reflns.pdbx_number_measured_all         ? 
_reflns.pdbx_diffrn_id                   1 
_reflns.pdbx_ordinal                     1 
_reflns.pdbx_CC_half                     0.999 
_reflns.pdbx_CC_star                     ? 
_reflns.pdbx_R_split                     ? 
# 
_reflns_shell.d_res_high                  1.89 
_reflns_shell.d_res_low                   1.94 
_reflns_shell.meanI_over_sigI_all         ? 
_reflns_shell.meanI_over_sigI_obs         2.0 
_reflns_shell.number_measured_all         ? 
_reflns_shell.number_measured_obs         ? 
_reflns_shell.number_possible             ? 
_reflns_shell.number_unique_all           ? 
_reflns_shell.number_unique_obs           1274 
_reflns_shell.percent_possible_all        ? 
_reflns_shell.percent_possible_obs        ? 
_reflns_shell.Rmerge_F_all                ? 
_reflns_shell.Rmerge_F_obs                ? 
_reflns_shell.Rmerge_I_all                ? 
_reflns_shell.Rmerge_I_obs                ? 
_reflns_shell.meanI_over_sigI_gt          ? 
_reflns_shell.meanI_over_uI_all           ? 
_reflns_shell.meanI_over_uI_gt            ? 
_reflns_shell.number_measured_gt          ? 
_reflns_shell.number_unique_gt            ? 
_reflns_shell.percent_possible_gt         ? 
_reflns_shell.Rmerge_F_gt                 ? 
_reflns_shell.Rmerge_I_gt                 ? 
_reflns_shell.pdbx_redundancy             ? 
_reflns_shell.pdbx_Rsym_value             ? 
_reflns_shell.pdbx_chi_squared            ? 
_reflns_shell.pdbx_netI_over_sigmaI_all   ? 
_reflns_shell.pdbx_netI_over_sigmaI_obs   ? 
_reflns_shell.pdbx_Rrim_I_all             ? 
_reflns_shell.pdbx_Rpim_I_all             ? 
_reflns_shell.pdbx_rejects                ? 
_reflns_shell.pdbx_ordinal                1 
_reflns_shell.pdbx_diffrn_id              1 
_reflns_shell.pdbx_CC_half                0.735 
_reflns_shell.pdbx_CC_star                ? 
_reflns_shell.pdbx_R_split                ? 
# 
_refine.aniso_B[1][1]                            1.5500 
_refine.aniso_B[1][2]                            -0.0000 
_refine.aniso_B[1][3]                            -0.0000 
_refine.aniso_B[2][2]                            1.5500 
_refine.aniso_B[2][3]                            -0.0000 
_refine.aniso_B[3][3]                            -3.1100 
_refine.B_iso_max                                92.560 
_refine.B_iso_mean                               30.9490 
_refine.B_iso_min                                15.610 
_refine.correlation_coeff_Fo_to_Fc               0.9520 
_refine.correlation_coeff_Fo_to_Fc_free          0.9460 
_refine.details                                  
'HYDROGENS HAVE BEEN ADDED IN THE RIDING POSITIONS U VALUES      : REFINED INDIVIDUALLY' 
_refine.diff_density_max                         ? 
_refine.diff_density_max_esd                     ? 
_refine.diff_density_min                         ? 
_refine.diff_density_min_esd                     ? 
_refine.diff_density_rms                         ? 
_refine.diff_density_rms_esd                     ? 
_refine.entry_id                                 7NGK 
_refine.pdbx_refine_id                           'X-RAY DIFFRACTION' 
_refine.ls_abs_structure_details                 ? 
_refine.ls_abs_structure_Flack                   ? 
_refine.ls_abs_structure_Flack_esd               ? 
_refine.ls_abs_structure_Rogers                  ? 
_refine.ls_abs_structure_Rogers_esd              ? 
_refine.ls_d_res_high                            1.8900 
_refine.ls_d_res_low                             42.8700 
_refine.ls_extinction_coef                       ? 
_refine.ls_extinction_coef_esd                   ? 
_refine.ls_extinction_expression                 ? 
_refine.ls_extinction_method                     ? 
_refine.ls_goodness_of_fit_all                   ? 
_refine.ls_goodness_of_fit_all_esd               ? 
_refine.ls_goodness_of_fit_obs                   ? 
_refine.ls_goodness_of_fit_obs_esd               ? 
_refine.ls_hydrogen_treatment                    ? 
_refine.ls_matrix_type                           ? 
_refine.ls_number_constraints                    ? 
_refine.ls_number_parameters                     ? 
_refine.ls_number_reflns_all                     ? 
_refine.ls_number_reflns_obs                     19571 
_refine.ls_number_reflns_R_free                  1056 
_refine.ls_number_reflns_R_work                  ? 
_refine.ls_number_restraints                     ? 
_refine.ls_percent_reflns_obs                    99.8600 
_refine.ls_percent_reflns_R_free                 5.1000 
_refine.ls_R_factor_all                          ? 
_refine.ls_R_factor_obs                          0.2001 
_refine.ls_R_factor_R_free                       0.2224 
_refine.ls_R_factor_R_free_error                 ? 
_refine.ls_R_factor_R_free_error_details         ? 
_refine.ls_R_factor_R_work                       0.1988 
_refine.ls_R_Fsqd_factor_obs                     ? 
_refine.ls_R_I_factor_obs                        ? 
_refine.ls_redundancy_reflns_all                 ? 
_refine.ls_redundancy_reflns_obs                 ? 
_refine.ls_restrained_S_all                      ? 
_refine.ls_restrained_S_obs                      ? 
_refine.ls_shift_over_esd_max                    ? 
_refine.ls_shift_over_esd_mean                   ? 
_refine.ls_structure_factor_coef                 ? 
_refine.ls_weighting_details                     ? 
_refine.ls_weighting_scheme                      ? 
_refine.ls_wR_factor_all                         ? 
_refine.ls_wR_factor_obs                         ? 
_refine.ls_wR_factor_R_free                      ? 
_refine.ls_wR_factor_R_work                      ? 
_refine.occupancy_max                            ? 
_refine.occupancy_min                            ? 
_refine.solvent_model_details                    MASK 
_refine.solvent_model_param_bsol                 ? 
_refine.solvent_model_param_ksol                 ? 
_refine.pdbx_R_complete                          ? 
_refine.ls_R_factor_gt                           ? 
_refine.ls_goodness_of_fit_gt                    ? 
_refine.ls_goodness_of_fit_ref                   ? 
_refine.ls_shift_over_su_max                     ? 
_refine.ls_shift_over_su_max_lt                  ? 
_refine.ls_shift_over_su_mean                    ? 
_refine.ls_shift_over_su_mean_lt                 ? 
_refine.pdbx_ls_sigma_I                          ? 
_refine.pdbx_ls_sigma_F                          0.000 
_refine.pdbx_ls_sigma_Fsqd                       ? 
_refine.pdbx_data_cutoff_high_absF               ? 
_refine.pdbx_data_cutoff_high_rms_absF           ? 
_refine.pdbx_data_cutoff_low_absF                ? 
_refine.pdbx_isotropic_thermal_model             ? 
_refine.pdbx_ls_cross_valid_method               THROUGHOUT 
_refine.pdbx_method_to_determine_struct          'MOLECULAR REPLACEMENT' 
_refine.pdbx_starting_model                      5NIO 
_refine.pdbx_stereochemistry_target_values       'MAXIMUM LIKELIHOOD' 
_refine.pdbx_R_Free_selection_details            RANDOM 
_refine.pdbx_stereochem_target_val_spec_case     ? 
_refine.pdbx_overall_ESU_R                       0.1350 
_refine.pdbx_overall_ESU_R_Free                  0.1240 
_refine.pdbx_solvent_vdw_probe_radii             1.2000 
_refine.pdbx_solvent_ion_probe_radii             0.8000 
_refine.pdbx_solvent_shrinkage_radii             0.8000 
_refine.pdbx_real_space_R                        ? 
_refine.pdbx_density_correlation                 ? 
_refine.pdbx_pd_number_of_powder_patterns        ? 
_refine.pdbx_pd_number_of_points                 ? 
_refine.pdbx_pd_meas_number_of_points            ? 
_refine.pdbx_pd_proc_ls_prof_R_factor            ? 
_refine.pdbx_pd_proc_ls_prof_wR_factor           ? 
_refine.pdbx_pd_Marquardt_correlation_coeff      ? 
_refine.pdbx_pd_Fsqrd_R_factor                   ? 
_refine.pdbx_pd_ls_matrix_band_width             ? 
_refine.pdbx_overall_phase_error                 ? 
_refine.pdbx_overall_SU_R_free_Cruickshank_DPI   ? 
_refine.pdbx_overall_SU_R_free_Blow_DPI          ? 
_refine.pdbx_overall_SU_R_Blow_DPI               ? 
_refine.pdbx_TLS_residual_ADP_flag               ? 
_refine.pdbx_diffrn_id                           1 
_refine.overall_SU_B                             ? 
_refine.overall_SU_ML                            ? 
_refine.overall_SU_R_Cruickshank_DPI             ? 
_refine.overall_SU_R_free                        ? 
_refine.overall_FOM_free_R_set                   ? 
_refine.overall_FOM_work_R_set                   ? 
_refine.pdbx_average_fsc_overall                 ? 
_refine.pdbx_average_fsc_work                    ? 
_refine.pdbx_average_fsc_free                    ? 
# 
_refine_hist.pdbx_refine_id                   'X-RAY DIFFRACTION' 
_refine_hist.cycle_id                         final 
_refine_hist.details                          ? 
_refine_hist.d_res_high                       1.8900 
_refine_hist.d_res_low                        42.8700 
_refine_hist.number_atoms_solvent             107 
_refine_hist.number_atoms_total               1622 
_refine_hist.number_reflns_all                ? 
_refine_hist.number_reflns_obs                ? 
_refine_hist.number_reflns_R_free             ? 
_refine_hist.number_reflns_R_work             ? 
_refine_hist.R_factor_all                     ? 
_refine_hist.R_factor_obs                     ? 
_refine_hist.R_factor_R_free                  ? 
_refine_hist.R_factor_R_work                  ? 
_refine_hist.pdbx_number_residues_total       193 
_refine_hist.pdbx_B_iso_mean_ligand           36.83 
_refine_hist.pdbx_B_iso_mean_solvent          40.35 
_refine_hist.pdbx_number_atoms_protein        1499 
_refine_hist.pdbx_number_atoms_nucleic_acid   0 
_refine_hist.pdbx_number_atoms_ligand         16 
_refine_hist.pdbx_number_atoms_lipid          ? 
_refine_hist.pdbx_number_atoms_carb           ? 
_refine_hist.pdbx_pseudo_atom_details         ? 
# 
loop_
_refine_ls_restr.pdbx_refine_id 
_refine_ls_restr.criterion 
_refine_ls_restr.dev_ideal 
_refine_ls_restr.dev_ideal_target 
_refine_ls_restr.number 
_refine_ls_restr.rejects 
_refine_ls_restr.type 
_refine_ls_restr.weight 
_refine_ls_restr.pdbx_restraint_function 
'X-RAY DIFFRACTION' ? 0.016  0.013  1557 ? r_bond_refined_d       ? ? 
'X-RAY DIFFRACTION' ? 0.035  0.017  1444 ? r_bond_other_d         ? ? 
'X-RAY DIFFRACTION' ? 1.757  1.642  2125 ? r_angle_refined_deg    ? ? 
'X-RAY DIFFRACTION' ? 2.328  1.568  3331 ? r_angle_other_deg      ? ? 
'X-RAY DIFFRACTION' ? 5.729  5.000  196  ? r_dihedral_angle_1_deg ? ? 
'X-RAY DIFFRACTION' ? 36.791 21.364 88   ? r_dihedral_angle_2_deg ? ? 
'X-RAY DIFFRACTION' ? 13.780 15.000 242  ? r_dihedral_angle_3_deg ? ? 
'X-RAY DIFFRACTION' ? 17.283 15.000 13   ? r_dihedral_angle_4_deg ? ? 
'X-RAY DIFFRACTION' ? 0.102  0.200  210  ? r_chiral_restr         ? ? 
'X-RAY DIFFRACTION' ? 0.018  0.020  1768 ? r_gen_planes_refined   ? ? 
'X-RAY DIFFRACTION' ? 0.039  0.020  343  ? r_gen_planes_other     ? ? 
'X-RAY DIFFRACTION' ? 2.834  3.135  775  ? r_mcbond_it            ? ? 
'X-RAY DIFFRACTION' ? 2.828  3.133  774  ? r_mcbond_other         ? ? 
'X-RAY DIFFRACTION' ? 3.921  4.689  968  ? r_mcangle_it           ? ? 
# 
_refine_ls_shell.pdbx_refine_id                   'X-RAY DIFFRACTION' 
_refine_ls_shell.d_res_high                       1.8930 
_refine_ls_shell.d_res_low                        1.9420 
_refine_ls_shell.number_reflns_all                1468 
_refine_ls_shell.number_reflns_obs                ? 
_refine_ls_shell.number_reflns_R_free             80 
_refine_ls_shell.number_reflns_R_work             1388 
_refine_ls_shell.percent_reflns_obs               98.7900 
_refine_ls_shell.percent_reflns_R_free            ? 
_refine_ls_shell.R_factor_all                     ? 
_refine_ls_shell.R_factor_obs                     ? 
_refine_ls_shell.R_factor_R_free                  0.3480 
_refine_ls_shell.R_factor_R_free_error            ? 
_refine_ls_shell.R_factor_R_work                  0.2880 
_refine_ls_shell.redundancy_reflns_all            ? 
_refine_ls_shell.redundancy_reflns_obs            ? 
_refine_ls_shell.wR_factor_all                    ? 
_refine_ls_shell.wR_factor_obs                    ? 
_refine_ls_shell.wR_factor_R_free                 ? 
_refine_ls_shell.wR_factor_R_work                 ? 
_refine_ls_shell.pdbx_R_complete                  ? 
_refine_ls_shell.pdbx_total_number_of_bins_used   20 
_refine_ls_shell.pdbx_phase_error                 ? 
_refine_ls_shell.pdbx_fsc_work                    ? 
_refine_ls_shell.pdbx_fsc_free                    ? 
# 
_struct.entry_id                     7NGK 
_struct.title                        'Mycobacterium tuberculosis transcriptional regulator EthR with bound inhibitory compound' 
_struct.pdbx_model_details           ? 
_struct.pdbx_formula_weight          ? 
_struct.pdbx_formula_weight_method   ? 
_struct.pdbx_model_type_details      ? 
_struct.pdbx_CASP_flag               N 
# 
_struct_keywords.entry_id        7NGK 
_struct_keywords.text            'ETHR, Tuberculosis, Inhibition, TRANSCRIPTION' 
_struct_keywords.pdbx_keywords   TRANSCRIPTION 
# 
loop_
_struct_asym.id 
_struct_asym.pdbx_blank_PDB_chainid_flag 
_struct_asym.pdbx_modified 
_struct_asym.entity_id 
_struct_asym.details 
A N N 1 ? 
B N N 2 ? 
C N N 3 ? 
D N N 4 ? 
# 
_struct_ref.id                         1 
_struct_ref.db_name                    UNP 
_struct_ref.db_code                    ETHR_MYCTU 
_struct_ref.pdbx_db_accession          P9WMC1 
_struct_ref.pdbx_db_isoform            ? 
_struct_ref.entity_id                  1 
_struct_ref.pdbx_seq_one_letter_code   
;MTTSAASQASLPRGRRTARPSGDDRELAILATAENLLEDRPLADISVDDLAKGAGISRPTFYFYFPSKEAVLLTLLDRVV
NQADMALQTLAENPADTDRENMWRTGINVFFETFGSHKAVTRAGQAARATSVEVAELWSTFMQKWIAYTAAVIDAERDRG
AAPRTLPAHELATALNLMNERTLFASFAGEQPSVPEARVLDTLVHIWVTSIYGENR
;
_struct_ref.pdbx_align_begin           1 
# 
_struct_ref_seq.align_id                      1 
_struct_ref_seq.ref_id                        1 
_struct_ref_seq.pdbx_PDB_id_code              7NGK 
_struct_ref_seq.pdbx_strand_id                A 
_struct_ref_seq.seq_align_beg                 1 
_struct_ref_seq.pdbx_seq_align_beg_ins_code   ? 
_struct_ref_seq.seq_align_end                 216 
_struct_ref_seq.pdbx_seq_align_end_ins_code   ? 
_struct_ref_seq.pdbx_db_accession             P9WMC1 
_struct_ref_seq.db_align_beg                  1 
_struct_ref_seq.pdbx_db_align_beg_ins_code    ? 
_struct_ref_seq.db_align_end                  216 
_struct_ref_seq.pdbx_db_align_end_ins_code    ? 
_struct_ref_seq.pdbx_auth_seq_align_beg       1 
_struct_ref_seq.pdbx_auth_seq_align_end       216 
# 
_pdbx_struct_assembly.id                   1 
_pdbx_struct_assembly.details              author_and_software_defined_assembly 
_pdbx_struct_assembly.method_details       PISA 
_pdbx_struct_assembly.oligomeric_details   dimeric 
_pdbx_struct_assembly.oligomeric_count     2 
# 
loop_
_pdbx_struct_assembly_prop.biol_id 
_pdbx_struct_assembly_prop.type 
_pdbx_struct_assembly_prop.value 
_pdbx_struct_assembly_prop.details 
1 'ABSA (A^2)' 3130  ? 
1 MORE         -45   ? 
1 'SSA (A^2)'  17200 ? 
# 
_pdbx_struct_assembly_gen.assembly_id       1 
_pdbx_struct_assembly_gen.oper_expression   1,2 
_pdbx_struct_assembly_gen.asym_id_list      A,B,C,D 
# 
_pdbx_struct_assembly_auth_evidence.id                     1 
_pdbx_struct_assembly_auth_evidence.assembly_id            1 
_pdbx_struct_assembly_auth_evidence.experimental_support   none 
_pdbx_struct_assembly_auth_evidence.details                ? 
# 
loop_
_pdbx_struct_oper_list.id 
_pdbx_struct_oper_list.type 
_pdbx_struct_oper_list.name 
_pdbx_struct_oper_list.symmetry_operation 
_pdbx_struct_oper_list.matrix[1][1] 
_pdbx_struct_oper_list.matrix[1][2] 
_pdbx_struct_oper_list.matrix[1][3] 
_pdbx_struct_oper_list.vector[1] 
_pdbx_struct_oper_list.matrix[2][1] 
_pdbx_struct_oper_list.matrix[2][2] 
_pdbx_struct_oper_list.matrix[2][3] 
_pdbx_struct_oper_list.vector[2] 
_pdbx_struct_oper_list.matrix[3][1] 
_pdbx_struct_oper_list.matrix[3][2] 
_pdbx_struct_oper_list.matrix[3][3] 
_pdbx_struct_oper_list.vector[3] 
1 'identity operation'         1_555 x,y,z  1.0000000000 0.0000000000  0.0000000000 0.0000000000  0.0000000000  1.0000000000  0.0000000000  0.0000000000   0.0000000000 0.0000000000  1.0000000000  0.0000000000 
2 'crystal symmetry operation' 7_555 y,x,-z 0.8780470232 -0.2664931009 0.3975108202 -3.7193541391 -0.2664931009 -0.9621848804 -0.0564064104 -24.9151419716 0.3975108202 -0.0564064104 -0.9158621428 0.8689286127 
# 
loop_
_struct_conf.conf_type_id 
_struct_conf.id 
_struct_conf.pdbx_PDB_helix_id 
_struct_conf.beg_label_comp_id 
_struct_conf.beg_label_asym_id 
_struct_conf.beg_label_seq_id 
_struct_conf.pdbx_beg_PDB_ins_code 
_struct_conf.end_label_comp_id 
_struct_conf.end_label_asym_id 
_struct_conf.end_label_seq_id 
_struct_conf.pdbx_end_PDB_ins_code 
_struct_conf.beg_auth_comp_id 
_struct_conf.beg_auth_asym_id 
_struct_conf.beg_auth_seq_id 
_struct_conf.end_auth_comp_id 
_struct_conf.end_auth_asym_id 
_struct_conf.end_auth_seq_id 
_struct_conf.pdbx_PDB_helix_class 
_struct_conf.details 
_struct_conf.pdbx_PDB_helix_length 
HELX_P HELX_P1  AA1 GLY A 22  ? GLU A 38  ? GLY A 22  GLU A 38  1 ? 17 
HELX_P HELX_P2  AA2 PRO A 41  ? ILE A 45  ? PRO A 41  ILE A 45  5 ? 5  
HELX_P HELX_P3  AA3 SER A 46  ? GLY A 55  ? SER A 46  GLY A 55  1 ? 10 
HELX_P HELX_P4  AA4 SER A 57  ? PHE A 65  ? SER A 57  PHE A 65  1 ? 9  
HELX_P HELX_P5  AA5 SER A 67  ? ASN A 93  ? SER A 67  ASN A 93  1 ? 27 
HELX_P HELX_P6  AA6 ASP A 98  ? SER A 116 ? ASP A 98  SER A 116 1 ? 19 
HELX_P HELX_P7  AA7 HIS A 117 ? ARG A 128 ? HIS A 117 ARG A 128 1 ? 12 
HELX_P HELX_P8  AA8 SER A 131 ? ARG A 159 ? SER A 131 ARG A 159 1 ? 29 
HELX_P HELX_P9  AA9 PRO A 167 ? ALA A 188 ? PRO A 167 ALA A 188 1 ? 22 
HELX_P HELX_P10 AB1 PRO A 195 ? GLY A 213 ? PRO A 195 GLY A 213 1 ? 19 
# 
_struct_conf_type.id          HELX_P 
_struct_conf_type.criteria    ? 
_struct_conf_type.reference   ? 
# 
_struct_mon_prot_cis.pdbx_id                1 
_struct_mon_prot_cis.label_comp_id          GLN 
_struct_mon_prot_cis.label_seq_id           191 
_struct_mon_prot_cis.label_asym_id          A 
_struct_mon_prot_cis.label_alt_id           . 
_struct_mon_prot_cis.pdbx_PDB_ins_code      ? 
_struct_mon_prot_cis.auth_comp_id           GLN 
_struct_mon_prot_cis.auth_seq_id            191 
_struct_mon_prot_cis.auth_asym_id           A 
_struct_mon_prot_cis.pdbx_label_comp_id_2   PRO 
_struct_mon_prot_cis.pdbx_label_seq_id_2    192 
_struct_mon_prot_cis.pdbx_label_asym_id_2   A 
_struct_mon_prot_cis.pdbx_PDB_ins_code_2    ? 
_struct_mon_prot_cis.pdbx_auth_comp_id_2    PRO 
_struct_mon_prot_cis.pdbx_auth_seq_id_2     192 
_struct_mon_prot_cis.pdbx_auth_asym_id_2    A 
_struct_mon_prot_cis.pdbx_PDB_model_num     1 
_struct_mon_prot_cis.pdbx_omega_angle       2.05 
# 
_struct_site.id                   AC1 
_struct_site.pdbx_evidence_code   Software 
_struct_site.pdbx_auth_asym_id    A 
_struct_site.pdbx_auth_comp_id    UAE 
_struct_site.pdbx_auth_seq_id     302 
_struct_site.pdbx_auth_ins_code   ? 
_struct_site.pdbx_num_residues    9 
_struct_site.details              'binding site for residue UAE A 302' 
# 
loop_
_struct_site_gen.id 
_struct_site_gen.site_id 
_struct_site_gen.pdbx_num_res 
_struct_site_gen.label_comp_id 
_struct_site_gen.label_asym_id 
_struct_site_gen.label_seq_id 
_struct_site_gen.pdbx_auth_ins_code 
_struct_site_gen.auth_comp_id 
_struct_site_gen.auth_asym_id 
_struct_site_gen.auth_seq_id 
_struct_site_gen.label_atom_id 
_struct_site_gen.label_alt_id 
_struct_site_gen.symmetry 
_struct_site_gen.details 
1 AC1 9 GLY A 106 ? GLY A 106 . ? 1_555 ? 
2 AC1 9 ILE A 107 ? ILE A 107 . ? 1_555 ? 
3 AC1 9 PHE A 110 ? PHE A 110 . ? 1_555 ? 
4 AC1 9 MET A 142 ? MET A 142 . ? 1_555 ? 
5 AC1 9 TRP A 145 ? TRP A 145 . ? 1_555 ? 
6 AC1 9 THR A 149 ? THR A 149 . ? 1_555 ? 
7 AC1 9 ASN A 176 ? ASN A 176 . ? 1_555 ? 
8 AC1 9 ASN A 179 ? ASN A 179 . ? 1_555 ? 
9 AC1 9 TRP A 207 ? TRP A 207 . ? 1_555 ? 
# 
loop_
_pdbx_validate_torsion.id 
_pdbx_validate_torsion.PDB_model_num 
_pdbx_validate_torsion.auth_comp_id 
_pdbx_validate_torsion.auth_asym_id 
_pdbx_validate_torsion.auth_seq_id 
_pdbx_validate_torsion.PDB_ins_code 
_pdbx_validate_torsion.label_alt_id 
_pdbx_validate_torsion.phi 
_pdbx_validate_torsion.psi 
1 1 HIS A 117 ? ? -140.72 58.66   
2 1 THR A 165 ? ? -104.41 -109.04 
# 
loop_
_pdbx_validate_planes.id 
_pdbx_validate_planes.PDB_model_num 
_pdbx_validate_planes.auth_comp_id 
_pdbx_validate_planes.auth_asym_id 
_pdbx_validate_planes.auth_seq_id 
_pdbx_validate_planes.PDB_ins_code 
_pdbx_validate_planes.label_alt_id 
_pdbx_validate_planes.rmsd 
_pdbx_validate_planes.type 
1 1 ARG A 25  ? ? 0.098 'SIDE CHAIN' 
2 1 ARG A 128 ? ? 0.106 'SIDE CHAIN' 
3 1 ARG A 181 ? ? 0.075 'SIDE CHAIN' 
# 
loop_
_pdbx_struct_special_symmetry.id 
_pdbx_struct_special_symmetry.PDB_model_num 
_pdbx_struct_special_symmetry.auth_asym_id 
_pdbx_struct_special_symmetry.auth_comp_id 
_pdbx_struct_special_symmetry.auth_seq_id 
_pdbx_struct_special_symmetry.PDB_ins_code 
_pdbx_struct_special_symmetry.label_asym_id 
_pdbx_struct_special_symmetry.label_comp_id 
_pdbx_struct_special_symmetry.label_seq_id 
1 1 A HOH 416 ? D HOH . 
2 1 A HOH 497 ? D HOH . 
# 
_pdbx_entry_details.entry_id                 7NGK 
_pdbx_entry_details.has_ligand_of_interest   Y 
_pdbx_entry_details.compound_details         ? 
_pdbx_entry_details.source_details           ? 
_pdbx_entry_details.nonpolymer_details       ? 
_pdbx_entry_details.sequence_details         ? 
# 
loop_
_pdbx_unobs_or_zero_occ_residues.id 
_pdbx_unobs_or_zero_occ_residues.PDB_model_num 
_pdbx_unobs_or_zero_occ_residues.polymer_flag 
_pdbx_unobs_or_zero_occ_residues.occupancy_flag 
_pdbx_unobs_or_zero_occ_residues.auth_asym_id 
_pdbx_unobs_or_zero_occ_residues.auth_comp_id 
_pdbx_unobs_or_zero_occ_residues.auth_seq_id 
_pdbx_unobs_or_zero_occ_residues.PDB_ins_code 
_pdbx_unobs_or_zero_occ_residues.label_asym_id 
_pdbx_unobs_or_zero_occ_residues.label_comp_id 
_pdbx_unobs_or_zero_occ_residues.label_seq_id 
1  1 Y 1 A MET 1   ? A MET 1   
2  1 Y 1 A THR 2   ? A THR 2   
3  1 Y 1 A THR 3   ? A THR 3   
4  1 Y 1 A SER 4   ? A SER 4   
5  1 Y 1 A ALA 5   ? A ALA 5   
6  1 Y 1 A ALA 6   ? A ALA 6   
7  1 Y 1 A SER 7   ? A SER 7   
8  1 Y 1 A GLN 8   ? A GLN 8   
9  1 Y 1 A ALA 9   ? A ALA 9   
10 1 Y 1 A SER 10  ? A SER 10  
11 1 Y 1 A LEU 11  ? A LEU 11  
12 1 Y 1 A PRO 12  ? A PRO 12  
13 1 Y 1 A ARG 13  ? A ARG 13  
14 1 Y 1 A GLY 14  ? A GLY 14  
15 1 Y 1 A ARG 15  ? A ARG 15  
16 1 Y 1 A ARG 16  ? A ARG 16  
17 1 Y 1 A THR 17  ? A THR 17  
18 1 Y 1 A ALA 18  ? A ALA 18  
19 1 Y 1 A ARG 19  ? A ARG 19  
20 1 Y 1 A PRO 20  ? A PRO 20  
21 1 Y 1 A SER 21  ? A SER 21  
22 1 Y 1 A ASN 215 ? A ASN 215 
23 1 Y 1 A ARG 216 ? A ARG 216 
# 
loop_
_chem_comp_atom.comp_id 
_chem_comp_atom.atom_id 
_chem_comp_atom.type_symbol 
_chem_comp_atom.pdbx_aromatic_flag 
_chem_comp_atom.pdbx_stereo_config 
_chem_comp_atom.pdbx_ordinal 
ALA N    N N N 1   
ALA CA   C N S 2   
ALA C    C N N 3   
ALA O    O N N 4   
ALA CB   C N N 5   
ALA OXT  O N N 6   
ALA H    H N N 7   
ALA H2   H N N 8   
ALA HA   H N N 9   
ALA HB1  H N N 10  
ALA HB2  H N N 11  
ALA HB3  H N N 12  
ALA HXT  H N N 13  
ARG N    N N N 14  
ARG CA   C N S 15  
ARG C    C N N 16  
ARG O    O N N 17  
ARG CB   C N N 18  
ARG CG   C N N 19  
ARG CD   C N N 20  
ARG NE   N N N 21  
ARG CZ   C N N 22  
ARG NH1  N N N 23  
ARG NH2  N N N 24  
ARG OXT  O N N 25  
ARG H    H N N 26  
ARG H2   H N N 27  
ARG HA   H N N 28  
ARG HB2  H N N 29  
ARG HB3  H N N 30  
ARG HG2  H N N 31  
ARG HG3  H N N 32  
ARG HD2  H N N 33  
ARG HD3  H N N 34  
ARG HE   H N N 35  
ARG HH11 H N N 36  
ARG HH12 H N N 37  
ARG HH21 H N N 38  
ARG HH22 H N N 39  
ARG HXT  H N N 40  
ASN N    N N N 41  
ASN CA   C N S 42  
ASN C    C N N 43  
ASN O    O N N 44  
ASN CB   C N N 45  
ASN CG   C N N 46  
ASN OD1  O N N 47  
ASN ND2  N N N 48  
ASN OXT  O N N 49  
ASN H    H N N 50  
ASN H2   H N N 51  
ASN HA   H N N 52  
ASN HB2  H N N 53  
ASN HB3  H N N 54  
ASN HD21 H N N 55  
ASN HD22 H N N 56  
ASN HXT  H N N 57  
ASP N    N N N 58  
ASP CA   C N S 59  
ASP C    C N N 60  
ASP O    O N N 61  
ASP CB   C N N 62  
ASP CG   C N N 63  
ASP OD1  O N N 64  
ASP OD2  O N N 65  
ASP OXT  O N N 66  
ASP H    H N N 67  
ASP H2   H N N 68  
ASP HA   H N N 69  
ASP HB2  H N N 70  
ASP HB3  H N N 71  
ASP HD2  H N N 72  
ASP HXT  H N N 73  
GLN N    N N N 74  
GLN CA   C N S 75  
GLN C    C N N 76  
GLN O    O N N 77  
GLN CB   C N N 78  
GLN CG   C N N 79  
GLN CD   C N N 80  
GLN OE1  O N N 81  
GLN NE2  N N N 82  
GLN OXT  O N N 83  
GLN H    H N N 84  
GLN H2   H N N 85  
GLN HA   H N N 86  
GLN HB2  H N N 87  
GLN HB3  H N N 88  
GLN HG2  H N N 89  
GLN HG3  H N N 90  
GLN HE21 H N N 91  
GLN HE22 H N N 92  
GLN HXT  H N N 93  
GLU N    N N N 94  
GLU CA   C N S 95  
GLU C    C N N 96  
GLU O    O N N 97  
GLU CB   C N N 98  
GLU CG   C N N 99  
GLU CD   C N N 100 
GLU OE1  O N N 101 
GLU OE2  O N N 102 
GLU OXT  O N N 103 
GLU H    H N N 104 
GLU H2   H N N 105 
GLU HA   H N N 106 
GLU HB2  H N N 107 
GLU HB3  H N N 108 
GLU HG2  H N N 109 
GLU HG3  H N N 110 
GLU HE2  H N N 111 
GLU HXT  H N N 112 
GLY N    N N N 113 
GLY CA   C N N 114 
GLY C    C N N 115 
GLY O    O N N 116 
GLY OXT  O N N 117 
GLY H    H N N 118 
GLY H2   H N N 119 
GLY HA2  H N N 120 
GLY HA3  H N N 121 
GLY HXT  H N N 122 
HIS N    N N N 123 
HIS CA   C N S 124 
HIS C    C N N 125 
HIS O    O N N 126 
HIS CB   C N N 127 
HIS CG   C Y N 128 
HIS ND1  N Y N 129 
HIS CD2  C Y N 130 
HIS CE1  C Y N 131 
HIS NE2  N Y N 132 
HIS OXT  O N N 133 
HIS H    H N N 134 
HIS H2   H N N 135 
HIS HA   H N N 136 
HIS HB2  H N N 137 
HIS HB3  H N N 138 
HIS HD1  H N N 139 
HIS HD2  H N N 140 
HIS HE1  H N N 141 
HIS HE2  H N N 142 
HIS HXT  H N N 143 
HOH O    O N N 144 
HOH H1   H N N 145 
HOH H2   H N N 146 
ILE N    N N N 147 
ILE CA   C N S 148 
ILE C    C N N 149 
ILE O    O N N 150 
ILE CB   C N S 151 
ILE CG1  C N N 152 
ILE CG2  C N N 153 
ILE CD1  C N N 154 
ILE OXT  O N N 155 
ILE H    H N N 156 
ILE H2   H N N 157 
ILE HA   H N N 158 
ILE HB   H N N 159 
ILE HG12 H N N 160 
ILE HG13 H N N 161 
ILE HG21 H N N 162 
ILE HG22 H N N 163 
ILE HG23 H N N 164 
ILE HD11 H N N 165 
ILE HD12 H N N 166 
ILE HD13 H N N 167 
ILE HXT  H N N 168 
LEU N    N N N 169 
LEU CA   C N S 170 
LEU C    C N N 171 
LEU O    O N N 172 
LEU CB   C N N 173 
LEU CG   C N N 174 
LEU CD1  C N N 175 
LEU CD2  C N N 176 
LEU OXT  O N N 177 
LEU H    H N N 178 
LEU H2   H N N 179 
LEU HA   H N N 180 
LEU HB2  H N N 181 
LEU HB3  H N N 182 
LEU HG   H N N 183 
LEU HD11 H N N 184 
LEU HD12 H N N 185 
LEU HD13 H N N 186 
LEU HD21 H N N 187 
LEU HD22 H N N 188 
LEU HD23 H N N 189 
LEU HXT  H N N 190 
LYS N    N N N 191 
LYS CA   C N S 192 
LYS C    C N N 193 
LYS O    O N N 194 
LYS CB   C N N 195 
LYS CG   C N N 196 
LYS CD   C N N 197 
LYS CE   C N N 198 
LYS NZ   N N N 199 
LYS OXT  O N N 200 
LYS H    H N N 201 
LYS H2   H N N 202 
LYS HA   H N N 203 
LYS HB2  H N N 204 
LYS HB3  H N N 205 
LYS HG2  H N N 206 
LYS HG3  H N N 207 
LYS HD2  H N N 208 
LYS HD3  H N N 209 
LYS HE2  H N N 210 
LYS HE3  H N N 211 
LYS HZ1  H N N 212 
LYS HZ2  H N N 213 
LYS HZ3  H N N 214 
LYS HXT  H N N 215 
MET N    N N N 216 
MET CA   C N S 217 
MET C    C N N 218 
MET O    O N N 219 
MET CB   C N N 220 
MET CG   C N N 221 
MET SD   S N N 222 
MET CE   C N N 223 
MET OXT  O N N 224 
MET H    H N N 225 
MET H2   H N N 226 
MET HA   H N N 227 
MET HB2  H N N 228 
MET HB3  H N N 229 
MET HG2  H N N 230 
MET HG3  H N N 231 
MET HE1  H N N 232 
MET HE2  H N N 233 
MET HE3  H N N 234 
MET HXT  H N N 235 
PHE N    N N N 236 
PHE CA   C N S 237 
PHE C    C N N 238 
PHE O    O N N 239 
PHE CB   C N N 240 
PHE CG   C Y N 241 
PHE CD1  C Y N 242 
PHE CD2  C Y N 243 
PHE CE1  C Y N 244 
PHE CE2  C Y N 245 
PHE CZ   C Y N 246 
PHE OXT  O N N 247 
PHE H    H N N 248 
PHE H2   H N N 249 
PHE HA   H N N 250 
PHE HB2  H N N 251 
PHE HB3  H N N 252 
PHE HD1  H N N 253 
PHE HD2  H N N 254 
PHE HE1  H N N 255 
PHE HE2  H N N 256 
PHE HZ   H N N 257 
PHE HXT  H N N 258 
PRO N    N N N 259 
PRO CA   C N S 260 
PRO C    C N N 261 
PRO O    O N N 262 
PRO CB   C N N 263 
PRO CG   C N N 264 
PRO CD   C N N 265 
PRO OXT  O N N 266 
PRO H    H N N 267 
PRO HA   H N N 268 
PRO HB2  H N N 269 
PRO HB3  H N N 270 
PRO HG2  H N N 271 
PRO HG3  H N N 272 
PRO HD2  H N N 273 
PRO HD3  H N N 274 
PRO HXT  H N N 275 
SER N    N N N 276 
SER CA   C N S 277 
SER C    C N N 278 
SER O    O N N 279 
SER CB   C N N 280 
SER OG   O N N 281 
SER OXT  O N N 282 
SER H    H N N 283 
SER H2   H N N 284 
SER HA   H N N 285 
SER HB2  H N N 286 
SER HB3  H N N 287 
SER HG   H N N 288 
SER HXT  H N N 289 
SO4 S    S N N 290 
SO4 O1   O N N 291 
SO4 O2   O N N 292 
SO4 O3   O N N 293 
SO4 O4   O N N 294 
THR N    N N N 295 
THR CA   C N S 296 
THR C    C N N 297 
THR O    O N N 298 
THR CB   C N R 299 
THR OG1  O N N 300 
THR CG2  C N N 301 
THR OXT  O N N 302 
THR H    H N N 303 
THR H2   H N N 304 
THR HA   H N N 305 
THR HB   H N N 306 
THR HG1  H N N 307 
THR HG21 H N N 308 
THR HG22 H N N 309 
THR HG23 H N N 310 
THR HXT  H N N 311 
TRP N    N N N 312 
TRP CA   C N S 313 
TRP C    C N N 314 
TRP O    O N N 315 
TRP CB   C N N 316 
TRP CG   C Y N 317 
TRP CD1  C Y N 318 
TRP CD2  C Y N 319 
TRP NE1  N Y N 320 
TRP CE2  C Y N 321 
TRP CE3  C Y N 322 
TRP CZ2  C Y N 323 
TRP CZ3  C Y N 324 
TRP CH2  C Y N 325 
TRP OXT  O N N 326 
TRP H    H N N 327 
TRP H2   H N N 328 
TRP HA   H N N 329 
TRP HB2  H N N 330 
TRP HB3  H N N 331 
TRP HD1  H N N 332 
TRP HE1  H N N 333 
TRP HE3  H N N 334 
TRP HZ2  H N N 335 
TRP HZ3  H N N 336 
TRP HH2  H N N 337 
TRP HXT  H N N 338 
TYR N    N N N 339 
TYR CA   C N S 340 
TYR C    C N N 341 
TYR O    O N N 342 
TYR CB   C N N 343 
TYR CG   C Y N 344 
TYR CD1  C Y N 345 
TYR CD2  C Y N 346 
TYR CE1  C Y N 347 
TYR CE2  C Y N 348 
TYR CZ   C Y N 349 
TYR OH   O N N 350 
TYR OXT  O N N 351 
TYR H    H N N 352 
TYR H2   H N N 353 
TYR HA   H N N 354 
TYR HB2  H N N 355 
TYR HB3  H N N 356 
TYR HD1  H N N 357 
TYR HD2  H N N 358 
TYR HE1  H N N 359 
TYR HE2  H N N 360 
TYR HH   H N N 361 
TYR HXT  H N N 362 
UAE C4   C N N 363 
UAE C5   C N N 364 
UAE C6   C N N 365 
UAE C11  C N N 366 
UAE C7   C N N 367 
UAE C8   C N N 368 
UAE C9   C N N 369 
UAE C10  C N N 370 
UAE C12  C N N 371 
UAE C13  C N N 372 
UAE N1   N N N 373 
UAE N2   N N N 374 
UAE C3   C N N 375 
UAE C1   C N N 376 
UAE C2   C N N 377 
UAE O1   O N N 378 
UAE H1   H N N 379 
UAE H2   H N N 380 
UAE H3   H N N 381 
UAE H4   H N N 382 
UAE H5   H N N 383 
UAE H6   H N N 384 
UAE H7   H N N 385 
UAE H8   H N N 386 
UAE H9   H N N 387 
UAE H10  H N N 388 
UAE H11  H N N 389 
UAE H12  H N N 390 
UAE H13  H N N 391 
UAE H14  H N N 392 
UAE H15  H N N 393 
UAE H16  H N N 394 
UAE H17  H N N 395 
UAE H18  H N N 396 
UAE H19  H N N 397 
UAE H20  H N N 398 
UAE H21  H N N 399 
UAE H22  H N N 400 
UAE H23  H N N 401 
UAE H24  H N N 402 
VAL N    N N N 403 
VAL CA   C N S 404 
VAL C    C N N 405 
VAL O    O N N 406 
VAL CB   C N N 407 
VAL CG1  C N N 408 
VAL CG2  C N N 409 
VAL OXT  O N N 410 
VAL H    H N N 411 
VAL H2   H N N 412 
VAL HA   H N N 413 
VAL HB   H N N 414 
VAL HG11 H N N 415 
VAL HG12 H N N 416 
VAL HG13 H N N 417 
VAL HG21 H N N 418 
VAL HG22 H N N 419 
VAL HG23 H N N 420 
VAL HXT  H N N 421 
# 
loop_
_chem_comp_bond.comp_id 
_chem_comp_bond.atom_id_1 
_chem_comp_bond.atom_id_2 
_chem_comp_bond.value_order 
_chem_comp_bond.pdbx_aromatic_flag 
_chem_comp_bond.pdbx_stereo_config 
_chem_comp_bond.pdbx_ordinal 
ALA N   CA   sing N N 1   
ALA N   H    sing N N 2   
ALA N   H2   sing N N 3   
ALA CA  C    sing N N 4   
ALA CA  CB   sing N N 5   
ALA CA  HA   sing N N 6   
ALA C   O    doub N N 7   
ALA C   OXT  sing N N 8   
ALA CB  HB1  sing N N 9   
ALA CB  HB2  sing N N 10  
ALA CB  HB3  sing N N 11  
ALA OXT HXT  sing N N 12  
ARG N   CA   sing N N 13  
ARG N   H    sing N N 14  
ARG N   H2   sing N N 15  
ARG CA  C    sing N N 16  
ARG CA  CB   sing N N 17  
ARG CA  HA   sing N N 18  
ARG C   O    doub N N 19  
ARG C   OXT  sing N N 20  
ARG CB  CG   sing N N 21  
ARG CB  HB2  sing N N 22  
ARG CB  HB3  sing N N 23  
ARG CG  CD   sing N N 24  
ARG CG  HG2  sing N N 25  
ARG CG  HG3  sing N N 26  
ARG CD  NE   sing N N 27  
ARG CD  HD2  sing N N 28  
ARG CD  HD3  sing N N 29  
ARG NE  CZ   sing N N 30  
ARG NE  HE   sing N N 31  
ARG CZ  NH1  sing N N 32  
ARG CZ  NH2  doub N N 33  
ARG NH1 HH11 sing N N 34  
ARG NH1 HH12 sing N N 35  
ARG NH2 HH21 sing N N 36  
ARG NH2 HH22 sing N N 37  
ARG OXT HXT  sing N N 38  
ASN N   CA   sing N N 39  
ASN N   H    sing N N 40  
ASN N   H2   sing N N 41  
ASN CA  C    sing N N 42  
ASN CA  CB   sing N N 43  
ASN CA  HA   sing N N 44  
ASN C   O    doub N N 45  
ASN C   OXT  sing N N 46  
ASN CB  CG   sing N N 47  
ASN CB  HB2  sing N N 48  
ASN CB  HB3  sing N N 49  
ASN CG  OD1  doub N N 50  
ASN CG  ND2  sing N N 51  
ASN ND2 HD21 sing N N 52  
ASN ND2 HD22 sing N N 53  
ASN OXT HXT  sing N N 54  
ASP N   CA   sing N N 55  
ASP N   H    sing N N 56  
ASP N   H2   sing N N 57  
ASP CA  C    sing N N 58  
ASP CA  CB   sing N N 59  
ASP CA  HA   sing N N 60  
ASP C   O    doub N N 61  
ASP C   OXT  sing N N 62  
ASP CB  CG   sing N N 63  
ASP CB  HB2  sing N N 64  
ASP CB  HB3  sing N N 65  
ASP CG  OD1  doub N N 66  
ASP CG  OD2  sing N N 67  
ASP OD2 HD2  sing N N 68  
ASP OXT HXT  sing N N 69  
GLN N   CA   sing N N 70  
GLN N   H    sing N N 71  
GLN N   H2   sing N N 72  
GLN CA  C    sing N N 73  
GLN CA  CB   sing N N 74  
GLN CA  HA   sing N N 75  
GLN C   O    doub N N 76  
GLN C   OXT  sing N N 77  
GLN CB  CG   sing N N 78  
GLN CB  HB2  sing N N 79  
GLN CB  HB3  sing N N 80  
GLN CG  CD   sing N N 81  
GLN CG  HG2  sing N N 82  
GLN CG  HG3  sing N N 83  
GLN CD  OE1  doub N N 84  
GLN CD  NE2  sing N N 85  
GLN NE2 HE21 sing N N 86  
GLN NE2 HE22 sing N N 87  
GLN OXT HXT  sing N N 88  
GLU N   CA   sing N N 89  
GLU N   H    sing N N 90  
GLU N   H2   sing N N 91  
GLU CA  C    sing N N 92  
GLU CA  CB   sing N N 93  
GLU CA  HA   sing N N 94  
GLU C   O    doub N N 95  
GLU C   OXT  sing N N 96  
GLU CB  CG   sing N N 97  
GLU CB  HB2  sing N N 98  
GLU CB  HB3  sing N N 99  
GLU CG  CD   sing N N 100 
GLU CG  HG2  sing N N 101 
GLU CG  HG3  sing N N 102 
GLU CD  OE1  doub N N 103 
GLU CD  OE2  sing N N 104 
GLU OE2 HE2  sing N N 105 
GLU OXT HXT  sing N N 106 
GLY N   CA   sing N N 107 
GLY N   H    sing N N 108 
GLY N   H2   sing N N 109 
GLY CA  C    sing N N 110 
GLY CA  HA2  sing N N 111 
GLY CA  HA3  sing N N 112 
GLY C   O    doub N N 113 
GLY C   OXT  sing N N 114 
GLY OXT HXT  sing N N 115 
HIS N   CA   sing N N 116 
HIS N   H    sing N N 117 
HIS N   H2   sing N N 118 
HIS CA  C    sing N N 119 
HIS CA  CB   sing N N 120 
HIS CA  HA   sing N N 121 
HIS C   O    doub N N 122 
HIS C   OXT  sing N N 123 
HIS CB  CG   sing N N 124 
HIS CB  HB2  sing N N 125 
HIS CB  HB3  sing N N 126 
HIS CG  ND1  sing Y N 127 
HIS CG  CD2  doub Y N 128 
HIS ND1 CE1  doub Y N 129 
HIS ND1 HD1  sing N N 130 
HIS CD2 NE2  sing Y N 131 
HIS CD2 HD2  sing N N 132 
HIS CE1 NE2  sing Y N 133 
HIS CE1 HE1  sing N N 134 
HIS NE2 HE2  sing N N 135 
HIS OXT HXT  sing N N 136 
HOH O   H1   sing N N 137 
HOH O   H2   sing N N 138 
ILE N   CA   sing N N 139 
ILE N   H    sing N N 140 
ILE N   H2   sing N N 141 
ILE CA  C    sing N N 142 
ILE CA  CB   sing N N 143 
ILE CA  HA   sing N N 144 
ILE C   O    doub N N 145 
ILE C   OXT  sing N N 146 
ILE CB  CG1  sing N N 147 
ILE CB  CG2  sing N N 148 
ILE CB  HB   sing N N 149 
ILE CG1 CD1  sing N N 150 
ILE CG1 HG12 sing N N 151 
ILE CG1 HG13 sing N N 152 
ILE CG2 HG21 sing N N 153 
ILE CG2 HG22 sing N N 154 
ILE CG2 HG23 sing N N 155 
ILE CD1 HD11 sing N N 156 
ILE CD1 HD12 sing N N 157 
ILE CD1 HD13 sing N N 158 
ILE OXT HXT  sing N N 159 
LEU N   CA   sing N N 160 
LEU N   H    sing N N 161 
LEU N   H2   sing N N 162 
LEU CA  C    sing N N 163 
LEU CA  CB   sing N N 164 
LEU CA  HA   sing N N 165 
LEU C   O    doub N N 166 
LEU C   OXT  sing N N 167 
LEU CB  CG   sing N N 168 
LEU CB  HB2  sing N N 169 
LEU CB  HB3  sing N N 170 
LEU CG  CD1  sing N N 171 
LEU CG  CD2  sing N N 172 
LEU CG  HG   sing N N 173 
LEU CD1 HD11 sing N N 174 
LEU CD1 HD12 sing N N 175 
LEU CD1 HD13 sing N N 176 
LEU CD2 HD21 sing N N 177 
LEU CD2 HD22 sing N N 178 
LEU CD2 HD23 sing N N 179 
LEU OXT HXT  sing N N 180 
LYS N   CA   sing N N 181 
LYS N   H    sing N N 182 
LYS N   H2   sing N N 183 
LYS CA  C    sing N N 184 
LYS CA  CB   sing N N 185 
LYS CA  HA   sing N N 186 
LYS C   O    doub N N 187 
LYS C   OXT  sing N N 188 
LYS CB  CG   sing N N 189 
LYS CB  HB2  sing N N 190 
LYS CB  HB3  sing N N 191 
LYS CG  CD   sing N N 192 
LYS CG  HG2  sing N N 193 
LYS CG  HG3  sing N N 194 
LYS CD  CE   sing N N 195 
LYS CD  HD2  sing N N 196 
LYS CD  HD3  sing N N 197 
LYS CE  NZ   sing N N 198 
LYS CE  HE2  sing N N 199 
LYS CE  HE3  sing N N 200 
LYS NZ  HZ1  sing N N 201 
LYS NZ  HZ2  sing N N 202 
LYS NZ  HZ3  sing N N 203 
LYS OXT HXT  sing N N 204 
MET N   CA   sing N N 205 
MET N   H    sing N N 206 
MET N   H2   sing N N 207 
MET CA  C    sing N N 208 
MET CA  CB   sing N N 209 
MET CA  HA   sing N N 210 
MET C   O    doub N N 211 
MET C   OXT  sing N N 212 
MET CB  CG   sing N N 213 
MET CB  HB2  sing N N 214 
MET CB  HB3  sing N N 215 
MET CG  SD   sing N N 216 
MET CG  HG2  sing N N 217 
MET CG  HG3  sing N N 218 
MET SD  CE   sing N N 219 
MET CE  HE1  sing N N 220 
MET CE  HE2  sing N N 221 
MET CE  HE3  sing N N 222 
MET OXT HXT  sing N N 223 
PHE N   CA   sing N N 224 
PHE N   H    sing N N 225 
PHE N   H2   sing N N 226 
PHE CA  C    sing N N 227 
PHE CA  CB   sing N N 228 
PHE CA  HA   sing N N 229 
PHE C   O    doub N N 230 
PHE C   OXT  sing N N 231 
PHE CB  CG   sing N N 232 
PHE CB  HB2  sing N N 233 
PHE CB  HB3  sing N N 234 
PHE CG  CD1  doub Y N 235 
PHE CG  CD2  sing Y N 236 
PHE CD1 CE1  sing Y N 237 
PHE CD1 HD1  sing N N 238 
PHE CD2 CE2  doub Y N 239 
PHE CD2 HD2  sing N N 240 
PHE CE1 CZ   doub Y N 241 
PHE CE1 HE1  sing N N 242 
PHE CE2 CZ   sing Y N 243 
PHE CE2 HE2  sing N N 244 
PHE CZ  HZ   sing N N 245 
PHE OXT HXT  sing N N 246 
PRO N   CA   sing N N 247 
PRO N   CD   sing N N 248 
PRO N   H    sing N N 249 
PRO CA  C    sing N N 250 
PRO CA  CB   sing N N 251 
PRO CA  HA   sing N N 252 
PRO C   O    doub N N 253 
PRO C   OXT  sing N N 254 
PRO CB  CG   sing N N 255 
PRO CB  HB2  sing N N 256 
PRO CB  HB3  sing N N 257 
PRO CG  CD   sing N N 258 
PRO CG  HG2  sing N N 259 
PRO CG  HG3  sing N N 260 
PRO CD  HD2  sing N N 261 
PRO CD  HD3  sing N N 262 
PRO OXT HXT  sing N N 263 
SER N   CA   sing N N 264 
SER N   H    sing N N 265 
SER N   H2   sing N N 266 
SER CA  C    sing N N 267 
SER CA  CB   sing N N 268 
SER CA  HA   sing N N 269 
SER C   O    doub N N 270 
SER C   OXT  sing N N 271 
SER CB  OG   sing N N 272 
SER CB  HB2  sing N N 273 
SER CB  HB3  sing N N 274 
SER OG  HG   sing N N 275 
SER OXT HXT  sing N N 276 
SO4 S   O1   doub N N 277 
SO4 S   O2   doub N N 278 
SO4 S   O3   sing N N 279 
SO4 S   O4   sing N N 280 
THR N   CA   sing N N 281 
THR N   H    sing N N 282 
THR N   H2   sing N N 283 
THR CA  C    sing N N 284 
THR CA  CB   sing N N 285 
THR CA  HA   sing N N 286 
THR C   O    doub N N 287 
THR C   OXT  sing N N 288 
THR CB  OG1  sing N N 289 
THR CB  CG2  sing N N 290 
THR CB  HB   sing N N 291 
THR OG1 HG1  sing N N 292 
THR CG2 HG21 sing N N 293 
THR CG2 HG22 sing N N 294 
THR CG2 HG23 sing N N 295 
THR OXT HXT  sing N N 296 
TRP N   CA   sing N N 297 
TRP N   H    sing N N 298 
TRP N   H2   sing N N 299 
TRP CA  C    sing N N 300 
TRP CA  CB   sing N N 301 
TRP CA  HA   sing N N 302 
TRP C   O    doub N N 303 
TRP C   OXT  sing N N 304 
TRP CB  CG   sing N N 305 
TRP CB  HB2  sing N N 306 
TRP CB  HB3  sing N N 307 
TRP CG  CD1  doub Y N 308 
TRP CG  CD2  sing Y N 309 
TRP CD1 NE1  sing Y N 310 
TRP CD1 HD1  sing N N 311 
TRP CD2 CE2  doub Y N 312 
TRP CD2 CE3  sing Y N 313 
TRP NE1 CE2  sing Y N 314 
TRP NE1 HE1  sing N N 315 
TRP CE2 CZ2  sing Y N 316 
TRP CE3 CZ3  doub Y N 317 
TRP CE3 HE3  sing N N 318 
TRP CZ2 CH2  doub Y N 319 
TRP CZ2 HZ2  sing N N 320 
TRP CZ3 CH2  sing Y N 321 
TRP CZ3 HZ3  sing N N 322 
TRP CH2 HH2  sing N N 323 
TRP OXT HXT  sing N N 324 
TYR N   CA   sing N N 325 
TYR N   H    sing N N 326 
TYR N   H2   sing N N 327 
TYR CA  C    sing N N 328 
TYR CA  CB   sing N N 329 
TYR CA  HA   sing N N 330 
TYR C   O    doub N N 331 
TYR C   OXT  sing N N 332 
TYR CB  CG   sing N N 333 
TYR CB  HB2  sing N N 334 
TYR CB  HB3  sing N N 335 
TYR CG  CD1  doub Y N 336 
TYR CG  CD2  sing Y N 337 
TYR CD1 CE1  sing Y N 338 
TYR CD1 HD1  sing N N 339 
TYR CD2 CE2  doub Y N 340 
TYR CD2 HD2  sing N N 341 
TYR CE1 CZ   doub Y N 342 
TYR CE1 HE1  sing N N 343 
TYR CE2 CZ   sing Y N 344 
TYR CE2 HE2  sing N N 345 
TYR CZ  OH   sing N N 346 
TYR OH  HH   sing N N 347 
TYR OXT HXT  sing N N 348 
UAE O1  C5   doub N N 349 
UAE C3  C4   sing N N 350 
UAE C3  C2   sing N N 351 
UAE C4  N1   sing N N 352 
UAE C5  N1   sing N N 353 
UAE C5  N2   sing N N 354 
UAE N1  C12  sing N N 355 
UAE C1  C2   sing N N 356 
UAE C2  C13  sing N N 357 
UAE C11 C10  sing N N 358 
UAE C11 C6   sing N N 359 
UAE N2  C6   sing N N 360 
UAE C10 C9   sing N N 361 
UAE C6  C7   sing N N 362 
UAE C12 C13  sing N N 363 
UAE C9  C8   sing N N 364 
UAE C7  C8   sing N N 365 
UAE C4  H1   sing N N 366 
UAE C4  H2   sing N N 367 
UAE C6  H3   sing N N 368 
UAE C11 H4   sing N N 369 
UAE C11 H5   sing N N 370 
UAE C7  H6   sing N N 371 
UAE C7  H7   sing N N 372 
UAE C8  H8   sing N N 373 
UAE C8  H9   sing N N 374 
UAE C9  H10  sing N N 375 
UAE C9  H11  sing N N 376 
UAE C10 H12  sing N N 377 
UAE C10 H13  sing N N 378 
UAE C12 H14  sing N N 379 
UAE C12 H15  sing N N 380 
UAE C13 H16  sing N N 381 
UAE C13 H17  sing N N 382 
UAE N2  H18  sing N N 383 
UAE C3  H19  sing N N 384 
UAE C3  H20  sing N N 385 
UAE C1  H21  sing N N 386 
UAE C1  H22  sing N N 387 
UAE C1  H23  sing N N 388 
UAE C2  H24  sing N N 389 
VAL N   CA   sing N N 390 
VAL N   H    sing N N 391 
VAL N   H2   sing N N 392 
VAL CA  C    sing N N 393 
VAL CA  CB   sing N N 394 
VAL CA  HA   sing N N 395 
VAL C   O    doub N N 396 
VAL C   OXT  sing N N 397 
VAL CB  CG1  sing N N 398 
VAL CB  CG2  sing N N 399 
VAL CB  HB   sing N N 400 
VAL CG1 HG11 sing N N 401 
VAL CG1 HG12 sing N N 402 
VAL CG1 HG13 sing N N 403 
VAL CG2 HG21 sing N N 404 
VAL CG2 HG22 sing N N 405 
VAL CG2 HG23 sing N N 406 
VAL OXT HXT  sing N N 407 
# 
_pdbx_entity_instance_feature.ordinal        1 
_pdbx_entity_instance_feature.comp_id        UAE 
_pdbx_entity_instance_feature.asym_id        ? 
_pdbx_entity_instance_feature.seq_num        ? 
_pdbx_entity_instance_feature.auth_comp_id   UAE 
_pdbx_entity_instance_feature.auth_asym_id   ? 
_pdbx_entity_instance_feature.auth_seq_num   ? 
_pdbx_entity_instance_feature.feature_type   'SUBJECT OF INVESTIGATION' 
_pdbx_entity_instance_feature.details        ? 
# 
_pdbx_initial_refinement_model.id               1 
_pdbx_initial_refinement_model.entity_id_list   ? 
_pdbx_initial_refinement_model.type             'experimental model' 
_pdbx_initial_refinement_model.source_name      PDB 
_pdbx_initial_refinement_model.accession_code   5NIO 
_pdbx_initial_refinement_model.details          ? 
# 
_atom_sites.entry_id                    7NGK 
_atom_sites.Cartn_transf_matrix[1][1]   ? 
_atom_sites.Cartn_transf_matrix[1][2]   ? 
_atom_sites.Cartn_transf_matrix[1][3]   ? 
_atom_sites.Cartn_transf_matrix[2][1]   ? 
_atom_sites.Cartn_transf_matrix[2][2]   ? 
_atom_sites.Cartn_transf_matrix[2][3]   ? 
_atom_sites.Cartn_transf_matrix[3][1]   ? 
_atom_sites.Cartn_transf_matrix[3][2]   ? 
_atom_sites.Cartn_transf_matrix[3][3]   ? 
_atom_sites.Cartn_transf_vector[1]      ? 
_atom_sites.Cartn_transf_vector[2]      ? 
_atom_sites.Cartn_transf_vector[3]      ? 
_atom_sites.fract_transf_matrix[1][1]   0.00649933 
_atom_sites.fract_transf_matrix[1][2]   0.00497069 
_atom_sites.fract_transf_matrix[1][3]   0.00107838 
_atom_sites.fract_transf_matrix[2][1]   0.00481073 
_atom_sites.fract_transf_matrix[2][2]   -0.00657558 
_atom_sites.fract_transf_matrix[2][3]   0.00131553 
_atom_sites.fract_transf_matrix[3][1]   0.00593934 
_atom_sites.fract_transf_matrix[3][2]   -0.00146510 
_atom_sites.fract_transf_matrix[3][3]   -0.02904273 
_atom_sites.fract_transf_vector[1]      -0.140887 
_atom_sites.fract_transf_vector[2]      -0.287968 
_atom_sites.fract_transf_vector[3]      0.005412 
_atom_sites.solution_primary            ? 
_atom_sites.solution_secondary          ? 
_atom_sites.solution_hydrogens          ? 
_atom_sites.special_details             ? 
# 
loop_
_atom_type.symbol 
C 
N 
O 
S 
# 
loop_
_atom_site.group_PDB 
_atom_site.id 
_atom_site.type_symbol 
_atom_site.label_atom_id 
_atom_site.label_alt_id 
_atom_site.label_comp_id 
_atom_site.label_asym_id 
_atom_site.label_entity_id 
_atom_site.label_seq_id 
_atom_site.pdbx_PDB_ins_code 
_atom_site.Cartn_x 
_atom_site.Cartn_y 
_atom_site.Cartn_z 
_atom_site.occupancy 
_atom_site.B_iso_or_equiv 
_atom_site.pdbx_formal_charge 
_atom_site.auth_seq_id 
_atom_site.auth_comp_id 
_atom_site.auth_asym_id 
_atom_site.auth_atom_id 
_atom_site.pdbx_PDB_model_num 
ATOM   1    N N   . GLY A 1 22  ? -16.549 23.156  -4.730  1.00 64.64 ? 22  GLY A N   1 
ATOM   2    C CA  . GLY A 1 22  ? -16.018 22.756  -6.066  1.00 70.83 ? 22  GLY A CA  1 
ATOM   3    C C   . GLY A 1 22  ? -15.478 21.336  -6.055  1.00 72.58 ? 22  GLY A C   1 
ATOM   4    O O   . GLY A 1 22  ? -16.233 20.379  -6.000  1.00 78.58 ? 22  GLY A O   1 
ATOM   5    N N   . ASP A 1 23  ? -14.152 21.206  -6.117  1.00 72.63 ? 23  ASP A N   1 
ATOM   6    C CA  . ASP A 1 23  ? -13.486 19.946  -5.837  1.00 70.21 ? 23  ASP A CA  1 
ATOM   7    C C   . ASP A 1 23  ? -13.226 19.884  -4.319  1.00 68.47 ? 23  ASP A C   1 
ATOM   8    O O   . ASP A 1 23  ? -12.687 18.904  -3.797  1.00 62.04 ? 23  ASP A O   1 
ATOM   9    C CB  . ASP A 1 23  ? -12.268 19.769  -6.755  1.00 70.30 ? 23  ASP A CB  1 
ATOM   10   C CG  . ASP A 1 23  ? -10.965 20.354  -6.241  1.00 73.82 ? 23  ASP A CG  1 
ATOM   11   O OD1 . ASP A 1 23  ? -10.326 19.696  -5.392  1.00 79.49 ? 23  ASP A OD1 1 
ATOM   12   O OD2 . ASP A 1 23  ? -10.583 21.440  -6.715  1.00 71.36 ? 23  ASP A OD2 1 
ATOM   13   N N   . ASP A 1 24  ? -13.628 20.942  -3.605  1.00 60.13 ? 24  ASP A N   1 
ATOM   14   C CA  . ASP A 1 24  ? -13.782 20.901  -2.167  1.00 59.20 ? 24  ASP A CA  1 
ATOM   15   C C   . ASP A 1 24  ? -14.818 19.831  -1.806  1.00 51.51 ? 24  ASP A C   1 
ATOM   16   O O   . ASP A 1 24  ? -14.617 19.054  -0.865  1.00 49.77 ? 24  ASP A O   1 
ATOM   17   C CB  . ASP A 1 24  ? -14.216 22.260  -1.611  1.00 57.54 ? 24  ASP A CB  1 
ATOM   18   C CG  . ASP A 1 24  ? -13.063 23.226  -1.395  1.00 62.90 ? 24  ASP A CG  1 
ATOM   19   O OD1 . ASP A 1 24  ? -11.900 22.834  -1.644  1.00 57.99 ? 24  ASP A OD1 1 
ATOM   20   O OD2 . ASP A 1 24  ? -13.336 24.364  -0.963  1.00 63.39 ? 24  ASP A OD2 1 
ATOM   21   N N   . ARG A 1 25  ? -15.932 19.827  -2.551  1.00 42.90 ? 25  ARG A N   1 
ATOM   22   C CA  . ARG A 1 25  ? -16.971 18.820  -2.403  1.00 41.06 ? 25  ARG A CA  1 
ATOM   23   C C   . ARG A 1 25  ? -16.350 17.438  -2.654  1.00 36.73 ? 25  ARG A C   1 
ATOM   24   O O   . ARG A 1 25  ? -16.566 16.513  -1.904  1.00 36.96 ? 25  ARG A O   1 
ATOM   25   C CB  . ARG A 1 25  ? -18.174 19.186  -3.285  1.00 42.67 ? 25  ARG A CB  1 
ATOM   26   C CG  . ARG A 1 25  ? -19.150 20.128  -2.586  1.00 42.79 ? 25  ARG A CG  1 
ATOM   27   C CD  . ARG A 1 25  ? -20.364 20.546  -3.402  1.00 48.89 ? 25  ARG A CD  1 
ATOM   28   N NE  . ARG A 1 25  ? -19.995 21.466  -4.462  1.00 48.74 ? 25  ARG A NE  1 
ATOM   29   C CZ  . ARG A 1 25  ? -20.825 22.285  -5.087  1.00 53.45 ? 25  ARG A CZ  1 
ATOM   30   N NH1 . ARG A 1 25  ? -22.129 22.070  -5.070  1.00 50.13 ? 25  ARG A NH1 1 
ATOM   31   N NH2 . ARG A 1 25  ? -20.331 23.332  -5.719  1.00 51.17 ? 25  ARG A NH2 1 
ATOM   32   N N   . GLU A 1 26  ? -15.556 17.315  -3.709  1.00 35.76 ? 26  GLU A N   1 
ATOM   33   C CA  . GLU A 1 26  ? -14.886 16.070  -3.988  1.00 38.81 ? 26  GLU A CA  1 
ATOM   34   C C   . GLU A 1 26  ? -14.079 15.600  -2.762  1.00 37.75 ? 26  GLU A C   1 
ATOM   35   O O   . GLU A 1 26  ? -14.206 14.454  -2.337  1.00 33.33 ? 26  GLU A O   1 
ATOM   36   C CB  . GLU A 1 26  ? -13.997 16.204  -5.218  1.00 40.67 ? 26  GLU A CB  1 
ATOM   37   C CG  . GLU A 1 26  ? -13.676 14.855  -5.827  1.00 45.09 ? 26  GLU A CG  1 
ATOM   38   C CD  . GLU A 1 26  ? -12.910 14.883  -7.135  1.00 46.66 ? 26  GLU A CD  1 
ATOM   39   O OE1 . GLU A 1 26  ? -13.215 15.760  -7.974  1.00 46.85 ? 26  GLU A OE1 1 
ATOM   40   O OE2 . GLU A 1 26  ? -12.022 14.016  -7.295  1.00 50.60 ? 26  GLU A OE2 1 
ATOM   41   N N   . LEU A 1 27  ? -13.254 16.497  -2.220  1.00 38.99 ? 27  LEU A N   1 
ATOM   42   C CA  . LEU A 1 27  ? -12.358 16.199  -1.093  1.00 43.79 ? 27  LEU A CA  1 
ATOM   43   C C   . LEU A 1 27  ? -13.203 15.747  0.117   1.00 37.73 ? 27  LEU A C   1 
ATOM   44   O O   . LEU A 1 27  ? -12.841 14.825  0.894   1.00 33.85 ? 27  LEU A O   1 
ATOM   45   C CB  . LEU A 1 27  ? -11.519 17.453  -0.781  1.00 47.16 ? 27  LEU A CB  1 
ATOM   46   C CG  . LEU A 1 27  ? -10.117 17.577  -1.402  1.00 54.68 ? 27  LEU A CG  1 
ATOM   47   C CD1 . LEU A 1 27  ? -9.255  16.342  -1.157  1.00 56.26 ? 27  LEU A CD1 1 
ATOM   48   C CD2 . LEU A 1 27  ? -10.157 17.880  -2.884  1.00 61.21 ? 27  LEU A CD2 1 
ATOM   49   N N   . ALA A 1 28  ? -14.369 16.381  0.270   1.00 33.48 ? 28  ALA A N   1 
ATOM   50   C CA  . ALA A 1 28  ? -15.272 16.097  1.343   1.00 32.71 ? 28  ALA A CA  1 
ATOM   51   C C   . ALA A 1 28  ? -15.903 14.719  1.138   1.00 29.74 ? 28  ALA A C   1 
ATOM   52   O O   . ALA A 1 28  ? -16.139 14.009  2.077   1.00 33.23 ? 28  ALA A O   1 
ATOM   53   C CB  . ALA A 1 28  ? -16.334 17.186  1.461   1.00 35.48 ? 28  ALA A CB  1 
ATOM   54   N N   . ILE A 1 29  ? -16.254 14.363  -0.090  1.00 27.38 ? 29  ILE A N   1 
ATOM   55   C CA  . ILE A 1 29  ? -16.812 13.061  -0.313  1.00 30.30 ? 29  ILE A CA  1 
ATOM   56   C C   . ILE A 1 29  ? -15.746 12.015  0.102   1.00 28.93 ? 29  ILE A C   1 
ATOM   57   O O   . ILE A 1 29  ? -16.031 11.010  0.752   1.00 30.56 ? 29  ILE A O   1 
ATOM   58   C CB  . ILE A 1 29  ? -17.234 12.918  -1.791  1.00 28.94 ? 29  ILE A CB  1 
ATOM   59   C CG1 . ILE A 1 29  ? -18.450 13.774  -2.170  1.00 32.26 ? 29  ILE A CG1 1 
ATOM   60   C CG2 . ILE A 1 29  ? -17.465 11.461  -2.113  1.00 29.99 ? 29  ILE A CG2 1 
ATOM   61   C CD1 . ILE A 1 29  ? -18.840 13.624  -3.651  1.00 31.72 ? 29  ILE A CD1 1 
ATOM   62   N N   . LEU A 1 30  ? -14.513 12.253  -0.327  1.00 29.15 ? 30  LEU A N   1 
ATOM   63   C CA  . LEU A 1 30  ? -13.396 11.343  -0.055  1.00 30.98 ? 30  LEU A CA  1 
ATOM   64   C C   . LEU A 1 30  ? -13.136 11.210  1.462   1.00 28.46 ? 30  LEU A C   1 
ATOM   65   O O   . LEU A 1 30  ? -13.029 10.088  1.973   1.00 29.16 ? 30  LEU A O   1 
ATOM   66   C CB  . LEU A 1 30  ? -12.194 11.886  -0.817  1.00 31.91 ? 30  LEU A CB  1 
ATOM   67   C CG  . LEU A 1 30  ? -12.270 11.680  -2.323  1.00 30.57 ? 30  LEU A CG  1 
ATOM   68   C CD1 . LEU A 1 30  ? -11.222 12.517  -3.025  1.00 30.57 ? 30  LEU A CD1 1 
ATOM   69   C CD2 . LEU A 1 30  ? -12.126 10.199  -2.669  1.00 31.18 ? 30  LEU A CD2 1 
ATOM   70   N N   . ALA A 1 31  ? -13.119 12.333  2.188   1.00 30.50 ? 31  ALA A N   1 
ATOM   71   C CA  . ALA A 1 31  ? -12.869 12.328  3.632   1.00 31.87 ? 31  ALA A CA  1 
ATOM   72   C C   . ALA A 1 31  ? -13.984 11.572  4.352   1.00 33.74 ? 31  ALA A C   1 
ATOM   73   O O   . ALA A 1 31  ? -13.738 10.797  5.274   1.00 33.38 ? 31  ALA A O   1 
ATOM   74   C CB  . ALA A 1 31  ? -12.774 13.734  4.143   1.00 34.42 ? 31  ALA A CB  1 
ATOM   75   N N   . THR A 1 32  ? -15.229 11.797  3.909   1.00 32.58 ? 32  THR A N   1 
ATOM   76   C CA  . THR A 1 32  ? -16.378 11.145  4.517   1.00 31.83 ? 32  THR A CA  1 
ATOM   77   C C   . THR A 1 32  ? -16.269 9.632   4.308   1.00 30.69 ? 32  THR A C   1 
ATOM   78   O O   . THR A 1 32  ? -16.498 8.869   5.226   1.00 34.34 ? 32  THR A O   1 
ATOM   79   C CB  . THR A 1 32  ? -17.706 11.652  3.946   1.00 28.39 ? 32  THR A CB  1 
ATOM   80   O OG1 . THR A 1 32  ? -17.845 13.012  4.318   1.00 29.20 ? 32  THR A OG1 1 
ATOM   81   C CG2 . THR A 1 32  ? -18.905 10.864  4.414   1.00 32.93 ? 32  THR A CG2 1 
ATOM   82   N N   . ALA A 1 33  ? -15.968 9.211   3.072   1.00 27.69 ? 33  ALA A N   1 
ATOM   83   C CA  . ALA A 1 33  ? -15.850 7.812   2.778   1.00 26.40 ? 33  ALA A CA  1 
ATOM   84   C C   . ALA A 1 33  ? -14.727 7.182   3.634   1.00 27.13 ? 33  ALA A C   1 
ATOM   85   O O   . ALA A 1 33  ? -14.899 6.108   4.197   1.00 31.68 ? 33  ALA A O   1 
ATOM   86   C CB  . ALA A 1 33  ? -15.601 7.629   1.300   1.00 25.90 ? 33  ALA A CB  1 
ATOM   87   N N   . GLU A 1 34  ? -13.570 7.845   3.731   1.00 31.27 ? 34  GLU A N   1 
ATOM   88   C CA  . GLU A 1 34  ? -12.453 7.243   4.474   1.00 32.64 ? 34  GLU A CA  1 
ATOM   89   C C   . GLU A 1 34  ? -12.868 7.130   5.951   1.00 33.49 ? 34  GLU A C   1 
ATOM   90   O O   . GLU A 1 34  ? -12.591 6.130   6.600   1.00 30.58 ? 34  GLU A O   1 
ATOM   91   C CB  . GLU A 1 34  ? -11.155 8.039   4.285   1.00 35.19 ? 34  GLU A CB  1 
ATOM   92   C CG  . GLU A 1 34  ? -10.003 7.453   5.085   1.00 36.93 ? 34  GLU A CG  1 
ATOM   93   C CD  . GLU A 1 34  ? -8.597  7.870   4.675   1.00 37.01 ? 34  GLU A CD  1 
ATOM   94   O OE1 . GLU A 1 34  ? -8.444  8.943   4.074   1.00 36.27 ? 34  GLU A OE1 1 
ATOM   95   O OE2 . GLU A 1 34  ? -7.652  7.086   4.935   1.00 35.14 ? 34  GLU A OE2 1 
ATOM   96   N N   . ASN A 1 35  ? -13.568 8.155   6.467   1.00 34.45 ? 35  ASN A N   1 
ATOM   97   C CA  A ASN A 1 35  ? -14.038 8.148   7.858   0.50 36.20 ? 35  ASN A CA  1 
ATOM   98   C CA  B ASN A 1 35  ? -14.065 8.160   7.854   0.50 34.82 ? 35  ASN A CA  1 
ATOM   99   C C   . ASN A 1 35  ? -15.026 6.984   8.054   1.00 34.19 ? 35  ASN A C   1 
ATOM   100  O O   . ASN A 1 35  ? -14.879 6.214   8.981   1.00 41.39 ? 35  ASN A O   1 
ATOM   101  C CB  A ASN A 1 35  ? -14.595 9.511   8.289   0.50 37.94 ? 35  ASN A CB  1 
ATOM   102  C CB  B ASN A 1 35  ? -14.751 9.475   8.242   0.50 34.85 ? 35  ASN A CB  1 
ATOM   103  C CG  A ASN A 1 35  ? -13.640 10.295  9.171   0.50 41.72 ? 35  ASN A CG  1 
ATOM   104  C CG  B ASN A 1 35  ? -15.531 9.376   9.541   0.50 35.64 ? 35  ASN A CG  1 
ATOM   105  O OD1 A ASN A 1 35  ? -13.821 10.351  10.389  0.50 41.98 ? 35  ASN A OD1 1 
ATOM   106  O OD1 B ASN A 1 35  ? -14.957 9.436   10.622  0.50 35.95 ? 35  ASN A OD1 1 
ATOM   107  N ND2 A ASN A 1 35  ? -12.607 10.878  8.581   0.50 40.12 ? 35  ASN A ND2 1 
ATOM   108  N ND2 B ASN A 1 35  ? -16.842 9.223   9.447   0.50 33.99 ? 35  ASN A ND2 1 
ATOM   109  N N   . LEU A 1 36  ? -15.994 6.830   7.148   1.00 33.25 ? 36  LEU A N   1 
ATOM   110  C CA  . LEU A 1 36  ? -17.024 5.803   7.287   1.00 35.17 ? 36  LEU A CA  1 
ATOM   111  C C   . LEU A 1 36  ? -16.460 4.395   7.101   1.00 37.59 ? 36  LEU A C   1 
ATOM   112  O O   . LEU A 1 36  ? -17.003 3.442   7.642   1.00 37.02 ? 36  LEU A O   1 
ATOM   113  C CB  . LEU A 1 36  ? -18.153 6.021   6.274   1.00 39.10 ? 36  LEU A CB  1 
ATOM   114  C CG  . LEU A 1 36  ? -19.001 7.262   6.514   1.00 40.15 ? 36  LEU A CG  1 
ATOM   115  C CD1 . LEU A 1 36  ? -20.149 7.314   5.516   1.00 40.33 ? 36  LEU A CD1 1 
ATOM   116  C CD2 . LEU A 1 36  ? -19.520 7.287   7.949   1.00 43.11 ? 36  LEU A CD2 1 
ATOM   117  N N   . LEU A 1 37  ? -15.422 4.260   6.279   1.00 35.18 ? 37  LEU A N   1 
ATOM   118  C CA  . LEU A 1 37  ? -14.816 2.967   6.085   1.00 34.54 ? 37  LEU A CA  1 
ATOM   119  C C   . LEU A 1 37  ? -14.119 2.492   7.370   1.00 31.26 ? 37  LEU A C   1 
ATOM   120  O O   . LEU A 1 37  ? -14.014 1.299   7.574   1.00 30.94 ? 37  LEU A O   1 
ATOM   121  C CB  . LEU A 1 37  ? -13.852 3.027   4.901   1.00 31.50 ? 37  LEU A CB  1 
ATOM   122  C CG  . LEU A 1 37  ? -14.529 2.900   3.536   1.00 30.17 ? 37  LEU A CG  1 
ATOM   123  C CD1 . LEU A 1 37  ? -13.547 3.291   2.455   1.00 30.02 ? 37  LEU A CD1 1 
ATOM   124  C CD2 . LEU A 1 37  ? -15.077 1.504   3.290   1.00 29.45 ? 37  LEU A CD2 1 
ATOM   125  N N   . GLU A 1 38  ? -13.714 3.425   8.242   1.00 36.76 ? 38  GLU A N   1 
ATOM   126  C CA  . GLU A 1 38  ? -13.124 3.072   9.534   1.00 42.00 ? 38  GLU A CA  1 
ATOM   127  C C   . GLU A 1 38  ? -14.128 2.300   10.397  1.00 43.35 ? 38  GLU A C   1 
ATOM   128  O O   . GLU A 1 38  ? -13.705 1.523   11.192  1.00 40.50 ? 38  GLU A O   1 
ATOM   129  C CB  . GLU A 1 38  ? -12.624 4.311   10.283  1.00 46.88 ? 38  GLU A CB  1 
ATOM   130  C CG  . GLU A 1 38  ? -11.156 4.591   10.059  1.00 50.63 ? 38  GLU A CG  1 
ATOM   131  C CD  . GLU A 1 38  ? -10.802 6.059   9.955   1.00 56.14 ? 38  GLU A CD  1 
ATOM   132  O OE1 . GLU A 1 38  ? -9.862  6.368   9.205   1.00 66.83 ? 38  GLU A OE1 1 
ATOM   133  O OE2 . GLU A 1 38  ? -11.477 6.885   10.601  1.00 55.82 ? 38  GLU A OE2 1 
ATOM   134  N N   . ASP A 1 39  ? -15.438 2.503   10.193  1.00 51.07 ? 39  ASP A N   1 
ATOM   135  C CA  . ASP A 1 39  ? -16.502 1.921   11.036  1.00 53.39 ? 39  ASP A CA  1 
ATOM   136  C C   . ASP A 1 39  ? -17.175 0.723   10.364  1.00 50.12 ? 39  ASP A C   1 
ATOM   137  O O   . ASP A 1 39  ? -17.606 -0.173  11.029  1.00 59.99 ? 39  ASP A O   1 
ATOM   138  C CB  . ASP A 1 39  ? -17.523 2.991   11.409  1.00 62.95 ? 39  ASP A CB  1 
ATOM   139  C CG  . ASP A 1 39  ? -16.849 4.154   12.114  1.00 76.34 ? 39  ASP A CG  1 
ATOM   140  O OD1 . ASP A 1 39  ? -16.660 4.056   13.345  1.00 81.60 ? 39  ASP A OD1 1 
ATOM   141  O OD2 . ASP A 1 39  ? -16.450 5.116   11.413  1.00 86.78 ? 39  ASP A OD2 1 
ATOM   142  N N   . ARG A 1 40  ? -17.305 0.702   9.046   1.00 46.11 ? 40  ARG A N   1 
ATOM   143  C CA  . ARG A 1 40  ? -18.042 -0.399  8.446   1.00 46.36 ? 40  ARG A CA  1 
ATOM   144  C C   . ARG A 1 40  ? -17.555 -0.611  7.025   1.00 41.39 ? 40  ARG A C   1 
ATOM   145  O O   . ARG A 1 40  ? -16.950 0.278   6.432   1.00 43.14 ? 40  ARG A O   1 
ATOM   146  C CB  . ARG A 1 40  ? -19.547 -0.119  8.473   1.00 49.89 ? 40  ARG A CB  1 
ATOM   147  C CG  . ARG A 1 40  ? -19.931 1.336   8.252   1.00 51.34 ? 40  ARG A CG  1 
ATOM   148  C CD  . ARG A 1 40  ? -21.440 1.423   8.428   1.00 55.67 ? 40  ARG A CD  1 
ATOM   149  N NE  . ARG A 1 40  ? -22.037 2.519   7.690   1.00 50.17 ? 40  ARG A NE  1 
ATOM   150  C CZ  . ARG A 1 40  ? -22.100 3.760   8.132   1.00 50.16 ? 40  ARG A CZ  1 
ATOM   151  N NH1 . ARG A 1 40  ? -21.638 4.049   9.335   1.00 50.09 ? 40  ARG A NH1 1 
ATOM   152  N NH2 . ARG A 1 40  ? -22.612 4.704   7.363   1.00 48.91 ? 40  ARG A NH2 1 
ATOM   153  N N   . PRO A 1 41  ? -17.847 -1.779  6.427   1.00 42.14 ? 41  PRO A N   1 
ATOM   154  C CA  . PRO A 1 41  ? -17.411 -2.036  5.063   1.00 41.60 ? 41  PRO A CA  1 
ATOM   155  C C   . PRO A 1 41  ? -18.240 -1.184  4.087   1.00 43.94 ? 41  PRO A C   1 
ATOM   156  O O   . PRO A 1 41  ? -19.363 -0.739  4.437   1.00 43.00 ? 41  PRO A O   1 
ATOM   157  C CB  . PRO A 1 41  ? -17.642 -3.542  4.871   1.00 45.92 ? 41  PRO A CB  1 
ATOM   158  C CG  . PRO A 1 41  ? -18.710 -3.917  5.897   1.00 43.28 ? 41  PRO A CG  1 
ATOM   159  C CD  . PRO A 1 41  ? -18.685 -2.858  6.978   1.00 43.62 ? 41  PRO A CD  1 
ATOM   160  N N   . LEU A 1 42  ? -17.692 -1.037  2.873   1.00 43.91 ? 42  LEU A N   1 
ATOM   161  C CA  . LEU A 1 42  ? -18.283 -0.305  1.772   1.00 46.18 ? 42  LEU A CA  1 
ATOM   162  C C   . LEU A 1 42  ? -19.710 -0.798  1.492   1.00 46.28 ? 42  LEU A C   1 
ATOM   163  O O   . LEU A 1 42  ? -20.573 0.008   1.261   1.00 43.54 ? 42  LEU A O   1 
ATOM   164  C CB  . LEU A 1 42  ? -17.380 -0.458  0.543   1.00 45.83 ? 42  LEU A CB  1 
ATOM   165  C CG  . LEU A 1 42  ? -17.684 0.481   -0.630  1.00 47.11 ? 42  LEU A CG  1 
ATOM   166  C CD1 . LEU A 1 42  ? -17.348 1.940   -0.318  1.00 42.53 ? 42  LEU A CD1 1 
ATOM   167  C CD2 . LEU A 1 42  ? -16.956 0.033   -1.879  1.00 47.94 ? 42  LEU A CD2 1 
ATOM   168  N N   . ALA A 1 43  ? -19.950 -2.114  1.570   1.00 49.88 ? 43  ALA A N   1 
ATOM   169  C CA  . ALA A 1 43  ? -21.308 -2.718  1.415   1.00 48.90 ? 43  ALA A CA  1 
ATOM   170  C C   . ALA A 1 43  ? -22.350 -2.069  2.348   1.00 50.82 ? 43  ALA A C   1 
ATOM   171  O O   . ALA A 1 43  ? -23.523 -1.983  2.003   1.00 52.46 ? 43  ALA A O   1 
ATOM   172  C CB  . ALA A 1 43  ? -21.248 -4.215  1.637   1.00 45.17 ? 43  ALA A CB  1 
ATOM   173  N N   . ASP A 1 44  ? -21.948 -1.631  3.540   1.00 46.64 ? 44  ASP A N   1 
ATOM   174  C CA  . ASP A 1 44  ? -22.884 -1.076  4.495   1.00 47.86 ? 44  ASP A CA  1 
ATOM   175  C C   . ASP A 1 44  ? -22.771 0.451   4.532   1.00 47.40 ? 44  ASP A C   1 
ATOM   176  O O   . ASP A 1 44  ? -23.260 1.079   5.460   1.00 45.19 ? 44  ASP A O   1 
ATOM   177  C CB  . ASP A 1 44  ? -22.652 -1.642  5.895   1.00 51.49 ? 44  ASP A CB  1 
ATOM   178  C CG  . ASP A 1 44  ? -22.632 -3.158  5.963   1.00 58.51 ? 44  ASP A CG  1 
ATOM   179  O OD1 . ASP A 1 44  ? -22.959 -3.809  4.942   1.00 65.46 ? 44  ASP A OD1 1 
ATOM   180  O OD2 . ASP A 1 44  ? -22.302 -3.677  7.049   1.00 59.50 ? 44  ASP A OD2 1 
ATOM   181  N N   . ILE A 1 45  ? -22.081 1.047   3.552   1.00 47.20 ? 45  ILE A N   1 
ATOM   182  C CA  . ILE A 1 45  ? -22.058 2.504   3.418   1.00 42.08 ? 45  ILE A CA  1 
ATOM   183  C C   . ILE A 1 45  ? -22.870 2.838   2.172   1.00 43.37 ? 45  ILE A C   1 
ATOM   184  O O   . ILE A 1 45  ? -22.692 2.199   1.137   1.00 46.59 ? 45  ILE A O   1 
ATOM   185  C CB  . ILE A 1 45  ? -20.624 3.057   3.300   1.00 39.52 ? 45  ILE A CB  1 
ATOM   186  C CG1 . ILE A 1 45  ? -19.798 2.808   4.559   1.00 35.34 ? 45  ILE A CG1 1 
ATOM   187  C CG2 . ILE A 1 45  ? -20.638 4.541   2.949   1.00 39.85 ? 45  ILE A CG2 1 
ATOM   188  C CD1 . ILE A 1 45  ? -18.329 3.015   4.329   1.00 36.41 ? 45  ILE A CD1 1 
ATOM   189  N N   . SER A 1 46  ? -23.733 3.847   2.274   1.00 44.58 ? 46  SER A N   1 
ATOM   190  C CA  . SER A 1 46  ? -24.598 4.215   1.159   1.00 43.33 ? 46  SER A CA  1 
ATOM   191  C C   . SER A 1 46  ? -24.151 5.536   0.528   1.00 43.27 ? 46  SER A C   1 
ATOM   192  O O   . SER A 1 46  ? -23.472 6.351   1.144   1.00 41.90 ? 46  SER A O   1 
ATOM   193  C CB  . SER A 1 46  ? -26.042 4.304   1.600   1.00 44.55 ? 46  SER A CB  1 
ATOM   194  O OG  . SER A 1 46  ? -26.243 5.427   2.451   1.00 41.65 ? 46  SER A OG  1 
ATOM   195  N N   . VAL A 1 47  ? -24.625 5.765   -0.701  1.00 43.19 ? 47  VAL A N   1 
ATOM   196  C CA  . VAL A 1 47  ? -24.422 7.032   -1.385  1.00 43.46 ? 47  VAL A CA  1 
ATOM   197  C C   . VAL A 1 47  ? -25.096 8.137   -0.568  1.00 40.37 ? 47  VAL A C   1 
ATOM   198  O O   . VAL A 1 47  ? -24.572 9.249   -0.478  1.00 39.81 ? 47  VAL A O   1 
ATOM   199  C CB  . VAL A 1 47  ? -24.903 6.952   -2.850  1.00 45.64 ? 47  VAL A CB  1 
ATOM   200  C CG1 . VAL A 1 47  ? -24.912 8.300   -3.551  1.00 44.19 ? 47  VAL A CG1 1 
ATOM   201  C CG2 . VAL A 1 47  ? -24.056 5.963   -3.639  1.00 46.78 ? 47  VAL A CG2 1 
ATOM   202  N N   . ASP A 1 48  ? -26.236 7.819   0.059   1.00 47.07 ? 48  ASP A N   1 
ATOM   203  C CA  . ASP A 1 48  ? -26.930 8.787   0.920   1.00 51.35 ? 48  ASP A CA  1 
ATOM   204  C C   . ASP A 1 48  ? -26.037 9.112   2.126   1.00 48.56 ? 48  ASP A C   1 
ATOM   205  O O   . ASP A 1 48  ? -25.909 10.276  2.512   1.00 46.19 ? 48  ASP A O   1 
ATOM   206  C CB  . ASP A 1 48  ? -28.321 8.298   1.348   1.00 55.67 ? 48  ASP A CB  1 
ATOM   207  C CG  . ASP A 1 48  ? -29.301 8.076   0.199   1.00 63.30 ? 48  ASP A CG  1 
ATOM   208  O OD1 . ASP A 1 48  ? -29.074 8.628   -0.913  1.00 63.82 ? 48  ASP A OD1 1 
ATOM   209  O OD2 . ASP A 1 48  ? -30.283 7.327   0.411   1.00 64.08 ? 48  ASP A OD2 1 
ATOM   210  N N   . ASP A 1 49  ? -25.383 8.083   2.679   1.00 49.56 ? 49  ASP A N   1 
ATOM   211  C CA  . ASP A 1 49  ? -24.414 8.257   3.768   1.00 49.39 ? 49  ASP A CA  1 
ATOM   212  C C   . ASP A 1 49  ? -23.278 9.195   3.327   1.00 41.67 ? 49  ASP A C   1 
ATOM   213  O O   . ASP A 1 49  ? -22.894 10.144  4.059   1.00 43.52 ? 49  ASP A O   1 
ATOM   214  C CB  . ASP A 1 49  ? -23.867 6.904   4.228   1.00 53.40 ? 49  ASP A CB  1 
ATOM   215  C CG  . ASP A 1 49  ? -24.835 6.054   5.035   1.00 50.89 ? 49  ASP A CG  1 
ATOM   216  O OD1 . ASP A 1 49  ? -25.784 6.619   5.589   1.00 52.16 ? 49  ASP A OD1 1 
ATOM   217  O OD2 . ASP A 1 49  ? -24.607 4.833   5.111   1.00 48.12 ? 49  ASP A OD2 1 
ATOM   218  N N   . LEU A 1 50  ? -22.744 8.964   2.121   1.00 37.16 ? 50  LEU A N   1 
ATOM   219  C CA  . LEU A 1 50  ? -21.595 9.757   1.638   1.00 34.42 ? 50  LEU A CA  1 
ATOM   220  C C   . LEU A 1 50  ? -22.018 11.183  1.329   1.00 34.69 ? 50  LEU A C   1 
ATOM   221  O O   . LEU A 1 50  ? -21.299 12.135  1.665   1.00 34.48 ? 50  LEU A O   1 
ATOM   222  C CB  . LEU A 1 50  ? -21.001 9.071   0.416   1.00 35.84 ? 50  LEU A CB  1 
ATOM   223  C CG  . LEU A 1 50  ? -20.306 7.746   0.745   1.00 40.20 ? 50  LEU A CG  1 
ATOM   224  C CD1 . LEU A 1 50  ? -19.904 7.047   -0.540  1.00 43.19 ? 50  LEU A CD1 1 
ATOM   225  C CD2 . LEU A 1 50  ? -19.091 7.973   1.641   1.00 41.61 ? 50  LEU A CD2 1 
ATOM   226  N N   . ALA A 1 51  ? -23.199 11.335  0.712   1.00 35.70 ? 51  ALA A N   1 
ATOM   227  C CA  . ALA A 1 51  ? -23.682 12.687  0.360   1.00 37.16 ? 51  ALA A CA  1 
ATOM   228  C C   . ALA A 1 51  ? -23.909 13.514  1.632   1.00 33.61 ? 51  ALA A C   1 
ATOM   229  O O   . ALA A 1 51  ? -23.430 14.644  1.781   1.00 30.87 ? 51  ALA A O   1 
ATOM   230  C CB  . ALA A 1 51  ? -24.942 12.546  -0.460  1.00 37.47 ? 51  ALA A CB  1 
ATOM   231  N N   . LYS A 1 52  ? -24.631 12.896  2.557   1.00 41.58 ? 52  LYS A N   1 
ATOM   232  C CA  . LYS A 1 52  ? -24.969 13.479  3.857   1.00 45.79 ? 52  LYS A CA  1 
ATOM   233  C C   . LYS A 1 52  ? -23.687 13.970  4.539   1.00 42.94 ? 52  LYS A C   1 
ATOM   234  O O   . LYS A 1 52  ? -23.507 15.149  4.776   1.00 39.95 ? 52  LYS A O   1 
ATOM   235  C CB  . LYS A 1 52  ? -25.712 12.393  4.637   1.00 52.87 ? 52  LYS A CB  1 
ATOM   236  C CG  . LYS A 1 52  ? -26.465 12.811  5.890   1.00 58.06 ? 52  LYS A CG  1 
ATOM   237  C CD  . LYS A 1 52  ? -27.416 11.701  6.323   1.00 59.90 ? 52  LYS A CD  1 
ATOM   238  C CE  . LYS A 1 52  ? -27.924 11.868  7.739   1.00 66.88 ? 52  LYS A CE  1 
ATOM   239  N NZ  . LYS A 1 52  ? -26.943 11.382  8.743   1.00 69.41 ? 52  LYS A NZ  1 
ATOM   240  N N   . GLY A 1 53  ? -22.736 13.054  4.752   1.00 41.45 ? 53  GLY A N   1 
ATOM   241  C CA  . GLY A 1 53  ? -21.493 13.391  5.432   1.00 34.86 ? 53  GLY A CA  1 
ATOM   242  C C   . GLY A 1 53  ? -20.743 14.487  4.734   1.00 34.67 ? 53  GLY A C   1 
ATOM   243  O O   . GLY A 1 53  ? -20.009 15.247  5.382   1.00 36.05 ? 53  GLY A O   1 
ATOM   244  N N   . ALA A 1 54  ? -20.894 14.565  3.405   1.00 34.57 ? 54  ALA A N   1 
ATOM   245  C CA  . ALA A 1 54  ? -20.185 15.537  2.608   1.00 30.00 ? 54  ALA A CA  1 
ATOM   246  C C   . ALA A 1 54  ? -20.965 16.842  2.491   1.00 31.40 ? 54  ALA A C   1 
ATOM   247  O O   . ALA A 1 54  ? -20.428 17.851  1.988   1.00 34.04 ? 54  ALA A O   1 
ATOM   248  C CB  . ALA A 1 54  ? -19.892 14.981  1.244   1.00 31.48 ? 54  ALA A CB  1 
ATOM   249  N N   . GLY A 1 55  ? -22.212 16.824  2.952   1.00 32.91 ? 55  GLY A N   1 
ATOM   250  C CA  . GLY A 1 55  ? -23.018 18.057  3.001   1.00 34.87 ? 55  GLY A CA  1 
ATOM   251  C C   . GLY A 1 55  ? -23.595 18.415  1.634   1.00 31.79 ? 55  GLY A C   1 
ATOM   252  O O   . GLY A 1 55  ? -23.749 19.554  1.287   1.00 32.18 ? 55  GLY A O   1 
ATOM   253  N N   . ILE A 1 56  ? -23.930 17.401  0.846   1.00 34.40 ? 56  ILE A N   1 
ATOM   254  C CA  . ILE A 1 56  ? -24.426 17.610  -0.534  1.00 33.43 ? 56  ILE A CA  1 
ATOM   255  C C   . ILE A 1 56  ? -25.595 16.666  -0.676  1.00 32.06 ? 56  ILE A C   1 
ATOM   256  O O   . ILE A 1 56  ? -25.720 15.778  0.157   1.00 30.47 ? 56  ILE A O   1 
ATOM   257  C CB  . ILE A 1 56  ? -23.344 17.356  -1.619  1.00 32.42 ? 56  ILE A CB  1 
ATOM   258  C CG1 . ILE A 1 56  ? -22.755 15.946  -1.521  1.00 35.25 ? 56  ILE A CG1 1 
ATOM   259  C CG2 . ILE A 1 56  ? -22.273 18.432  -1.563  1.00 34.77 ? 56  ILE A CG2 1 
ATOM   260  C CD1 . ILE A 1 56  ? -21.644 15.678  -2.555  1.00 36.96 ? 56  ILE A CD1 1 
ATOM   261  N N   . SER A 1 57  ? -26.377 16.840  -1.750  1.00 32.24 ? 57  SER A N   1 
ATOM   262  C CA  . SER A 1 57  ? -27.459 15.920  -2.116  1.00 31.06 ? 57  SER A CA  1 
ATOM   263  C C   . SER A 1 57  ? -26.894 14.697  -2.847  1.00 29.87 ? 57  SER A C   1 
ATOM   264  O O   . SER A 1 57  ? -25.808 14.739  -3.385  1.00 25.91 ? 57  SER A O   1 
ATOM   265  C CB  . SER A 1 57  ? -28.448 16.645  -3.008  1.00 30.72 ? 57  SER A CB  1 
ATOM   266  O OG  . SER A 1 57  ? -27.881 16.853  -4.292  1.00 23.22 ? 57  SER A OG  1 
ATOM   267  N N   . ARG A 1 58  ? -27.719 13.659  -2.986  1.00 30.96 ? 58  ARG A N   1 
ATOM   268  C CA  . ARG A 1 58  ? -27.384 12.463  -3.766  1.00 33.88 ? 58  ARG A CA  1 
ATOM   269  C C   . ARG A 1 58  ? -27.109 12.775  -5.247  1.00 33.89 ? 58  ARG A C   1 
ATOM   270  O O   . ARG A 1 58  ? -26.096 12.342  -5.808  1.00 27.38 ? 58  ARG A O   1 
ATOM   271  C CB  . ARG A 1 58  ? -28.477 11.433  -3.489  1.00 41.81 ? 58  ARG A CB  1 
ATOM   272  C CG  . ARG A 1 58  ? -28.475 10.204  -4.383  1.00 46.37 ? 58  ARG A CG  1 
ATOM   273  C CD  . ARG A 1 58  ? -29.731 9.390   -4.106  1.00 51.32 ? 58  ARG A CD  1 
ATOM   274  N NE  . ARG A 1 58  ? -29.642 8.033   -4.613  1.00 59.93 ? 58  ARG A NE  1 
ATOM   275  C CZ  . ARG A 1 58  ? -29.075 7.018   -3.965  1.00 60.66 ? 58  ARG A CZ  1 
ATOM   276  N NH1 . ARG A 1 58  ? -28.619 7.186   -2.734  1.00 71.70 ? 58  ARG A NH1 1 
ATOM   277  N NH2 . ARG A 1 58  ? -28.950 5.843   -4.558  1.00 59.95 ? 58  ARG A NH2 1 
ATOM   278  N N   . PRO A 1 59  ? -27.960 13.521  -5.997  1.00 31.44 ? 59  PRO A N   1 
ATOM   279  C CA  . PRO A 1 59  ? -27.588 13.898  -7.360  1.00 28.01 ? 59  PRO A CA  1 
ATOM   280  C C   . PRO A 1 59  ? -26.261 14.687  -7.462  1.00 24.11 ? 59  PRO A C   1 
ATOM   281  O O   . PRO A 1 59  ? -25.501 14.524  -8.436  1.00 24.65 ? 59  PRO A O   1 
ATOM   282  C CB  . PRO A 1 59  ? -28.784 14.737  -7.857  1.00 28.16 ? 59  PRO A CB  1 
ATOM   283  C CG  . PRO A 1 59  ? -29.615 15.033  -6.638  1.00 29.54 ? 59  PRO A CG  1 
ATOM   284  C CD  . PRO A 1 59  ? -29.329 13.942  -5.628  1.00 33.16 ? 59  PRO A CD  1 
ATOM   285  N N   . THR A 1 60  ? -25.961 15.526  -6.474  1.00 26.02 ? 60  THR A N   1 
ATOM   286  C CA  . THR A 1 60  ? -24.717 16.287  -6.534  1.00 26.35 ? 60  THR A CA  1 
ATOM   287  C C   . THR A 1 60  ? -23.542 15.288  -6.395  1.00 27.64 ? 60  THR A C   1 
ATOM   288  O O   . THR A 1 60  ? -22.576 15.356  -7.158  1.00 26.95 ? 60  THR A O   1 
ATOM   289  C CB  . THR A 1 60  ? -24.711 17.472  -5.564  1.00 26.89 ? 60  THR A CB  1 
ATOM   290  O OG1 . THR A 1 60  ? -25.676 18.477  -5.912  1.00 24.58 ? 60  THR A OG1 1 
ATOM   291  C CG2 . THR A 1 60  ? -23.362 18.161  -5.525  1.00 25.57 ? 60  THR A CG2 1 
ATOM   292  N N   . PHE A 1 61  ? -23.659 14.337  -5.474  1.00 30.87 ? 61  PHE A N   1 
ATOM   293  C CA  . PHE A 1 61  ? -22.697 13.241  -5.372  1.00 32.84 ? 61  PHE A CA  1 
ATOM   294  C C   . PHE A 1 61  ? -22.407 12.707  -6.773  1.00 35.52 ? 61  PHE A C   1 
ATOM   295  O O   . PHE A 1 61  ? -21.248 12.578  -7.138  1.00 31.30 ? 61  PHE A O   1 
ATOM   296  C CB  . PHE A 1 61  ? -23.199 12.075  -4.524  1.00 34.11 ? 61  PHE A CB  1 
ATOM   297  C CG  . PHE A 1 61  ? -22.276 10.874  -4.502  1.00 34.82 ? 61  PHE A CG  1 
ATOM   298  C CD1 . PHE A 1 61  ? -21.174 10.835  -3.650  1.00 36.04 ? 61  PHE A CD1 1 
ATOM   299  C CD2 . PHE A 1 61  ? -22.476 9.798   -5.361  1.00 35.39 ? 61  PHE A CD2 1 
ATOM   300  C CE1 . PHE A 1 61  ? -20.314 9.742   -3.646  1.00 33.18 ? 61  PHE A CE1 1 
ATOM   301  C CE2 . PHE A 1 61  ? -21.631 8.691   -5.338  1.00 39.83 ? 61  PHE A CE2 1 
ATOM   302  C CZ  . PHE A 1 61  ? -20.553 8.664   -4.466  1.00 37.28 ? 61  PHE A CZ  1 
ATOM   303  N N   . TYR A 1 62  ? -23.461 12.398  -7.541  1.00 35.57 ? 62  TYR A N   1 
ATOM   304  C CA  . TYR A 1 62  ? -23.300 11.617  -8.782  1.00 35.39 ? 62  TYR A CA  1 
ATOM   305  C C   . TYR A 1 62  ? -22.633 12.463  -9.858  1.00 33.42 ? 62  TYR A C   1 
ATOM   306  O O   . TYR A 1 62  ? -22.121 11.950  -10.839 1.00 40.10 ? 62  TYR A O   1 
ATOM   307  C CB  . TYR A 1 62  ? -24.635 11.050  -9.266  1.00 37.70 ? 62  TYR A CB  1 
ATOM   308  C CG  . TYR A 1 62  ? -25.076 9.814   -8.534  1.00 38.48 ? 62  TYR A CG  1 
ATOM   309  C CD1 . TYR A 1 62  ? -24.354 8.634   -8.651  1.00 36.93 ? 62  TYR A CD1 1 
ATOM   310  C CD2 . TYR A 1 62  ? -26.220 9.803   -7.758  1.00 41.77 ? 62  TYR A CD2 1 
ATOM   311  C CE1 . TYR A 1 62  ? -24.769 7.473   -8.027  1.00 31.55 ? 62  TYR A CE1 1 
ATOM   312  C CE2 . TYR A 1 62  ? -26.623 8.652   -7.091  1.00 45.54 ? 62  TYR A CE2 1 
ATOM   313  C CZ  . TYR A 1 62  ? -25.880 7.484   -7.220  1.00 40.94 ? 62  TYR A CZ  1 
ATOM   314  O OH  . TYR A 1 62  ? -26.229 6.340   -6.557  1.00 43.26 ? 62  TYR A OH  1 
ATOM   315  N N   . PHE A 1 63  ? -22.638 13.775  -9.669  1.00 32.10 ? 63  PHE A N   1 
ATOM   316  C CA  . PHE A 1 63  ? -21.855 14.613  -10.487 1.00 33.30 ? 63  PHE A CA  1 
ATOM   317  C C   . PHE A 1 63  ? -20.364 14.290  -10.305 1.00 34.86 ? 63  PHE A C   1 
ATOM   318  O O   . PHE A 1 63  ? -19.625 14.353  -11.233 1.00 34.74 ? 63  PHE A O   1 
ATOM   319  C CB  . PHE A 1 63  ? -22.070 16.080  -10.138 1.00 30.74 ? 63  PHE A CB  1 
ATOM   320  C CG  . PHE A 1 63  ? -21.324 17.024  -11.030 1.00 29.74 ? 63  PHE A CG  1 
ATOM   321  C CD1 . PHE A 1 63  ? -21.788 17.284  -12.311 1.00 32.21 ? 63  PHE A CD1 1 
ATOM   322  C CD2 . PHE A 1 63  ? -20.148 17.621  -10.613 1.00 33.21 ? 63  PHE A CD2 1 
ATOM   323  C CE1 . PHE A 1 63  ? -21.121 18.171  -13.137 1.00 30.72 ? 63  PHE A CE1 1 
ATOM   324  C CE2 . PHE A 1 63  ? -19.457 18.490  -11.448 1.00 32.40 ? 63  PHE A CE2 1 
ATOM   325  C CZ  . PHE A 1 63  ? -19.950 18.766  -12.707 1.00 36.96 ? 63  PHE A CZ  1 
ATOM   326  N N   . TYR A 1 64  ? -19.927 14.061  -9.071  1.00 35.27 ? 64  TYR A N   1 
ATOM   327  C CA  . TYR A 1 64  ? -18.468 13.921  -8.781  1.00 37.62 ? 64  TYR A CA  1 
ATOM   328  C C   . TYR A 1 64  ? -18.007 12.472  -8.928  1.00 32.87 ? 64  TYR A C   1 
ATOM   329  O O   . TYR A 1 64  ? -16.846 12.244  -9.229  1.00 38.99 ? 64  TYR A O   1 
ATOM   330  C CB  . TYR A 1 64  ? -18.159 14.437  -7.376  1.00 36.06 ? 64  TYR A CB  1 
ATOM   331  C CG  . TYR A 1 64  ? -18.288 15.930  -7.257  1.00 33.86 ? 64  TYR A CG  1 
ATOM   332  C CD1 . TYR A 1 64  ? -17.303 16.773  -7.720  1.00 32.50 ? 64  TYR A CD1 1 
ATOM   333  C CD2 . TYR A 1 64  ? -19.445 16.500  -6.760  1.00 34.46 ? 64  TYR A CD2 1 
ATOM   334  C CE1 . TYR A 1 64  ? -17.422 18.151  -7.624  1.00 37.03 ? 64  TYR A CE1 1 
ATOM   335  C CE2 . TYR A 1 64  ? -19.610 17.872  -6.704  1.00 35.60 ? 64  TYR A CE2 1 
ATOM   336  C CZ  . TYR A 1 64  ? -18.585 18.701  -7.115  1.00 39.36 ? 64  TYR A CZ  1 
ATOM   337  O OH  . TYR A 1 64  ? -18.761 20.043  -7.017  1.00 39.05 ? 64  TYR A OH  1 
ATOM   338  N N   . PHE A 1 65  ? -18.869 11.491  -8.639  1.00 31.57 ? 65  PHE A N   1 
ATOM   339  C CA  . PHE A 1 65  ? -18.476 10.088  -8.739  1.00 33.00 ? 65  PHE A CA  1 
ATOM   340  C C   . PHE A 1 65  ? -19.657 9.302   -9.270  1.00 36.11 ? 65  PHE A C   1 
ATOM   341  O O   . PHE A 1 65  ? -20.804 9.603   -8.943  1.00 35.75 ? 65  PHE A O   1 
ATOM   342  C CB  . PHE A 1 65  ? -18.035 9.480   -7.388  1.00 31.18 ? 65  PHE A CB  1 
ATOM   343  C CG  . PHE A 1 65  ? -16.805 10.107  -6.792  1.00 33.83 ? 65  PHE A CG  1 
ATOM   344  C CD1 . PHE A 1 65  ? -15.538 9.613   -7.091  1.00 35.76 ? 65  PHE A CD1 1 
ATOM   345  C CD2 . PHE A 1 65  ? -16.903 11.219  -5.965  1.00 33.30 ? 65  PHE A CD2 1 
ATOM   346  C CE1 . PHE A 1 65  ? -14.396 10.215  -6.580  1.00 32.56 ? 65  PHE A CE1 1 
ATOM   347  C CE2 . PHE A 1 65  ? -15.762 11.816  -5.453  1.00 34.51 ? 65  PHE A CE2 1 
ATOM   348  C CZ  . PHE A 1 65  ? -14.513 11.312  -5.754  1.00 33.75 ? 65  PHE A CZ  1 
ATOM   349  N N   . PRO A 1 66  ? -19.403 8.301   -10.137 1.00 39.76 ? 66  PRO A N   1 
ATOM   350  C CA  . PRO A 1 66  ? -20.469 7.428   -10.627 1.00 40.79 ? 66  PRO A CA  1 
ATOM   351  C C   . PRO A 1 66  ? -21.008 6.430   -9.595  1.00 47.78 ? 66  PRO A C   1 
ATOM   352  O O   . PRO A 1 66  ? -22.091 5.861   -9.796  1.00 46.93 ? 66  PRO A O   1 
ATOM   353  C CB  . PRO A 1 66  ? -19.837 6.698   -11.826 1.00 43.00 ? 66  PRO A CB  1 
ATOM   354  C CG  . PRO A 1 66  ? -18.330 6.849   -11.660 1.00 46.36 ? 66  PRO A CG  1 
ATOM   355  C CD  . PRO A 1 66  ? -18.117 8.100   -10.834 1.00 42.86 ? 66  PRO A CD  1 
ATOM   356  N N   . SER A 1 67  ? -20.273 6.216   -8.498  1.00 39.51 ? 67  SER A N   1 
ATOM   357  C CA  . SER A 1 67  ? -20.564 5.102   -7.597  1.00 42.14 ? 67  SER A CA  1 
ATOM   358  C C   . SER A 1 67  ? -19.668 5.180   -6.361  1.00 38.09 ? 67  SER A C   1 
ATOM   359  O O   . SER A 1 67  ? -18.624 5.840   -6.374  1.00 32.25 ? 67  SER A O   1 
ATOM   360  C CB  . SER A 1 67  ? -20.382 3.773   -8.283  1.00 43.28 ? 67  SER A CB  1 
ATOM   361  O OG  . SER A 1 67  ? -19.017 3.532   -8.558  1.00 49.53 ? 67  SER A OG  1 
ATOM   362  N N   . LYS A 1 68  ? -20.112 4.523   -5.297  1.00 39.36 ? 68  LYS A N   1 
ATOM   363  C CA  . LYS A 1 68  ? -19.345 4.488   -4.084  1.00 43.80 ? 68  LYS A CA  1 
ATOM   364  C C   . LYS A 1 68  ? -18.074 3.662   -4.332  1.00 44.81 ? 68  LYS A C   1 
ATOM   365  O O   . LYS A 1 68  ? -17.046 3.927   -3.677  1.00 40.02 ? 68  LYS A O   1 
ATOM   366  C CB  . LYS A 1 68  ? -20.185 3.938   -2.934  1.00 42.12 ? 68  LYS A CB  1 
ATOM   367  C CG  . LYS A 1 68  ? -20.563 2.475   -3.068  1.00 46.87 ? 68  LYS A CG  1 
ATOM   368  C CD  . LYS A 1 68  ? -21.522 2.070   -1.996  1.00 47.38 ? 68  LYS A CD  1 
ATOM   369  C CE  . LYS A 1 68  ? -21.958 0.626   -2.081  1.00 49.57 ? 68  LYS A CE  1 
ATOM   370  N NZ  . LYS A 1 68  ? -22.657 0.230   -0.834  1.00 48.04 ? 68  LYS A NZ  1 
ATOM   371  N N   . GLU A 1 69  ? -18.150 2.709   -5.284  1.00 40.07 ? 69  GLU A N   1 
ATOM   372  C CA  . GLU A 1 69  ? -17.008 1.894   -5.712  1.00 39.63 ? 69  GLU A CA  1 
ATOM   373  C C   . GLU A 1 69  ? -15.958 2.832   -6.293  1.00 39.07 ? 69  GLU A C   1 
ATOM   374  O O   . GLU A 1 69  ? -14.798 2.697   -6.005  1.00 39.61 ? 69  GLU A O   1 
ATOM   375  C CB  . GLU A 1 69  ? -17.379 0.825   -6.741  1.00 38.19 ? 69  GLU A CB  1 
ATOM   376  C CG  . GLU A 1 69  ? -18.190 -0.338  -6.172  1.00 41.70 ? 69  GLU A CG  1 
ATOM   377  C CD  . GLU A 1 69  ? -19.660 -0.041  -5.876  1.00 43.46 ? 69  GLU A CD  1 
ATOM   378  O OE1 . GLU A 1 69  ? -20.167 1.036   -6.285  1.00 41.00 ? 69  GLU A OE1 1 
ATOM   379  O OE2 . GLU A 1 69  ? -20.284 -0.856  -5.191  1.00 47.61 ? 69  GLU A OE2 1 
ATOM   380  N N   . ALA A 1 70  ? -16.410 3.836   -7.052  1.00 35.72 ? 70  ALA A N   1 
ATOM   381  C CA  . ALA A 1 70  ? -15.495 4.758   -7.674  1.00 31.58 ? 70  ALA A CA  1 
ATOM   382  C C   . ALA A 1 70  ? -14.799 5.627   -6.632  1.00 29.07 ? 70  ALA A C   1 
ATOM   383  O O   . ALA A 1 70  ? -13.640 6.063   -6.851  1.00 29.34 ? 70  ALA A O   1 
ATOM   384  C CB  . ALA A 1 70  ? -16.204 5.597   -8.713  1.00 33.63 ? 70  ALA A CB  1 
ATOM   385  N N   . VAL A 1 71  ? -15.500 5.920   -5.534  1.00 30.41 ? 71  VAL A N   1 
ATOM   386  C CA  . VAL A 1 71  ? -14.906 6.692   -4.433  1.00 30.01 ? 71  VAL A CA  1 
ATOM   387  C C   . VAL A 1 71  ? -13.723 5.908   -3.833  1.00 28.16 ? 71  VAL A C   1 
ATOM   388  O O   . VAL A 1 71  ? -12.664 6.471   -3.574  1.00 27.85 ? 71  VAL A O   1 
ATOM   389  C CB  . VAL A 1 71  ? -15.957 7.076   -3.375  1.00 32.14 ? 71  VAL A CB  1 
ATOM   390  C CG1 . VAL A 1 71  ? -15.331 7.803   -2.181  1.00 31.55 ? 71  VAL A CG1 1 
ATOM   391  C CG2 . VAL A 1 71  ? -17.062 7.934   -3.998  1.00 29.25 ? 71  VAL A CG2 1 
ATOM   392  N N   . LEU A 1 72  ? -13.916 4.615   -3.600  1.00 29.90 ? 72  LEU A N   1 
ATOM   393  C CA  . LEU A 1 72  ? -12.847 3.783   -2.993  1.00 30.05 ? 72  LEU A CA  1 
ATOM   394  C C   . LEU A 1 72  ? -11.630 3.718   -3.917  1.00 31.66 ? 72  LEU A C   1 
ATOM   395  O O   . LEU A 1 72  ? -10.466 3.835   -3.450  1.00 31.81 ? 72  LEU A O   1 
ATOM   396  C CB  . LEU A 1 72  ? -13.392 2.383   -2.738  1.00 31.97 ? 72  LEU A CB  1 
ATOM   397  C CG  . LEU A 1 72  ? -12.343 1.348   -2.342  1.00 31.42 ? 72  LEU A CG  1 
ATOM   398  C CD1 . LEU A 1 72  ? -11.563 1.816   -1.115  1.00 30.79 ? 72  LEU A CD1 1 
ATOM   399  C CD2 . LEU A 1 72  ? -13.003 0.007   -2.079  1.00 32.71 ? 72  LEU A CD2 1 
ATOM   400  N N   . LEU A 1 73  ? -11.895 3.523   -5.221  1.00 31.46 ? 73  LEU A N   1 
ATOM   401  C CA  . LEU A 1 73  ? -10.869 3.487   -6.221  1.00 32.29 ? 73  LEU A CA  1 
ATOM   402  C C   . LEU A 1 73  ? -10.006 4.732   -6.095  1.00 28.21 ? 73  LEU A C   1 
ATOM   403  O O   . LEU A 1 73  ? -8.769  4.609   -6.088  1.00 28.11 ? 73  LEU A O   1 
ATOM   404  C CB  . LEU A 1 73  ? -11.452 3.377   -7.638  1.00 32.72 ? 73  LEU A CB  1 
ATOM   405  C CG  . LEU A 1 73  ? -10.415 3.396   -8.759  1.00 35.20 ? 73  LEU A CG  1 
ATOM   406  C CD1 . LEU A 1 73  ? -9.461  2.200   -8.645  1.00 32.19 ? 73  LEU A CD1 1 
ATOM   407  C CD2 . LEU A 1 73  ? -11.076 3.420   -10.133 1.00 36.42 ? 73  LEU A CD2 1 
ATOM   408  N N   . THR A 1 74  ? -10.629 5.922   -5.993  1.00 28.35 ? 74  THR A N   1 
ATOM   409  C CA  . THR A 1 74  ? -9.852  7.184   -5.879  1.00 25.54 ? 74  THR A CA  1 
ATOM   410  C C   . THR A 1 74  ? -9.055  7.224   -4.583  1.00 25.90 ? 74  THR A C   1 
ATOM   411  O O   . THR A 1 74  ? -7.917  7.704   -4.552  1.00 27.02 ? 74  THR A O   1 
ATOM   412  C CB  . THR A 1 74  ? -10.768 8.419   -5.936  1.00 28.97 ? 74  THR A CB  1 
ATOM   413  O OG1 . THR A 1 74  ? -11.511 8.275   -7.141  1.00 32.14 ? 74  THR A OG1 1 
ATOM   414  C CG2 . THR A 1 74  ? -10.042 9.738   -5.923  1.00 27.37 ? 74  THR A CG2 1 
ATOM   415  N N   . LEU A 1 75  ? -9.673  6.776   -3.478  1.00 27.94 ? 75  LEU A N   1 
ATOM   416  C CA  . LEU A 1 75  ? -8.987  6.801   -2.191  1.00 29.69 ? 75  LEU A CA  1 
ATOM   417  C C   . LEU A 1 75  ? -7.759  5.878   -2.289  1.00 25.57 ? 75  LEU A C   1 
ATOM   418  O O   . LEU A 1 75  ? -6.678  6.255   -1.850  1.00 27.42 ? 75  LEU A O   1 
ATOM   419  C CB  . LEU A 1 75  ? -9.909  6.337   -1.063  1.00 28.41 ? 75  LEU A CB  1 
ATOM   420  C CG  . LEU A 1 75  ? -10.961 7.347   -0.605  1.00 27.41 ? 75  LEU A CG  1 
ATOM   421  C CD1 . LEU A 1 75  ? -12.028 6.669   0.257   1.00 28.93 ? 75  LEU A CD1 1 
ATOM   422  C CD2 . LEU A 1 75  ? -10.304 8.486   0.131   1.00 29.14 ? 75  LEU A CD2 1 
ATOM   423  N N   . LEU A 1 76  ? -7.951  4.713   -2.893  1.00 24.71 ? 76  LEU A N   1 
ATOM   424  C CA  . LEU A 1 76  ? -6.847  3.745   -3.015  1.00 27.15 ? 76  LEU A CA  1 
ATOM   425  C C   . LEU A 1 76  ? -5.761  4.323   -3.909  1.00 28.64 ? 76  LEU A C   1 
ATOM   426  O O   . LEU A 1 76  ? -4.590  4.177   -3.621  1.00 29.13 ? 76  LEU A O   1 
ATOM   427  C CB  . LEU A 1 76  ? -7.349  2.426   -3.566  1.00 27.46 ? 76  LEU A CB  1 
ATOM   428  C CG  . LEU A 1 76  ? -6.271  1.356   -3.684  1.00 28.27 ? 76  LEU A CG  1 
ATOM   429  C CD1 . LEU A 1 76  ? -5.626  1.110   -2.332  1.00 28.46 ? 76  LEU A CD1 1 
ATOM   430  C CD2 . LEU A 1 76  ? -6.844  0.076   -4.237  1.00 29.75 ? 76  LEU A CD2 1 
ATOM   431  N N   . ASP A 1 77  ? -6.170  5.019   -4.987  1.00 28.77 ? 77  ASP A N   1 
ATOM   432  C CA  . ASP A 1 77  ? -5.231  5.641   -5.933  1.00 28.96 ? 77  ASP A CA  1 
ATOM   433  C C   . ASP A 1 77  ? -4.344  6.631   -5.183  1.00 27.35 ? 77  ASP A C   1 
ATOM   434  O O   . ASP A 1 77  ? -3.137  6.672   -5.359  1.00 28.01 ? 77  ASP A O   1 
ATOM   435  C CB  . ASP A 1 77  ? -5.976  6.308   -7.110  1.00 32.66 ? 77  ASP A CB  1 
ATOM   436  C CG  . ASP A 1 77  ? -5.065  6.792   -8.217  1.00 35.16 ? 77  ASP A CG  1 
ATOM   437  O OD1 . ASP A 1 77  ? -4.687  5.986   -9.057  1.00 39.25 ? 77  ASP A OD1 1 
ATOM   438  O OD2 . ASP A 1 77  ? -4.655  7.939   -8.157  1.00 41.67 ? 77  ASP A OD2 1 
ATOM   439  N N   . ARG A 1 78  ? -4.957  7.454   -4.338  1.00 26.77 ? 78  ARG A N   1 
ATOM   440  C CA  . ARG A 1 78  ? -4.218  8.454   -3.580  1.00 29.62 ? 78  ARG A CA  1 
ATOM   441  C C   . ARG A 1 78  ? -3.213  7.780   -2.637  1.00 27.46 ? 78  ARG A C   1 
ATOM   442  O O   . ARG A 1 78  ? -2.065  8.271   -2.450  1.00 25.01 ? 78  ARG A O   1 
ATOM   443  C CB  . ARG A 1 78  ? -5.219  9.350   -2.842  1.00 33.91 ? 78  ARG A CB  1 
ATOM   444  C CG  . ARG A 1 78  ? -4.631  10.317  -1.827  1.00 45.51 ? 78  ARG A CG  1 
ATOM   445  C CD  . ARG A 1 78  ? -5.743  11.035  -1.057  1.00 53.80 ? 78  ARG A CD  1 
ATOM   446  N NE  . ARG A 1 78  ? -6.463  10.185  -0.101  1.00 63.78 ? 78  ARG A NE  1 
ATOM   447  C CZ  . ARG A 1 78  ? -5.983  9.792   1.088   1.00 62.65 ? 78  ARG A CZ  1 
ATOM   448  N NH1 . ARG A 1 78  ? -4.691  9.913   1.374   1.00 58.86 ? 78  ARG A NH1 1 
ATOM   449  N NH2 . ARG A 1 78  ? -6.806  9.282   1.985   1.00 53.55 ? 78  ARG A NH2 1 
ATOM   450  N N   . VAL A 1 79  ? -3.639  6.695   -1.989  1.00 26.38 ? 79  VAL A N   1 
ATOM   451  C CA  . VAL A 1 79  ? -2.740  6.050   -0.956  1.00 28.60 ? 79  VAL A CA  1 
ATOM   452  C C   . VAL A 1 79  ? -1.541  5.400   -1.661  1.00 27.25 ? 79  VAL A C   1 
ATOM   453  O O   . VAL A 1 79  ? -0.382  5.525   -1.231  1.00 27.88 ? 79  VAL A O   1 
ATOM   454  C CB  . VAL A 1 79  ? -3.490  5.026   -0.075  1.00 29.51 ? 79  VAL A CB  1 
ATOM   455  C CG1 . VAL A 1 79  ? -2.535  4.173   0.764   1.00 29.76 ? 79  VAL A CG1 1 
ATOM   456  C CG2 . VAL A 1 79  ? -4.481  5.710   0.848   1.00 28.01 ? 79  VAL A CG2 1 
ATOM   457  N N   . VAL A 1 80  ? -1.835  4.673   -2.735  1.00 24.95 ? 80  VAL A N   1 
ATOM   458  C CA  . VAL A 1 80  ? -0.834  3.997   -3.533  1.00 26.91 ? 80  VAL A CA  1 
ATOM   459  C C   . VAL A 1 80  ? 0.173   5.004   -4.096  1.00 27.21 ? 80  VAL A C   1 
ATOM   460  O O   . VAL A 1 80  ? 1.387   4.827   -4.027  1.00 24.77 ? 80  VAL A O   1 
ATOM   461  C CB  . VAL A 1 80  ? -1.596  3.170   -4.578  1.00 31.44 ? 80  VAL A CB  1 
ATOM   462  C CG1 . VAL A 1 80  ? -0.843  2.939   -5.847  1.00 33.63 ? 80  VAL A CG1 1 
ATOM   463  C CG2 . VAL A 1 80  ? -2.115  1.871   -3.977  1.00 31.65 ? 80  VAL A CG2 1 
ATOM   464  N N   . ASN A 1 81  ? -0.323  6.134   -4.608  1.00 27.28 ? 81  ASN A N   1 
ATOM   465  C CA  . ASN A 1 81  ? 0.581   7.177   -5.143  1.00 27.11 ? 81  ASN A CA  1 
ATOM   466  C C   . ASN A 1 81  ? 1.374   7.876   -4.042  1.00 25.36 ? 81  ASN A C   1 
ATOM   467  O O   . ASN A 1 81  ? 2.521   8.236   -4.272  1.00 25.50 ? 81  ASN A O   1 
ATOM   468  C CB  . ASN A 1 81  ? -0.150  8.226   -5.995  1.00 28.84 ? 81  ASN A CB  1 
ATOM   469  C CG  . ASN A 1 81  ? -0.321  7.706   -7.403  1.00 29.89 ? 81  ASN A CG  1 
ATOM   470  O OD1 . ASN A 1 81  ? 0.632   7.756   -8.166  1.00 31.09 ? 81  ASN A OD1 1 
ATOM   471  N ND2 . ASN A 1 81  ? -1.469  7.108   -7.698  1.00 31.33 ? 81  ASN A ND2 1 
ATOM   472  N N   . GLN A 1 82  ? 0.793   8.030   -2.859  1.00 25.64 ? 82  GLN A N   1 
ATOM   473  C CA  . GLN A 1 82  ? 1.516   8.610   -1.748  1.00 26.67 ? 82  GLN A CA  1 
ATOM   474  C C   . GLN A 1 82  ? 2.703   7.700   -1.380  1.00 25.86 ? 82  GLN A C   1 
ATOM   475  O O   . GLN A 1 82  ? 3.796   8.143   -1.140  1.00 22.72 ? 82  GLN A O   1 
ATOM   476  C CB  . GLN A 1 82  ? 0.551   8.779   -0.577  1.00 33.41 ? 82  GLN A CB  1 
ATOM   477  C CG  . GLN A 1 82  ? 1.217   9.180   0.729   1.00 39.76 ? 82  GLN A CG  1 
ATOM   478  C CD  . GLN A 1 82  ? 0.216   9.337   1.854   1.00 46.25 ? 82  GLN A CD  1 
ATOM   479  O OE1 . GLN A 1 82  ? -1.008  9.327   1.662   1.00 50.40 ? 82  GLN A OE1 1 
ATOM   480  N NE2 . GLN A 1 82  ? 0.756   9.441   3.051   1.00 43.38 ? 82  GLN A NE2 1 
ATOM   481  N N   . ALA A 1 83  ? 2.470   6.395   -1.349  1.00 22.84 ? 83  ALA A N   1 
ATOM   482  C CA  . ALA A 1 83  ? 3.550   5.455   -1.030  1.00 22.72 ? 83  ALA A CA  1 
ATOM   483  C C   . ALA A 1 83  ? 4.643   5.560   -2.100  1.00 21.62 ? 83  ALA A C   1 
ATOM   484  O O   . ALA A 1 83  ? 5.829   5.567   -1.807  1.00 23.12 ? 83  ALA A O   1 
ATOM   485  C CB  . ALA A 1 83  ? 2.970   4.054   -0.967  1.00 23.48 ? 83  ALA A CB  1 
ATOM   486  N N   . ASP A 1 84  ? 4.199   5.543   -3.366  1.00 23.67 ? 84  ASP A N   1 
ATOM   487  C CA  . ASP A 1 84  ? 5.091   5.545   -4.497  1.00 22.94 ? 84  ASP A CA  1 
ATOM   488  C C   . ASP A 1 84  ? 5.950   6.817   -4.465  1.00 23.03 ? 84  ASP A C   1 
ATOM   489  O O   . ASP A 1 84  ? 7.147   6.744   -4.643  1.00 23.04 ? 84  ASP A O   1 
ATOM   490  C CB  . ASP A 1 84  ? 4.312   5.411   -5.807  1.00 25.23 ? 84  ASP A CB  1 
ATOM   491  C CG  . ASP A 1 84  ? 5.224   5.164   -6.979  1.00 30.83 ? 84  ASP A CG  1 
ATOM   492  O OD1 . ASP A 1 84  ? 6.056   4.203   -6.906  1.00 25.23 ? 84  ASP A OD1 1 
ATOM   493  O OD2 . ASP A 1 84  ? 5.142   5.961   -7.919  1.00 30.47 ? 84  ASP A OD2 1 
ATOM   494  N N   . MET A 1 85  ? 5.317   7.978   -4.233  1.00 23.49 ? 85  MET A N   1 
ATOM   495  C CA  . MET A 1 85  ? 6.079   9.255   -4.179  1.00 29.95 ? 85  MET A CA  1 
ATOM   496  C C   . MET A 1 85  ? 7.094   9.257   -3.023  1.00 28.53 ? 85  MET A C   1 
ATOM   497  O O   . MET A 1 85  ? 8.213   9.732   -3.187  1.00 28.34 ? 85  MET A O   1 
ATOM   498  C CB  . MET A 1 85  ? 5.128   10.453  -4.097  1.00 36.11 ? 85  MET A CB  1 
ATOM   499  C CG  . MET A 1 85  ? 4.560   10.808  -5.482  1.00 44.43 ? 85  MET A CG  1 
ATOM   500  S SD  . MET A 1 85  ? 3.339   12.149  -5.462  1.00 60.58 ? 85  MET A SD  1 
ATOM   501  C CE  . MET A 1 85  ? 1.921   11.342  -4.702  1.00 57.02 ? 85  MET A CE  1 
ATOM   502  N N   . ALA A 1 86  ? 6.722   8.701   -1.865  1.00 28.73 ? 86  ALA A N   1 
ATOM   503  C CA  . ALA A 1 86  ? 7.612   8.630   -0.750  1.00 31.79 ? 86  ALA A CA  1 
ATOM   504  C C   . ALA A 1 86  ? 8.786   7.719   -1.103  1.00 29.13 ? 86  ALA A C   1 
ATOM   505  O O   . ALA A 1 86  ? 9.918   8.042   -0.805  1.00 25.30 ? 86  ALA A O   1 
ATOM   506  C CB  . ALA A 1 86  ? 6.888   8.153   0.478   1.00 34.10 ? 86  ALA A CB  1 
ATOM   507  N N   . LEU A 1 87  ? 8.523   6.597   -1.767  1.00 27.07 ? 87  LEU A N   1 
ATOM   508  C CA  . LEU A 1 87  ? 9.631   5.728   -2.142  1.00 27.87 ? 87  LEU A CA  1 
ATOM   509  C C   . LEU A 1 87  ? 10.541  6.476   -3.142  1.00 29.20 ? 87  LEU A C   1 
ATOM   510  O O   . LEU A 1 87  ? 11.747  6.432   -2.992  1.00 27.24 ? 87  LEU A O   1 
ATOM   511  C CB  . LEU A 1 87  ? 9.109   4.413   -2.714  1.00 26.47 ? 87  LEU A CB  1 
ATOM   512  C CG  . LEU A 1 87  ? 10.178  3.443   -3.217  1.00 28.05 ? 87  LEU A CG  1 
ATOM   513  C CD1 . LEU A 1 87  ? 11.129  3.004   -2.111  1.00 28.18 ? 87  LEU A CD1 1 
ATOM   514  C CD2 . LEU A 1 87  ? 9.528   2.215   -3.838  1.00 28.07 ? 87  LEU A CD2 1 
ATOM   515  N N   . GLN A 1 88  ? 9.961   7.189   -4.122  1.00 26.82 ? 88  GLN A N   1 
ATOM   516  C CA  . GLN A 1 88  ? 10.795  8.006   -5.119  1.00 31.95 ? 88  GLN A CA  1 
ATOM   517  C C   . GLN A 1 88  ? 11.722  8.971   -4.374  1.00 32.18 ? 88  GLN A C   1 
ATOM   518  O O   . GLN A 1 88  ? 12.851  9.194   -4.797  1.00 29.29 ? 88  GLN A O   1 
ATOM   519  C CB  . GLN A 1 88  ? 9.953   8.838   -6.086  1.00 32.58 ? 88  GLN A CB  1 
ATOM   520  C CG  . GLN A 1 88  ? 9.172   7.988   -7.085  1.00 39.20 ? 88  GLN A CG  1 
ATOM   521  C CD  . GLN A 1 88  ? 8.224   8.825   -7.904  1.00 45.92 ? 88  GLN A CD  1 
ATOM   522  O OE1 . GLN A 1 88  ? 8.631   9.810   -8.515  1.00 49.23 ? 88  GLN A OE1 1 
ATOM   523  N NE2 . GLN A 1 88  ? 6.951   8.446   -7.919  1.00 51.57 ? 88  GLN A NE2 1 
ATOM   524  N N   . THR A 1 89  ? 11.238  9.547   -3.264  1.00 33.28 ? 89  THR A N   1 
ATOM   525  C CA  . THR A 1 89  ? 12.031  10.535  -2.509  1.00 35.33 ? 89  THR A CA  1 
ATOM   526  C C   . THR A 1 89  ? 13.250  9.885   -1.865  1.00 37.94 ? 89  THR A C   1 
ATOM   527  O O   . THR A 1 89  ? 14.363  10.441  -1.813  1.00 38.08 ? 89  THR A O   1 
ATOM   528  C CB  . THR A 1 89  ? 11.178  11.173  -1.417  1.00 38.74 ? 89  THR A CB  1 
ATOM   529  O OG1 . THR A 1 89  ? 10.101  11.810  -2.107  1.00 37.10 ? 89  THR A OG1 1 
ATOM   530  C CG2 . THR A 1 89  ? 11.958  12.138  -0.552  1.00 42.53 ? 89  THR A CG2 1 
ATOM   531  N N   . LEU A 1 90  ? 13.011  8.700   -1.319  1.00 37.25 ? 90  LEU A N   1 
ATOM   532  C CA  . LEU A 1 90  ? 14.023  7.933   -0.702  1.00 37.04 ? 90  LEU A CA  1 
ATOM   533  C C   . LEU A 1 90  ? 15.079  7.516   -1.726  1.00 36.46 ? 90  LEU A C   1 
ATOM   534  O O   . LEU A 1 90  ? 16.270  7.588   -1.432  1.00 42.85 ? 90  LEU A O   1 
ATOM   535  C CB  . LEU A 1 90  ? 13.330  6.734   -0.057  1.00 38.29 ? 90  LEU A CB  1 
ATOM   536  C CG  . LEU A 1 90  ? 14.081  6.058   1.075   1.00 42.60 ? 90  LEU A CG  1 
ATOM   537  C CD1 . LEU A 1 90  ? 14.659  7.083   2.049   1.00 42.12 ? 90  LEU A CD1 1 
ATOM   538  C CD2 . LEU A 1 90  ? 13.155  5.064   1.765   1.00 39.83 ? 90  LEU A CD2 1 
ATOM   539  N N   . ALA A 1 91  ? 14.631  7.088   -2.918  1.00 39.25 ? 91  ALA A N   1 
ATOM   540  C CA  . ALA A 1 91  ? 15.472  6.600   -4.023  1.00 42.49 ? 91  ALA A CA  1 
ATOM   541  C C   . ALA A 1 91  ? 16.393  7.706   -4.564  1.00 50.99 ? 91  ALA A C   1 
ATOM   542  O O   . ALA A 1 91  ? 17.448  7.406   -5.109  1.00 46.51 ? 91  ALA A O   1 
ATOM   543  C CB  . ALA A 1 91  ? 14.586  6.110   -5.143  1.00 40.15 ? 91  ALA A CB  1 
ATOM   544  N N   . GLU A 1 92  ? 15.922  8.961   -4.516  1.00 49.28 ? 92  GLU A N   1 
ATOM   545  C CA  . GLU A 1 92  ? 16.690  10.129  -4.948  1.00 55.51 ? 92  GLU A CA  1 
ATOM   546  C C   . GLU A 1 92  ? 17.687  10.564  -3.860  1.00 59.61 ? 92  GLU A C   1 
ATOM   547  O O   . GLU A 1 92  ? 18.730  11.102  -4.191  1.00 65.45 ? 92  GLU A O   1 
ATOM   548  C CB  . GLU A 1 92  ? 15.741  11.274  -5.303  1.00 50.47 ? 92  GLU A CB  1 
ATOM   549  C CG  . GLU A 1 92  ? 14.943  11.032  -6.563  1.00 54.69 ? 92  GLU A CG  1 
ATOM   550  C CD  . GLU A 1 92  ? 13.734  11.945  -6.686  1.00 58.46 ? 92  GLU A CD  1 
ATOM   551  O OE1 . GLU A 1 92  ? 13.685  12.933  -5.926  1.00 56.12 ? 92  GLU A OE1 1 
ATOM   552  O OE2 . GLU A 1 92  ? 12.849  11.667  -7.535  1.00 58.28 ? 92  GLU A OE2 1 
ATOM   553  N N   . ASN A 1 93  ? 17.360  10.348  -2.576  1.00 70.58 ? 93  ASN A N   1 
ATOM   554  C CA  . ASN A 1 93  ? 18.250  10.721  -1.445  1.00 73.85 ? 93  ASN A CA  1 
ATOM   555  C C   . ASN A 1 93  ? 18.644  9.480   -0.652  1.00 80.25 ? 93  ASN A C   1 
ATOM   556  O O   . ASN A 1 93  ? 17.966  9.135   0.316   1.00 92.56 ? 93  ASN A O   1 
ATOM   557  C CB  . ASN A 1 93  ? 17.606  11.700  -0.456  1.00 70.34 ? 93  ASN A CB  1 
ATOM   558  C CG  . ASN A 1 93  ? 16.592  12.626  -1.089  1.00 69.88 ? 93  ASN A CG  1 
ATOM   559  O OD1 . ASN A 1 93  ? 15.558  12.912  -0.491  1.00 68.35 ? 93  ASN A OD1 1 
ATOM   560  N ND2 . ASN A 1 93  ? 16.870  13.086  -2.297  1.00 68.16 ? 93  ASN A ND2 1 
ATOM   561  N N   . PRO A 1 94  ? 19.747  8.777   -1.009  1.00 80.54 ? 94  PRO A N   1 
ATOM   562  C CA  . PRO A 1 94  ? 20.310  7.737   -0.134  1.00 74.86 ? 94  PRO A CA  1 
ATOM   563  C C   . PRO A 1 94  ? 20.475  8.185   1.335   1.00 75.74 ? 94  PRO A C   1 
ATOM   564  O O   . PRO A 1 94  ? 21.176  9.158   1.590   1.00 66.83 ? 94  PRO A O   1 
ATOM   565  C CB  . PRO A 1 94  ? 21.696  7.459   -0.751  1.00 66.91 ? 94  PRO A CB  1 
ATOM   566  C CG  . PRO A 1 94  ? 21.900  8.574   -1.780  1.00 73.72 ? 94  PRO A CG  1 
ATOM   567  C CD  . PRO A 1 94  ? 20.508  8.941   -2.254  1.00 69.17 ? 94  PRO A CD  1 
ATOM   568  N N   . ALA A 1 95  ? 19.801  7.507   2.283   1.00 72.35 ? 95  ALA A N   1 
ATOM   569  C CA  . ALA A 1 95  ? 20.133  7.624   3.728   1.00 66.46 ? 95  ALA A CA  1 
ATOM   570  C C   . ALA A 1 95  ? 21.458  6.877   3.975   1.00 70.08 ? 95  ALA A C   1 
ATOM   571  O O   . ALA A 1 95  ? 21.696  5.820   3.348   1.00 75.83 ? 95  ALA A O   1 
ATOM   572  C CB  . ALA A 1 95  ? 18.989  7.134   4.590   1.00 64.38 ? 95  ALA A CB  1 
ATOM   573  N N   . ASP A 1 96  ? 22.333  7.460   4.824   1.00 68.04 ? 96  ASP A N   1 
ATOM   574  C CA  . ASP A 1 96  ? 23.807  7.216   4.802   1.00 63.86 ? 96  ASP A CA  1 
ATOM   575  C C   . ASP A 1 96  ? 24.154  6.010   5.675   1.00 68.41 ? 96  ASP A C   1 
ATOM   576  O O   . ASP A 1 96  ? 24.928  6.162   6.625   1.00 75.25 ? 96  ASP A O   1 
ATOM   577  C CB  . ASP A 1 96  ? 24.609  8.437   5.285   1.00 63.64 ? 96  ASP A CB  1 
ATOM   578  N N   . THR A 1 97  ? 23.606  4.829   5.326   1.00 76.86 ? 97  THR A N   1 
ATOM   579  C CA  . THR A 1 97  ? 23.476  3.686   6.279   1.00 65.99 ? 97  THR A CA  1 
ATOM   580  C C   . THR A 1 97  ? 24.064  2.368   5.739   1.00 60.88 ? 97  THR A C   1 
ATOM   581  O O   . THR A 1 97  ? 24.570  2.247   4.595   1.00 60.57 ? 97  THR A O   1 
ATOM   582  C CB  . THR A 1 97  ? 22.019  3.455   6.732   1.00 65.50 ? 97  THR A CB  1 
ATOM   583  O OG1 . THR A 1 97  ? 21.079  3.802   5.707   1.00 52.41 ? 97  THR A OG1 1 
ATOM   584  C CG2 . THR A 1 97  ? 21.715  4.208   8.012   1.00 61.36 ? 97  THR A CG2 1 
ATOM   585  N N   . ASP A 1 98  ? 24.006  1.370   6.630   1.00 50.86 ? 98  ASP A N   1 
ATOM   586  C CA  . ASP A 1 98  ? 24.266  0.036   6.289   1.00 45.26 ? 98  ASP A CA  1 
ATOM   587  C C   . ASP A 1 98  ? 23.056  -0.510  5.527   1.00 42.01 ? 98  ASP A C   1 
ATOM   588  O O   . ASP A 1 98  ? 22.002  0.137   5.436   1.00 32.55 ? 98  ASP A O   1 
ATOM   589  C CB  . ASP A 1 98  ? 24.643  -0.786  7.525   1.00 48.94 ? 98  ASP A CB  1 
ATOM   590  C CG  . ASP A 1 98  ? 23.633  -0.869  8.656   1.00 44.69 ? 98  ASP A CG  1 
ATOM   591  O OD1 . ASP A 1 98  ? 22.415  -0.804  8.408   1.00 37.88 ? 98  ASP A OD1 1 
ATOM   592  O OD2 . ASP A 1 98  ? 24.102  -1.078  9.787   1.00 51.89 ? 98  ASP A OD2 1 
ATOM   593  N N   . ARG A 1 99  ? 23.254  -1.718  5.007   1.00 38.46 ? 99  ARG A N   1 
ATOM   594  C CA  . ARG A 1 99  ? 22.324  -2.414  4.135   1.00 37.96 ? 99  ARG A CA  1 
ATOM   595  C C   . ARG A 1 99  ? 21.027  -2.744  4.876   1.00 31.36 ? 99  ARG A C   1 
ATOM   596  O O   . ARG A 1 99  ? 19.950  -2.674  4.280   1.00 36.04 ? 99  ARG A O   1 
ATOM   597  C CB  . ARG A 1 99  ? 23.011  -3.656  3.559   1.00 35.23 ? 99  ARG A CB  1 
ATOM   598  C CG  . ARG A 1 99  ? 23.264  -4.745  4.581   1.00 38.53 ? 99  ARG A CG  1 
ATOM   599  C CD  . ARG A 1 99  ? 24.275  -5.761  4.076   1.00 38.51 ? 99  ARG A CD  1 
ATOM   600  N NE  . ARG A 1 99  ? 24.240  -6.932  4.925   1.00 39.01 ? 99  ARG A NE  1 
ATOM   601  C CZ  . ARG A 1 99  ? 25.046  -7.972  4.790   1.00 41.90 ? 99  ARG A CZ  1 
ATOM   602  N NH1 . ARG A 1 99  ? 25.996  -7.928  3.874   1.00 35.65 ? 99  ARG A NH1 1 
ATOM   603  N NH2 . ARG A 1 99  ? 24.901  -9.033  5.574   1.00 45.22 ? 99  ARG A NH2 1 
ATOM   604  N N   . GLU A 1 100 ? 21.108  -3.036  6.177   1.00 29.22 ? 100 GLU A N   1 
ATOM   605  C CA  . GLU A 1 100 ? 19.947  -3.357  6.917   1.00 31.07 ? 100 GLU A CA  1 
ATOM   606  C C   . GLU A 1 100 ? 19.039  -2.127  7.019   1.00 31.98 ? 100 GLU A C   1 
ATOM   607  O O   . GLU A 1 100 ? 17.814  -2.216  6.742   1.00 25.47 ? 100 GLU A O   1 
ATOM   608  C CB  . GLU A 1 100 ? 20.290  -3.877  8.300   1.00 33.46 ? 100 GLU A CB  1 
ATOM   609  C CG  . GLU A 1 100 ? 19.026  -4.147  9.097   1.00 40.54 ? 100 GLU A CG  1 
ATOM   610  C CD  . GLU A 1 100 ? 19.247  -4.757  10.455  1.00 50.22 ? 100 GLU A CD  1 
ATOM   611  O OE1 . GLU A 1 100 ? 20.234  -5.484  10.599  1.00 51.28 ? 100 GLU A OE1 1 
ATOM   612  O OE2 . GLU A 1 100 ? 18.421  -4.498  11.354  1.00 57.77 ? 100 GLU A OE2 1 
ATOM   613  N N   . ASN A 1 101 ? 19.621  -0.980  7.404   1.00 28.20 ? 101 ASN A N   1 
ATOM   614  C CA  . ASN A 1 101 ? 18.799  0.227   7.613   1.00 32.48 ? 101 ASN A CA  1 
ATOM   615  C C   . ASN A 1 101 ? 18.312  0.760   6.275   1.00 27.56 ? 101 ASN A C   1 
ATOM   616  O O   . ASN A 1 101 ? 17.255  1.362   6.227   1.00 32.36 ? 101 ASN A O   1 
ATOM   617  C CB  . ASN A 1 101 ? 19.432  1.338   8.464   1.00 35.10 ? 101 ASN A CB  1 
ATOM   618  C CG  . ASN A 1 101 ? 18.379  1.856   9.432   1.00 34.44 ? 101 ASN A CG  1 
ATOM   619  O OD1 . ASN A 1 101 ? 17.279  2.268   9.038   1.00 55.65 ? 101 ASN A OD1 1 
ATOM   620  N ND2 . ASN A 1 101 ? 18.628  1.700   10.714  1.00 41.82 ? 101 ASN A ND2 1 
ATOM   621  N N   . MET A 1 102 ? 19.065  0.478   5.197   1.00 29.23 ? 102 MET A N   1 
ATOM   622  C CA  . MET A 1 102 ? 18.637  0.855   3.837   1.00 29.56 ? 102 MET A CA  1 
ATOM   623  C C   . MET A 1 102 ? 17.279  0.185   3.542   1.00 29.23 ? 102 MET A C   1 
ATOM   624  O O   . MET A 1 102 ? 16.341  0.826   3.069   1.00 22.63 ? 102 MET A O   1 
ATOM   625  C CB  . MET A 1 102 ? 19.653  0.413   2.776   1.00 29.42 ? 102 MET A CB  1 
ATOM   626  C CG  . MET A 1 102 ? 19.234  0.744   1.335   1.00 32.07 ? 102 MET A CG  1 
ATOM   627  S SD  . MET A 1 102 ? 20.438  0.242   0.039   1.00 38.93 ? 102 MET A SD  1 
ATOM   628  C CE  . MET A 1 102 ? 20.214  -1.541  0.033   1.00 33.37 ? 102 MET A CE  1 
ATOM   629  N N   . TRP A 1 103 ? 17.222  -1.138  3.717   1.00 27.39 ? 103 TRP A N   1 
ATOM   630  C CA  . TRP A 1 103 ? 15.975  -1.869  3.409   1.00 26.73 ? 103 TRP A CA  1 
ATOM   631  C C   . TRP A 1 103 ? 14.867  -1.478  4.395   1.00 25.25 ? 103 TRP A C   1 
ATOM   632  O O   . TRP A 1 103 ? 13.693  -1.295  4.000   1.00 28.79 ? 103 TRP A O   1 
ATOM   633  C CB  . TRP A 1 103 ? 16.259  -3.378  3.395   1.00 26.89 ? 103 TRP A CB  1 
ATOM   634  C CG  . TRP A 1 103 ? 17.053  -3.785  2.185   1.00 26.45 ? 103 TRP A CG  1 
ATOM   635  C CD1 . TRP A 1 103 ? 18.361  -4.181  2.153   1.00 25.99 ? 103 TRP A CD1 1 
ATOM   636  C CD2 . TRP A 1 103 ? 16.609  -3.786  0.815   1.00 25.33 ? 103 TRP A CD2 1 
ATOM   637  N NE1 . TRP A 1 103 ? 18.757  -4.448  0.863   1.00 26.27 ? 103 TRP A NE1 1 
ATOM   638  C CE2 . TRP A 1 103 ? 17.703  -4.219  0.024   1.00 24.76 ? 103 TRP A CE2 1 
ATOM   639  C CE3 . TRP A 1 103 ? 15.418  -3.425  0.178   1.00 25.01 ? 103 TRP A CE3 1 
ATOM   640  C CZ2 . TRP A 1 103 ? 17.621  -4.339  -1.359  1.00 26.27 ? 103 TRP A CZ2 1 
ATOM   641  C CZ3 . TRP A 1 103 ? 15.343  -3.529  -1.195  1.00 24.22 ? 103 TRP A CZ3 1 
ATOM   642  C CH2 . TRP A 1 103 ? 16.424  -3.983  -1.944  1.00 25.77 ? 103 TRP A CH2 1 
ATOM   643  N N   . ARG A 1 104 ? 15.214  -1.369  5.674   1.00 24.36 ? 104 ARG A N   1 
ATOM   644  C CA  . ARG A 1 104 ? 14.256  -0.977  6.717   1.00 23.50 ? 104 ARG A CA  1 
ATOM   645  C C   . ARG A 1 104 ? 13.564  0.337   6.344   1.00 25.13 ? 104 ARG A C   1 
ATOM   646  O O   . ARG A 1 104 ? 12.338  0.451   6.452   1.00 23.13 ? 104 ARG A O   1 
ATOM   647  C CB  . ARG A 1 104 ? 14.968  -0.813  8.065   1.00 25.15 ? 104 ARG A CB  1 
ATOM   648  C CG  . ARG A 1 104 ? 14.062  -0.549  9.256   1.00 26.04 ? 104 ARG A CG  1 
ATOM   649  C CD  . ARG A 1 104 ? 14.764  -0.438  10.584  1.00 27.77 ? 104 ARG A CD  1 
ATOM   650  N NE  . ARG A 1 104 ? 15.411  -1.684  10.978  1.00 30.12 ? 104 ARG A NE  1 
ATOM   651  C CZ  . ARG A 1 104 ? 14.798  -2.732  11.504  1.00 32.61 ? 104 ARG A CZ  1 
ATOM   652  N NH1 . ARG A 1 104 ? 13.530  -2.688  11.896  1.00 32.46 ? 104 ARG A NH1 1 
ATOM   653  N NH2 . ARG A 1 104 ? 15.489  -3.840  11.647  1.00 26.20 ? 104 ARG A NH2 1 
ATOM   654  N N   . THR A 1 105 ? 14.358  1.347   5.957   1.00 23.06 ? 105 THR A N   1 
ATOM   655  C CA  . THR A 1 105 ? 13.798  2.688   5.697   1.00 23.95 ? 105 THR A CA  1 
ATOM   656  C C   . THR A 1 105 ? 12.774  2.569   4.560   1.00 23.06 ? 105 THR A C   1 
ATOM   657  O O   . THR A 1 105 ? 11.730  3.232   4.528   1.00 22.78 ? 105 THR A O   1 
ATOM   658  C CB  . THR A 1 105 ? 14.945  3.696   5.453   1.00 26.84 ? 105 THR A CB  1 
ATOM   659  O OG1 . THR A 1 105 ? 15.745  3.760   6.644   1.00 26.08 ? 105 THR A OG1 1 
ATOM   660  C CG2 . THR A 1 105 ? 14.458  5.096   5.158   1.00 30.30 ? 105 THR A CG2 1 
ATOM   661  N N   . GLY A 1 106 ? 13.094  1.714   3.590   1.00 24.03 ? 106 GLY A N   1 
ATOM   662  C CA  . GLY A 1 106 ? 12.257  1.498   2.443   1.00 21.63 ? 106 GLY A CA  1 
ATOM   663  C C   . GLY A 1 106 ? 10.980  0.764   2.785   1.00 19.75 ? 106 GLY A C   1 
ATOM   664  O O   . GLY A 1 106 ? 9.877   1.216   2.423   1.00 18.71 ? 106 GLY A O   1 
ATOM   665  N N   . ILE A 1 107 ? 11.104  -0.395  3.432   1.00 19.85 ? 107 ILE A N   1 
ATOM   666  C CA  . ILE A 1 107 ? 9.898   -1.130  3.909   1.00 21.99 ? 107 ILE A CA  1 
ATOM   667  C C   . ILE A 1 107 ? 9.022   -0.177  4.757   1.00 20.53 ? 107 ILE A C   1 
ATOM   668  O O   . ILE A 1 107 ? 7.802   -0.203  4.673   1.00 21.98 ? 107 ILE A O   1 
ATOM   669  C CB  . ILE A 1 107 ? 10.283  -2.418  4.670   1.00 21.37 ? 107 ILE A CB  1 
ATOM   670  C CG1 . ILE A 1 107 ? 11.013  -3.376  3.721   1.00 22.13 ? 107 ILE A CG1 1 
ATOM   671  C CG2 . ILE A 1 107 ? 9.036   -3.030  5.249   1.00 21.91 ? 107 ILE A CG2 1 
ATOM   672  C CD1 . ILE A 1 107 ? 11.673  -4.625  4.376   1.00 23.85 ? 107 ILE A CD1 1 
ATOM   673  N N   . ASN A 1 108 ? 9.655   0.642   5.601   1.00 21.89 ? 108 ASN A N   1 
ATOM   674  C CA  . ASN A 1 108 ? 8.949   1.567   6.504   1.00 21.92 ? 108 ASN A CA  1 
ATOM   675  C C   . ASN A 1 108 ? 8.069   2.566   5.744   1.00 20.15 ? 108 ASN A C   1 
ATOM   676  O O   . ASN A 1 108 ? 7.063   3.004   6.263   1.00 21.80 ? 108 ASN A O   1 
ATOM   677  C CB  . ASN A 1 108 ? 9.909   2.323   7.427   1.00 22.93 ? 108 ASN A CB  1 
ATOM   678  C CG  . ASN A 1 108 ? 9.159   3.102   8.487   1.00 23.10 ? 108 ASN A CG  1 
ATOM   679  O OD1 . ASN A 1 108 ? 8.383   2.529   9.276   1.00 24.06 ? 108 ASN A OD1 1 
ATOM   680  N ND2 . ASN A 1 108 ? 9.390   4.418   8.520   1.00 21.38 ? 108 ASN A ND2 1 
ATOM   681  N N   . VAL A 1 109 ? 8.433   2.930   4.518   1.00 22.85 ? 109 VAL A N   1 
ATOM   682  C CA  . VAL A 1 109 ? 7.546   3.774   3.674   1.00 24.47 ? 109 VAL A CA  1 
ATOM   683  C C   . VAL A 1 109 ? 6.154   3.121   3.546   1.00 24.02 ? 109 VAL A C   1 
ATOM   684  O O   . VAL A 1 109 ? 5.093   3.790   3.614   1.00 21.94 ? 109 VAL A O   1 
ATOM   685  C CB  . VAL A 1 109 ? 8.207   3.992   2.297   1.00 27.37 ? 109 VAL A CB  1 
ATOM   686  C CG1 . VAL A 1 109 ? 7.234   4.515   1.253   1.00 30.19 ? 109 VAL A CG1 1 
ATOM   687  C CG2 . VAL A 1 109 ? 9.409   4.911   2.414   1.00 25.84 ? 109 VAL A CG2 1 
ATOM   688  N N   . PHE A 1 110 ? 6.146   1.797   3.327   1.00 23.69 ? 110 PHE A N   1 
ATOM   689  C CA  . PHE A 1 110 ? 4.903   1.050   3.055   1.00 23.10 ? 110 PHE A CA  1 
ATOM   690  C C   . PHE A 1 110 ? 4.162   0.828   4.385   1.00 23.54 ? 110 PHE A C   1 
ATOM   691  O O   . PHE A 1 110 ? 2.910   0.948   4.470   1.00 23.18 ? 110 PHE A O   1 
ATOM   692  C CB  . PHE A 1 110 ? 5.226   -0.254  2.306   1.00 23.71 ? 110 PHE A CB  1 
ATOM   693  C CG  . PHE A 1 110 ? 5.621   0.007   0.880   1.00 26.75 ? 110 PHE A CG  1 
ATOM   694  C CD1 . PHE A 1 110 ? 4.668   0.305   -0.075  1.00 27.77 ? 110 PHE A CD1 1 
ATOM   695  C CD2 . PHE A 1 110 ? 6.946   0.160   0.531   1.00 27.45 ? 110 PHE A CD2 1 
ATOM   696  C CE1 . PHE A 1 110 ? 5.033   0.652   -1.370  1.00 26.73 ? 110 PHE A CE1 1 
ATOM   697  C CE2 . PHE A 1 110 ? 7.306   0.526   -0.761  1.00 32.09 ? 110 PHE A CE2 1 
ATOM   698  C CZ  . PHE A 1 110 ? 6.350   0.797   -1.705  1.00 26.42 ? 110 PHE A CZ  1 
ATOM   699  N N   . PHE A 1 111 ? 4.928   0.411   5.409   1.00 21.95 ? 111 PHE A N   1 
ATOM   700  C CA  . PHE A 1 111 ? 4.403   0.235   6.787   1.00 22.88 ? 111 PHE A CA  1 
ATOM   701  C C   . PHE A 1 111 ? 3.675   1.509   7.254   1.00 24.25 ? 111 PHE A C   1 
ATOM   702  O O   . PHE A 1 111 ? 2.561   1.413   7.715   1.00 25.16 ? 111 PHE A O   1 
ATOM   703  C CB  . PHE A 1 111 ? 5.563   -0.084  7.723   1.00 23.03 ? 111 PHE A CB  1 
ATOM   704  C CG  . PHE A 1 111 ? 5.190   -0.295  9.161   1.00 24.03 ? 111 PHE A CG  1 
ATOM   705  C CD1 . PHE A 1 111 ? 4.342   -1.316  9.548   1.00 23.81 ? 111 PHE A CD1 1 
ATOM   706  C CD2 . PHE A 1 111 ? 5.715   0.534   10.143  1.00 27.96 ? 111 PHE A CD2 1 
ATOM   707  C CE1 . PHE A 1 111 ? 4.061   -1.530  10.895  1.00 27.32 ? 111 PHE A CE1 1 
ATOM   708  C CE2 . PHE A 1 111 ? 5.375   0.368   11.484  1.00 30.33 ? 111 PHE A CE2 1 
ATOM   709  C CZ  . PHE A 1 111 ? 4.568   -0.684  11.863  1.00 26.25 ? 111 PHE A CZ  1 
ATOM   710  N N   . GLU A 1 112 ? 4.323   2.680   7.098   1.00 21.32 ? 112 GLU A N   1 
ATOM   711  C CA  . GLU A 1 112 ? 3.741   3.978   7.546   1.00 22.20 ? 112 GLU A CA  1 
ATOM   712  C C   . GLU A 1 112 ? 2.606   4.451   6.623   1.00 24.17 ? 112 GLU A C   1 
ATOM   713  O O   . GLU A 1 112 ? 1.571   4.912   7.117   1.00 24.49 ? 112 GLU A O   1 
ATOM   714  C CB  . GLU A 1 112 ? 4.835   5.040   7.651   1.00 26.63 ? 112 GLU A CB  1 
ATOM   715  C CG  . GLU A 1 112 ? 5.702   4.873   8.891   1.00 27.40 ? 112 GLU A CG  1 
ATOM   716  C CD  . GLU A 1 112 ? 4.906   4.933   10.187  1.00 30.14 ? 112 GLU A CD  1 
ATOM   717  O OE1 . GLU A 1 112 ? 3.889   5.645   10.208  1.00 34.24 ? 112 GLU A OE1 1 
ATOM   718  O OE2 . GLU A 1 112 ? 5.293   4.274   11.164  1.00 32.49 ? 112 GLU A OE2 1 
ATOM   719  N N   . THR A 1 113 ? 2.772   4.341   5.297   1.00 22.76 ? 113 THR A N   1 
ATOM   720  C CA  . THR A 1 113 ? 1.765   4.911   4.387   1.00 22.16 ? 113 THR A CA  1 
ATOM   721  C C   . THR A 1 113 ? 0.488   4.108   4.534   1.00 23.37 ? 113 THR A C   1 
ATOM   722  O O   . THR A 1 113 ? -0.602  4.696   4.767   1.00 21.97 ? 113 THR A O   1 
ATOM   723  C CB  . THR A 1 113 ? 2.221   4.962   2.920   1.00 24.95 ? 113 THR A CB  1 
ATOM   724  O OG1 . THR A 1 113 ? 3.450   5.684   2.873   1.00 22.66 ? 113 THR A OG1 1 
ATOM   725  C CG2 . THR A 1 113 ? 1.206   5.633   2.029   1.00 29.17 ? 113 THR A CG2 1 
ATOM   726  N N   . PHE A 1 114 ? 0.594   2.783   4.365   1.00 20.21 ? 114 PHE A N   1 
ATOM   727  C CA  . PHE A 1 114 ? -0.632  1.963   4.392   1.00 21.69 ? 114 PHE A CA  1 
ATOM   728  C C   . PHE A 1 114 ? -1.169  1.906   5.821   1.00 21.52 ? 114 PHE A C   1 
ATOM   729  O O   . PHE A 1 114 ? -2.382  1.951   6.059   1.00 21.79 ? 114 PHE A O   1 
ATOM   730  C CB  . PHE A 1 114 ? -0.346  0.589   3.768   1.00 23.62 ? 114 PHE A CB  1 
ATOM   731  C CG  . PHE A 1 114 ? -0.260  0.659   2.270   1.00 26.44 ? 114 PHE A CG  1 
ATOM   732  C CD1 . PHE A 1 114 ? -1.419  0.691   1.492   1.00 26.41 ? 114 PHE A CD1 1 
ATOM   733  C CD2 . PHE A 1 114 ? 0.970   0.730   1.633   1.00 29.95 ? 114 PHE A CD2 1 
ATOM   734  C CE1 . PHE A 1 114 ? -1.336  0.811   0.115   1.00 27.44 ? 114 PHE A CE1 1 
ATOM   735  C CE2 . PHE A 1 114 ? 1.042   0.875   0.253   1.00 30.56 ? 114 PHE A CE2 1 
ATOM   736  C CZ  . PHE A 1 114 ? -0.105  0.910   -0.501  1.00 30.10 ? 114 PHE A CZ  1 
ATOM   737  N N   . GLY A 1 115 ? -0.254  1.863   6.805   1.00 24.09 ? 115 GLY A N   1 
ATOM   738  C CA  . GLY A 1 115 ? -0.601  1.824   8.218   1.00 24.91 ? 115 GLY A CA  1 
ATOM   739  C C   . GLY A 1 115 ? -1.338  3.075   8.693   1.00 24.90 ? 115 GLY A C   1 
ATOM   740  O O   . GLY A 1 115 ? -2.092  3.024   9.666   1.00 24.42 ? 115 GLY A O   1 
ATOM   741  N N   . SER A 1 116 ? -1.131  4.186   7.998   1.00 25.49 ? 116 SER A N   1 
ATOM   742  C CA  . SER A 1 116 ? -1.849  5.447   8.238   1.00 26.89 ? 116 SER A CA  1 
ATOM   743  C C   . SER A 1 116 ? -3.194  5.496   7.538   1.00 28.69 ? 116 SER A C   1 
ATOM   744  O O   . SER A 1 116 ? -3.921  6.450   7.743   1.00 29.87 ? 116 SER A O   1 
ATOM   745  C CB  . SER A 1 116 ? -1.027  6.610   7.853   1.00 26.87 ? 116 SER A CB  1 
ATOM   746  O OG  . SER A 1 116 ? 0.129   6.584   8.623   1.00 29.25 ? 116 SER A OG  1 
ATOM   747  N N   . HIS A 1 117 ? -3.521  4.488   6.731   1.00 27.97 ? 117 HIS A N   1 
ATOM   748  C CA  . HIS A 1 117 ? -4.772  4.472   6.030   1.00 30.62 ? 117 HIS A CA  1 
ATOM   749  C C   . HIS A 1 117 ? -5.334  3.058   6.021   1.00 26.54 ? 117 HIS A C   1 
ATOM   750  O O   . HIS A 1 117 ? -5.624  2.524   4.961   1.00 26.01 ? 117 HIS A O   1 
ATOM   751  C CB  . HIS A 1 117 ? -4.611  4.980   4.588   1.00 29.24 ? 117 HIS A CB  1 
ATOM   752  C CG  . HIS A 1 117 ? -4.126  6.370   4.521   1.00 30.08 ? 117 HIS A CG  1 
ATOM   753  N ND1 . HIS A 1 117 ? -5.004  7.457   4.515   1.00 30.69 ? 117 HIS A ND1 1 
ATOM   754  C CD2 . HIS A 1 117 ? -2.882  6.871   4.437   1.00 31.67 ? 117 HIS A CD2 1 
ATOM   755  C CE1 . HIS A 1 117 ? -4.295  8.570   4.463   1.00 33.79 ? 117 HIS A CE1 1 
ATOM   756  N NE2 . HIS A 1 117 ? -2.994  8.249   4.465   1.00 35.05 ? 117 HIS A NE2 1 
ATOM   757  N N   . LYS A 1 118 ? -5.548  2.505   7.216   1.00 27.40 ? 118 LYS A N   1 
ATOM   758  C CA  . LYS A 1 118 ? -5.842  1.104   7.356   1.00 26.48 ? 118 LYS A CA  1 
ATOM   759  C C   . LYS A 1 118 ? -7.206  0.772   6.751   1.00 27.18 ? 118 LYS A C   1 
ATOM   760  O O   . LYS A 1 118 ? -7.392  -0.327  6.262   1.00 28.50 ? 118 LYS A O   1 
ATOM   761  C CB  . LYS A 1 118 ? -5.820  0.656   8.819   1.00 29.19 ? 118 LYS A CB  1 
ATOM   762  C CG  . LYS A 1 118 ? -4.428  0.452   9.385   1.00 28.82 ? 118 LYS A CG  1 
ATOM   763  C CD  . LYS A 1 118 ? -4.360  0.213   10.872  1.00 32.79 ? 118 LYS A CD  1 
ATOM   764  C CE  . LYS A 1 118 ? -2.910  0.302   11.322  1.00 36.71 ? 118 LYS A CE  1 
ATOM   765  N NZ  . LYS A 1 118 ? -2.749  0.212   12.790  1.00 46.55 ? 118 LYS A NZ  1 
ATOM   766  N N   . ALA A 1 119 ? -8.173  1.691   6.837   1.00 27.79 ? 119 ALA A N   1 
ATOM   767  C CA  . ALA A 1 119 ? -9.526  1.376   6.342   1.00 26.99 ? 119 ALA A CA  1 
ATOM   768  C C   . ALA A 1 119 ? -9.529  1.331   4.804   1.00 23.96 ? 119 ALA A C   1 
ATOM   769  O O   . ALA A 1 119 ? -10.117 0.426   4.213   1.00 32.06 ? 119 ALA A O   1 
ATOM   770  C CB  . ALA A 1 119 ? -10.509 2.369   6.894   1.00 29.62 ? 119 ALA A CB  1 
ATOM   771  N N   . VAL A 1 120 ? -8.810  2.251   4.150   1.00 25.00 ? 120 VAL A N   1 
ATOM   772  C CA  . VAL A 1 120 ? -8.709  2.242   2.682   1.00 23.34 ? 120 VAL A CA  1 
ATOM   773  C C   . VAL A 1 120 ? -7.922  0.988   2.270   1.00 27.71 ? 120 VAL A C   1 
ATOM   774  O O   . VAL A 1 120 ? -8.237  0.274   1.260   1.00 28.30 ? 120 VAL A O   1 
ATOM   775  C CB  . VAL A 1 120 ? -8.049  3.534   2.178   1.00 27.68 ? 120 VAL A CB  1 
ATOM   776  C CG1 . VAL A 1 120 ? -7.696  3.458   0.701   1.00 26.60 ? 120 VAL A CG1 1 
ATOM   777  C CG2 . VAL A 1 120 ? -8.895  4.766   2.495   1.00 28.53 ? 120 VAL A CG2 1 
ATOM   778  N N   . THR A 1 121 ? -6.873  0.688   3.039   1.00 28.40 ? 121 THR A N   1 
ATOM   779  C CA  . THR A 1 121 ? -6.057  -0.483  2.714   1.00 27.51 ? 121 THR A CA  1 
ATOM   780  C C   . THR A 1 121 ? -6.971  -1.697  2.706   1.00 28.35 ? 121 THR A C   1 
ATOM   781  O O   . THR A 1 121 ? -6.996  -2.461  1.726   1.00 27.56 ? 121 THR A O   1 
ATOM   782  C CB  . THR A 1 121 ? -4.901  -0.669  3.696   1.00 28.52 ? 121 THR A CB  1 
ATOM   783  O OG1 . THR A 1 121 ? -4.026  0.441   3.519   1.00 26.57 ? 121 THR A OG1 1 
ATOM   784  C CG2 . THR A 1 121 ? -4.153  -1.964  3.470   1.00 30.67 ? 121 THR A CG2 1 
ATOM   785  N N   . ARG A 1 122 ? -7.725  -1.854  3.796   1.00 29.88 ? 122 ARG A N   1 
ATOM   786  C CA  . ARG A 1 122 ? -8.559  -3.029  4.009   1.00 32.08 ? 122 ARG A CA  1 
ATOM   787  C C   . ARG A 1 122 ? -9.618  -3.110  2.901   1.00 31.39 ? 122 ARG A C   1 
ATOM   788  O O   . ARG A 1 122 ? -9.773  -4.140  2.285   1.00 29.59 ? 122 ARG A O   1 
ATOM   789  C CB  . ARG A 1 122 ? -9.175  -2.982  5.421   1.00 38.20 ? 122 ARG A CB  1 
ATOM   790  C CG  . ARG A 1 122 ? -10.204 -4.063  5.741   1.00 39.60 ? 122 ARG A CG  1 
ATOM   791  C CD  . ARG A 1 122 ? -11.201 -3.605  6.811   1.00 47.97 ? 122 ARG A CD  1 
ATOM   792  N NE  . ARG A 1 122 ? -12.352 -2.900  6.237   1.00 55.69 ? 122 ARG A NE  1 
ATOM   793  C CZ  . ARG A 1 122 ? -12.822 -1.707  6.614   1.00 55.32 ? 122 ARG A CZ  1 
ATOM   794  N NH1 . ARG A 1 122 ? -12.302 -1.068  7.651   1.00 47.11 ? 122 ARG A NH1 1 
ATOM   795  N NH2 . ARG A 1 122 ? -13.824 -1.157  5.943   1.00 51.54 ? 122 ARG A NH2 1 
ATOM   796  N N   . ALA A 1 123 ? -10.332 -2.013  2.643   1.00 31.73 ? 123 ALA A N   1 
ATOM   797  C CA  . ALA A 1 123 ? -11.444 -2.053  1.665   1.00 29.54 ? 123 ALA A CA  1 
ATOM   798  C C   . ALA A 1 123 ? -10.900 -2.233  0.237   1.00 29.50 ? 123 ALA A C   1 
ATOM   799  O O   . ALA A 1 123 ? -11.472 -2.937  -0.624  1.00 31.55 ? 123 ALA A O   1 
ATOM   800  C CB  . ALA A 1 123 ? -12.272 -0.794  1.836   1.00 30.68 ? 123 ALA A CB  1 
ATOM   801  N N   . GLY A 1 124 ? -9.751  -1.615  -0.042  1.00 27.85 ? 124 GLY A N   1 
ATOM   802  C CA  . GLY A 1 124 ? -9.124  -1.715  -1.348  1.00 28.27 ? 124 GLY A CA  1 
ATOM   803  C C   . GLY A 1 124 ? -8.592  -3.107  -1.595  1.00 31.63 ? 124 GLY A C   1 
ATOM   804  O O   . GLY A 1 124 ? -8.662  -3.636  -2.746  1.00 30.76 ? 124 GLY A O   1 
ATOM   805  N N   . GLN A 1 125 ? -8.116  -3.761  -0.528  1.00 31.44 ? 125 GLN A N   1 
ATOM   806  C CA  . GLN A 1 125 ? -7.680  -5.159  -0.718  1.00 36.34 ? 125 GLN A CA  1 
ATOM   807  C C   . GLN A 1 125 ? -8.895  -6.025  -1.071  1.00 38.01 ? 125 GLN A C   1 
ATOM   808  O O   . GLN A 1 125 ? -8.831  -6.810  -1.999  1.00 37.44 ? 125 GLN A O   1 
ATOM   809  C CB  . GLN A 1 125 ? -6.967  -5.737  0.499   1.00 38.56 ? 125 GLN A CB  1 
ATOM   810  C CG  . GLN A 1 125 ? -5.522  -5.292  0.580   1.00 43.20 ? 125 GLN A CG  1 
ATOM   811  C CD  . GLN A 1 125 ? -4.646  -6.132  -0.321  1.00 49.43 ? 125 GLN A CD  1 
ATOM   812  O OE1 . GLN A 1 125 ? -4.477  -7.339  -0.108  1.00 53.82 ? 125 GLN A OE1 1 
ATOM   813  N NE2 . GLN A 1 125 ? -4.085  -5.491  -1.332  1.00 43.42 ? 125 GLN A NE2 1 
ATOM   814  N N   . ALA A 1 126 ? -10.003 -5.869  -0.348  1.00 37.32 ? 126 ALA A N   1 
ATOM   815  C CA  . ALA A 1 126 ? -11.188 -6.714  -0.617  1.00 40.31 ? 126 ALA A CA  1 
ATOM   816  C C   . ALA A 1 126 ? -11.701 -6.432  -2.041  1.00 41.17 ? 126 ALA A C   1 
ATOM   817  O O   . ALA A 1 126 ? -12.035 -7.365  -2.765  1.00 38.75 ? 126 ALA A O   1 
ATOM   818  C CB  . ALA A 1 126 ? -12.255 -6.489  0.427   1.00 39.88 ? 126 ALA A CB  1 
ATOM   819  N N   . ALA A 1 127 ? -11.658 -5.157  -2.474  1.00 40.01 ? 127 ALA A N   1 
ATOM   820  C CA  . ALA A 1 127 ? -12.261 -4.727  -3.766  1.00 36.61 ? 127 ALA A CA  1 
ATOM   821  C C   . ALA A 1 127 ? -11.551 -5.369  -4.968  1.00 41.82 ? 127 ALA A C   1 
ATOM   822  O O   . ALA A 1 127 ? -12.093 -5.393  -6.080  1.00 37.26 ? 127 ALA A O   1 
ATOM   823  C CB  . ALA A 1 127 ? -12.241 -3.235  -3.884  1.00 35.63 ? 127 ALA A CB  1 
ATOM   824  N N   . ARG A 1 128 ? -10.338 -5.899  -4.765  1.00 40.45 ? 128 ARG A N   1 
ATOM   825  C CA  . ARG A 1 128 ? -9.606  -6.545  -5.844  1.00 40.30 ? 128 ARG A CA  1 
ATOM   826  C C   . ARG A 1 128 ? -10.441 -7.648  -6.481  1.00 43.25 ? 128 ARG A C   1 
ATOM   827  O O   . ARG A 1 128 ? -10.316 -7.885  -7.681  1.00 46.93 ? 128 ARG A O   1 
ATOM   828  C CB  . ARG A 1 128 ? -8.320  -7.177  -5.339  1.00 39.47 ? 128 ARG A CB  1 
ATOM   829  C CG  . ARG A 1 128 ? -7.216  -6.163  -5.153  1.00 42.06 ? 128 ARG A CG  1 
ATOM   830  C CD  . ARG A 1 128 ? -6.090  -6.771  -4.345  1.00 49.66 ? 128 ARG A CD  1 
ATOM   831  N NE  . ARG A 1 128 ? -4.969  -7.220  -5.146  1.00 50.74 ? 128 ARG A NE  1 
ATOM   832  C CZ  . ARG A 1 128 ? -3.805  -7.586  -4.632  1.00 52.99 ? 128 ARG A CZ  1 
ATOM   833  N NH1 . ARG A 1 128 ? -3.735  -7.908  -3.356  1.00 49.25 ? 128 ARG A NH1 1 
ATOM   834  N NH2 . ARG A 1 128 ? -2.716  -7.563  -5.376  1.00 57.52 ? 128 ARG A NH2 1 
ATOM   835  N N   . ALA A 1 129 ? -11.256 -8.313  -5.662  1.00 46.48 ? 129 ALA A N   1 
ATOM   836  C CA  . ALA A 1 129 ? -12.004 -9.497  -6.072  1.00 50.43 ? 129 ALA A CA  1 
ATOM   837  C C   . ALA A 1 129 ? -13.176 -9.092  -6.972  1.00 47.94 ? 129 ALA A C   1 
ATOM   838  O O   . ALA A 1 129 ? -13.596 -9.874  -7.775  1.00 54.70 ? 129 ALA A O   1 
ATOM   839  C CB  . ALA A 1 129 ? -12.470 -10.266 -4.862  1.00 46.43 ? 129 ALA A CB  1 
ATOM   840  N N   . THR A 1 130 ? -13.669 -7.857  -6.849  1.00 51.23 ? 130 THR A N   1 
ATOM   841  C CA  . THR A 1 130 ? -14.887 -7.468  -7.515  1.00 47.63 ? 130 THR A CA  1 
ATOM   842  C C   . THR A 1 130 ? -14.671 -6.334  -8.520  1.00 50.10 ? 130 THR A C   1 
ATOM   843  O O   . THR A 1 130 ? -15.568 -6.049  -9.293  1.00 53.80 ? 130 THR A O   1 
ATOM   844  C CB  . THR A 1 130 ? -15.919 -7.030  -6.478  1.00 52.30 ? 130 THR A CB  1 
ATOM   845  O OG1 . THR A 1 130 ? -15.368 -5.867  -5.858  1.00 48.60 ? 130 THR A OG1 1 
ATOM   846  C CG2 . THR A 1 130 ? -16.212 -8.119  -5.472  1.00 51.59 ? 130 THR A CG2 1 
ATOM   847  N N   . SER A 1 131 ? -13.505 -5.684  -8.497  1.00 42.20 ? 131 SER A N   1 
ATOM   848  C CA  . SER A 1 131 ? -13.247 -4.529  -9.323  1.00 40.98 ? 131 SER A CA  1 
ATOM   849  C C   . SER A 1 131 ? -11.966 -4.750  -10.119 1.00 48.08 ? 131 SER A C   1 
ATOM   850  O O   . SER A 1 131 ? -10.883 -4.872  -9.524  1.00 38.80 ? 131 SER A O   1 
ATOM   851  C CB  . SER A 1 131 ? -13.119 -3.276  -8.528  1.00 42.11 ? 131 SER A CB  1 
ATOM   852  O OG  . SER A 1 131 ? -12.594 -2.246  -9.360  1.00 41.56 ? 131 SER A OG  1 
ATOM   853  N N   . VAL A 1 132 ? -12.110 -4.775  -11.452 1.00 44.88 ? 132 VAL A N   1 
ATOM   854  C CA  . VAL A 1 132 ? -11.002 -4.936  -12.360 1.00 44.21 ? 132 VAL A CA  1 
ATOM   855  C C   . VAL A 1 132 ? -10.098 -3.701  -12.237 1.00 40.35 ? 132 VAL A C   1 
ATOM   856  O O   . VAL A 1 132 ? -8.892  -3.820  -12.228 1.00 38.15 ? 132 VAL A O   1 
ATOM   857  C CB  . VAL A 1 132 ? -11.470 -5.175  -13.814 1.00 47.37 ? 132 VAL A CB  1 
ATOM   858  C CG1 . VAL A 1 132 ? -10.284 -5.381  -14.746 1.00 49.68 ? 132 VAL A CG1 1 
ATOM   859  C CG2 . VAL A 1 132 ? -12.435 -6.351  -13.937 1.00 49.23 ? 132 VAL A CG2 1 
ATOM   860  N N   . GLU A 1 133 ? -10.684 -2.511  -12.140 1.00 35.08 ? 133 GLU A N   1 
ATOM   861  C CA  . GLU A 1 133 ? -9.897  -1.290  -11.996 1.00 37.93 ? 133 GLU A CA  1 
ATOM   862  C C   . GLU A 1 133 ? -9.028  -1.308  -10.720 1.00 35.44 ? 133 GLU A C   1 
ATOM   863  O O   . GLU A 1 133 ? -7.863  -0.860  -10.751 1.00 34.42 ? 133 GLU A O   1 
ATOM   864  C CB  . GLU A 1 133 ? -10.800 -0.065  -11.938 1.00 43.64 ? 133 GLU A CB  1 
ATOM   865  C CG  . GLU A 1 133 ? -10.788 0.730   -13.218 1.00 50.21 ? 133 GLU A CG  1 
ATOM   866  C CD  . GLU A 1 133 ? -11.931 1.724   -13.292 1.00 56.46 ? 133 GLU A CD  1 
ATOM   867  O OE1 . GLU A 1 133 ? -11.661 2.915   -13.564 1.00 62.54 ? 133 GLU A OE1 1 
ATOM   868  O OE2 . GLU A 1 133 ? -13.094 1.293   -13.073 1.00 52.54 ? 133 GLU A OE2 1 
ATOM   869  N N   . VAL A 1 134 ? -9.578  -1.802  -9.603  1.00 37.08 ? 134 VAL A N   1 
ATOM   870  C CA  . VAL A 1 134 ? -8.778  -1.839  -8.372  1.00 34.46 ? 134 VAL A CA  1 
ATOM   871  C C   . VAL A 1 134 ? -7.671  -2.882  -8.543  1.00 33.66 ? 134 VAL A C   1 
ATOM   872  O O   . VAL A 1 134 ? -6.528  -2.584  -8.244  1.00 29.90 ? 134 VAL A O   1 
ATOM   873  C CB  . VAL A 1 134 ? -9.626  -2.111  -7.129  1.00 35.69 ? 134 VAL A CB  1 
ATOM   874  C CG1 . VAL A 1 134 ? -8.750  -2.556  -5.964  1.00 31.64 ? 134 VAL A CG1 1 
ATOM   875  C CG2 . VAL A 1 134 ? -10.517 -0.915  -6.761  1.00 34.45 ? 134 VAL A CG2 1 
ATOM   876  N N   . ALA A 1 135 ? -8.030  -4.081  -9.034  1.00 32.31 ? 135 ALA A N   1 
ATOM   877  C CA  . ALA A 1 135 ? -7.067  -5.165  -9.364  1.00 30.81 ? 135 ALA A CA  1 
ATOM   878  C C   . ALA A 1 135 ? -5.913  -4.610  -10.210 1.00 32.74 ? 135 ALA A C   1 
ATOM   879  O O   . ALA A 1 135 ? -4.734  -4.797  -9.876  1.00 29.79 ? 135 ALA A O   1 
ATOM   880  C CB  . ALA A 1 135 ? -7.771  -6.311  -10.055 1.00 33.32 ? 135 ALA A CB  1 
ATOM   881  N N   . GLU A 1 136 ? -6.229  -3.871  -11.279 1.00 31.28 ? 136 GLU A N   1 
ATOM   882  C CA  . GLU A 1 136 ? -5.194  -3.365  -12.175 1.00 29.66 ? 136 GLU A CA  1 
ATOM   883  C C   . GLU A 1 136 ? -4.348  -2.287  -11.493 1.00 28.34 ? 136 GLU A C   1 
ATOM   884  O O   . GLU A 1 136 ? -3.186  -2.204  -11.791 1.00 30.10 ? 136 GLU A O   1 
ATOM   885  C CB  . GLU A 1 136 ? -5.786  -2.797  -13.466 1.00 36.49 ? 136 GLU A CB  1 
ATOM   886  C CG  . GLU A 1 136 ? -6.467  -3.877  -14.304 1.00 46.15 ? 136 GLU A CG  1 
ATOM   887  C CD  . GLU A 1 136 ? -7.030  -3.419  -15.651 1.00 52.20 ? 136 GLU A CD  1 
ATOM   888  O OE1 . GLU A 1 136 ? -7.274  -2.199  -15.821 1.00 49.44 ? 136 GLU A OE1 1 
ATOM   889  O OE2 . GLU A 1 136 ? -7.228  -4.288  -16.526 1.00 55.69 ? 136 GLU A OE2 1 
ATOM   890  N N   . LEU A 1 137 ? -4.936  -1.443  -10.625 1.00 29.18 ? 137 LEU A N   1 
ATOM   891  C CA  . LEU A 1 137 ? -4.181  -0.427  -9.903  1.00 27.11 ? 137 LEU A CA  1 
ATOM   892  C C   . LEU A 1 137 ? -3.156  -1.109  -8.984  1.00 28.37 ? 137 LEU A C   1 
ATOM   893  O O   . LEU A 1 137 ? -1.977  -0.758  -8.970  1.00 24.24 ? 137 LEU A O   1 
ATOM   894  C CB  . LEU A 1 137 ? -5.139  0.439   -9.080  1.00 30.85 ? 137 LEU A CB  1 
ATOM   895  C CG  . LEU A 1 137 ? -4.506  1.556   -8.256  1.00 30.33 ? 137 LEU A CG  1 
ATOM   896  C CD1 . LEU A 1 137 ? -3.730  2.516   -9.144  1.00 32.65 ? 137 LEU A CD1 1 
ATOM   897  C CD2 . LEU A 1 137 ? -5.571  2.347   -7.491  1.00 31.82 ? 137 LEU A CD2 1 
ATOM   898  N N   . TRP A 1 138 ? -3.625  -2.053  -8.169  1.00 27.50 ? 138 TRP A N   1 
ATOM   899  C CA  . TRP A 1 138 ? -2.713  -2.782  -7.278  1.00 29.57 ? 138 TRP A CA  1 
ATOM   900  C C   . TRP A 1 138 ? -1.557  -3.368  -8.106  1.00 28.93 ? 138 TRP A C   1 
ATOM   901  O O   . TRP A 1 138 ? -0.365  -3.188  -7.801  1.00 25.25 ? 138 TRP A O   1 
ATOM   902  C CB  . TRP A 1 138 ? -3.439  -3.894  -6.517  1.00 31.44 ? 138 TRP A CB  1 
ATOM   903  C CG  . TRP A 1 138 ? -4.180  -3.491  -5.283  1.00 36.54 ? 138 TRP A CG  1 
ATOM   904  C CD1 . TRP A 1 138 ? -5.529  -3.573  -5.064  1.00 39.13 ? 138 TRP A CD1 1 
ATOM   905  C CD2 . TRP A 1 138 ? -3.611  -2.983  -4.066  1.00 36.11 ? 138 TRP A CD2 1 
ATOM   906  N NE1 . TRP A 1 138 ? -5.846  -3.157  -3.792  1.00 37.21 ? 138 TRP A NE1 1 
ATOM   907  C CE2 . TRP A 1 138 ? -4.690  -2.764  -3.167  1.00 41.45 ? 138 TRP A CE2 1 
ATOM   908  C CE3 . TRP A 1 138 ? -2.314  -2.674  -3.670  1.00 37.69 ? 138 TRP A CE3 1 
ATOM   909  C CZ2 . TRP A 1 138 ? -4.486  -2.283  -1.876  1.00 40.77 ? 138 TRP A CZ2 1 
ATOM   910  C CZ3 . TRP A 1 138 ? -2.109  -2.179  -2.402  1.00 37.19 ? 138 TRP A CZ3 1 
ATOM   911  C CH2 . TRP A 1 138 ? -3.183  -1.999  -1.522  1.00 41.25 ? 138 TRP A CH2 1 
ATOM   912  N N   . SER A 1 139 ? -1.946  -4.081  -9.163  1.00 28.36 ? 139 SER A N   1 
ATOM   913  C CA  . SER A 1 139 ? -1.049  -4.802  -10.053 1.00 26.47 ? 139 SER A CA  1 
ATOM   914  C C   . SER A 1 139 ? -0.002  -3.870  -10.670 1.00 25.70 ? 139 SER A C   1 
ATOM   915  O O   . SER A 1 139 ? 1.178   -4.197  -10.667 1.00 22.53 ? 139 SER A O   1 
ATOM   916  C CB  . SER A 1 139 ? -1.857  -5.503  -11.100 0.66 24.83 ? 139 SER A CB  1 
ATOM   917  O OG  . SER A 1 139 ? -1.003  -6.089  -12.045 1.00 30.01 ? 139 SER A OG  1 
ATOM   918  N N   . THR A 1 140 ? -0.417  -2.700  -11.203 1.00 22.45 ? 140 THR A N   1 
ATOM   919  C CA  . THR A 1 140 ? 0.527   -1.735  -11.790 1.00 24.37 ? 140 THR A CA  1 
ATOM   920  C C   . THR A 1 140 ? 1.609   -1.321  -10.783 1.00 23.32 ? 140 THR A C   1 
ATOM   921  O O   . THR A 1 140 ? 2.785   -1.243  -11.123 1.00 22.60 ? 140 THR A O   1 
ATOM   922  C CB  . THR A 1 140 ? -0.170  -0.439  -12.253 1.00 26.54 ? 140 THR A CB  1 
ATOM   923  O OG1 . THR A 1 140 ? -1.087  -0.789  -13.279 1.00 32.05 ? 140 THR A OG1 1 
ATOM   924  C CG2 . THR A 1 140 ? 0.767   0.579   -12.847 1.00 30.55 ? 140 THR A CG2 1 
ATOM   925  N N   . PHE A 1 141 ? 1.210   -0.938  -9.567  1.00 21.95 ? 141 PHE A N   1 
ATOM   926  C CA  . PHE A 1 141 ? 2.188   -0.439  -8.611  1.00 21.51 ? 141 PHE A CA  1 
ATOM   927  C C   . PHE A 1 141 ? 3.050   -1.574  -8.043  1.00 21.73 ? 141 PHE A C   1 
ATOM   928  O O   . PHE A 1 141 ? 4.235   -1.389  -7.823  1.00 22.05 ? 141 PHE A O   1 
ATOM   929  C CB  . PHE A 1 141 ? 1.510   0.388   -7.528  1.00 23.62 ? 141 PHE A CB  1 
ATOM   930  C CG  . PHE A 1 141 ? 1.233   1.780   -8.024  1.00 23.88 ? 141 PHE A CG  1 
ATOM   931  C CD1 . PHE A 1 141 ? 2.203   2.760   -7.917  1.00 25.81 ? 141 PHE A CD1 1 
ATOM   932  C CD2 . PHE A 1 141 ? 0.041   2.078   -8.667  1.00 24.77 ? 141 PHE A CD2 1 
ATOM   933  C CE1 . PHE A 1 141 ? 1.964   4.045   -8.398  1.00 28.22 ? 141 PHE A CE1 1 
ATOM   934  C CE2 . PHE A 1 141 ? -0.184  3.358   -9.165  1.00 29.42 ? 141 PHE A CE2 1 
ATOM   935  C CZ  . PHE A 1 141 ? 0.796   4.318   -9.067  1.00 27.94 ? 141 PHE A CZ  1 
ATOM   936  N N   . MET A 1 142 ? 2.463   -2.748  -7.862  1.00 23.49 ? 142 MET A N   1 
ATOM   937  C CA  . MET A 1 142 ? 3.212   -3.895  -7.383  1.00 25.19 ? 142 MET A CA  1 
ATOM   938  C C   . MET A 1 142 ? 4.338   -4.182  -8.389  1.00 24.06 ? 142 MET A C   1 
ATOM   939  O O   . MET A 1 142 ? 5.497   -4.436  -8.015  1.00 23.49 ? 142 MET A O   1 
ATOM   940  C CB  . MET A 1 142 ? 2.306   -5.129  -7.221  1.00 27.61 ? 142 MET A CB  1 
ATOM   941  C CG  . MET A 1 142 ? 1.404   -5.111  -5.998  1.00 34.28 ? 142 MET A CG  1 
ATOM   942  S SD  . MET A 1 142 ? 2.299   -5.079  -4.389  1.00 42.54 ? 142 MET A SD  1 
ATOM   943  C CE  . MET A 1 142 ? 3.140   -6.666  -4.408  1.00 33.16 ? 142 MET A CE  1 
ATOM   944  N N   . GLN A 1 143 ? 4.020   -4.120  -9.687  1.00 23.44 ? 143 GLN A N   1 
ATOM   945  C CA  . GLN A 1 143 ? 5.026   -4.386  -10.690 1.00 23.50 ? 143 GLN A CA  1 
ATOM   946  C C   . GLN A 1 143 ? 6.145   -3.342  -10.590 1.00 21.92 ? 143 GLN A C   1 
ATOM   947  O O   . GLN A 1 143 ? 7.298   -3.693  -10.615 1.00 19.96 ? 143 GLN A O   1 
ATOM   948  C CB  . GLN A 1 143 ? 4.444   -4.410  -12.097 1.00 27.82 ? 143 GLN A CB  1 
ATOM   949  C CG  . GLN A 1 143 ? 3.494   -5.565  -12.345 1.00 31.51 ? 143 GLN A CG  1 
ATOM   950  C CD  . GLN A 1 143 ? 2.889   -5.394  -13.723 1.00 39.98 ? 143 GLN A CD  1 
ATOM   951  O OE1 . GLN A 1 143 ? 1.749   -4.954  -13.883 1.00 43.45 ? 143 GLN A OE1 1 
ATOM   952  N NE2 . GLN A 1 143 ? 3.686   -5.661  -14.740 1.00 40.13 ? 143 GLN A NE2 1 
ATOM   953  N N   . LYS A 1 144 ? 5.795   -2.074  -10.404 1.00 20.14 ? 144 LYS A N   1 
ATOM   954  C CA  . LYS A 1 144 ? 6.791   -1.006  -10.256 1.00 21.97 ? 144 LYS A CA  1 
ATOM   955  C C   . LYS A 1 144 ? 7.692   -1.220  -9.040  1.00 19.88 ? 144 LYS A C   1 
ATOM   956  O O   . LYS A 1 144 ? 8.896   -1.034  -9.102  1.00 21.38 ? 144 LYS A O   1 
ATOM   957  C CB  . LYS A 1 144 ? 6.090   0.348   -10.146 1.00 25.73 ? 144 LYS A CB  1 
ATOM   958  C CG  . LYS A 1 144 ? 6.989   1.547   -10.327 1.00 32.96 ? 144 LYS A CG  1 
ATOM   959  C CD  . LYS A 1 144 ? 6.203   2.877   -10.371 1.00 37.20 ? 144 LYS A CD  1 
ATOM   960  C CE  . LYS A 1 144 ? 7.125   4.068   -10.222 1.00 37.45 ? 144 LYS A CE  1 
ATOM   961  N NZ  . LYS A 1 144 ? 6.353   5.334   -10.344 1.00 38.45 ? 144 LYS A NZ  1 
ATOM   962  N N   . TRP A 1 145 ? 7.107   -1.621  -7.917  1.00 20.36 ? 145 TRP A N   1 
ATOM   963  C CA  . TRP A 1 145 ? 7.849   -1.709  -6.675  1.00 21.62 ? 145 TRP A CA  1 
ATOM   964  C C   . TRP A 1 145 ? 8.775   -2.933  -6.711  1.00 20.69 ? 145 TRP A C   1 
ATOM   965  O O   . TRP A 1 145 ? 9.883   -2.907  -6.192  1.00 19.40 ? 145 TRP A O   1 
ATOM   966  C CB  . TRP A 1 145 ? 6.878   -1.711  -5.480  1.00 20.38 ? 145 TRP A CB  1 
ATOM   967  C CG  . TRP A 1 145 ? 6.107   -0.426  -5.366  1.00 21.70 ? 145 TRP A CG  1 
ATOM   968  C CD1 . TRP A 1 145 ? 6.553   0.814   -5.696  1.00 22.30 ? 145 TRP A CD1 1 
ATOM   969  C CD2 . TRP A 1 145 ? 4.790   -0.235  -4.828  1.00 24.32 ? 145 TRP A CD2 1 
ATOM   970  N NE1 . TRP A 1 145 ? 5.594   1.750   -5.453  1.00 21.26 ? 145 TRP A NE1 1 
ATOM   971  C CE2 . TRP A 1 145 ? 4.495   1.144   -4.930  1.00 23.06 ? 145 TRP A CE2 1 
ATOM   972  C CE3 . TRP A 1 145 ? 3.781   -1.084  -4.358  1.00 25.35 ? 145 TRP A CE3 1 
ATOM   973  C CZ2 . TRP A 1 145 ? 3.276   1.684   -4.510  1.00 25.49 ? 145 TRP A CZ2 1 
ATOM   974  C CZ3 . TRP A 1 145 ? 2.564   -0.552  -3.958  1.00 27.28 ? 145 TRP A CZ3 1 
ATOM   975  C CH2 . TRP A 1 145 ? 2.332   0.822   -4.001  1.00 24.37 ? 145 TRP A CH2 1 
ATOM   976  N N   . ILE A 1 146 ? 8.282   -3.994  -7.341  1.00 21.50 ? 146 ILE A N   1 
ATOM   977  C CA  . ILE A 1 146 ? 9.102   -5.195  -7.554  1.00 20.31 ? 146 ILE A CA  1 
ATOM   978  C C   . ILE A 1 146 ? 10.281  -4.871  -8.482  1.00 19.57 ? 146 ILE A C   1 
ATOM   979  O O   . ILE A 1 146 ? 11.408  -5.319  -8.243  1.00 22.69 ? 146 ILE A O   1 
ATOM   980  C CB  . ILE A 1 146 ? 8.218   -6.339  -8.084  1.00 20.54 ? 146 ILE A CB  1 
ATOM   981  C CG1 . ILE A 1 146 ? 7.285   -6.826  -6.980  1.00 20.03 ? 146 ILE A CG1 1 
ATOM   982  C CG2 . ILE A 1 146 ? 9.077   -7.465  -8.703  1.00 21.00 ? 146 ILE A CG2 1 
ATOM   983  C CD1 . ILE A 1 146 ? 6.125   -7.681  -7.475  1.00 21.10 ? 146 ILE A CD1 1 
ATOM   984  N N   . ALA A 1 147 ? 10.020  -4.140  -9.565  1.00 20.16 ? 147 ALA A N   1 
ATOM   985  C CA  . ALA A 1 147 ? 11.105  -3.788  -10.531 1.00 20.44 ? 147 ALA A CA  1 
ATOM   986  C C   . ALA A 1 147 ? 12.173  -2.963  -9.806  1.00 21.57 ? 147 ALA A C   1 
ATOM   987  O O   . ALA A 1 147 ? 13.406  -3.202  -9.986  1.00 21.97 ? 147 ALA A O   1 
ATOM   988  C CB  . ALA A 1 147 ? 10.547  -3.054  -11.756 1.00 23.09 ? 147 ALA A CB  1 
ATOM   989  N N   . TYR A 1 148 ? 11.737  -2.056  -8.923  1.00 22.02 ? 148 TYR A N   1 
ATOM   990  C CA  . TYR A 1 148 ? 12.679  -1.199  -8.177  1.00 24.13 ? 148 TYR A CA  1 
ATOM   991  C C   . TYR A 1 148 ? 13.484  -2.034  -7.172  1.00 22.11 ? 148 TYR A C   1 
ATOM   992  O O   . TYR A 1 148 ? 14.689  -1.964  -7.081  1.00 20.83 ? 148 TYR A O   1 
ATOM   993  C CB  . TYR A 1 148 ? 11.947  -0.010  -7.541  1.00 25.89 ? 148 TYR A CB  1 
ATOM   994  C CG  . TYR A 1 148 ? 12.922  0.843   -6.770  1.00 26.98 ? 148 TYR A CG  1 
ATOM   995  C CD1 . TYR A 1 148 ? 13.944  1.535   -7.399  1.00 28.88 ? 148 TYR A CD1 1 
ATOM   996  C CD2 . TYR A 1 148 ? 12.927  0.812   -5.391  1.00 29.53 ? 148 TYR A CD2 1 
ATOM   997  C CE1 . TYR A 1 148 ? 14.891  2.257   -6.689  1.00 25.13 ? 148 TYR A CE1 1 
ATOM   998  C CE2 . TYR A 1 148 ? 13.823  1.576   -4.664  1.00 31.03 ? 148 TYR A CE2 1 
ATOM   999  C CZ  . TYR A 1 148 ? 14.820  2.277   -5.305  1.00 29.45 ? 148 TYR A CZ  1 
ATOM   1000 O OH  . TYR A 1 148 ? 15.719  2.949   -4.525  1.00 35.58 ? 148 TYR A OH  1 
ATOM   1001 N N   . THR A 1 149 ? 12.800  -2.962  -6.513  1.00 23.50 ? 149 THR A N   1 
ATOM   1002 C CA  . THR A 1 149 ? 13.447  -3.897  -5.581  1.00 21.22 ? 149 THR A CA  1 
ATOM   1003 C C   . THR A 1 149 ? 14.505  -4.684  -6.332  1.00 20.38 ? 149 THR A C   1 
ATOM   1004 O O   . THR A 1 149 ? 15.613  -4.830  -5.859  1.00 24.33 ? 149 THR A O   1 
ATOM   1005 C CB  . THR A 1 149 ? 12.437  -4.862  -4.935  1.00 20.71 ? 149 THR A CB  1 
ATOM   1006 O OG1 . THR A 1 149 ? 11.434  -4.141  -4.211  1.00 21.89 ? 149 THR A OG1 1 
ATOM   1007 C CG2 . THR A 1 149 ? 13.114  -5.851  -4.015  1.00 21.57 ? 149 THR A CG2 1 
ATOM   1008 N N   . ALA A 1 150 ? 14.111  -5.253  -7.468  1.00 21.24 ? 150 ALA A N   1 
ATOM   1009 C CA  . ALA A 1 150 ? 15.051  -6.062  -8.263  1.00 24.55 ? 150 ALA A CA  1 
ATOM   1010 C C   . ALA A 1 150 ? 16.257  -5.209  -8.704  1.00 26.46 ? 150 ALA A C   1 
ATOM   1011 O O   . ALA A 1 150 ? 17.393  -5.674  -8.643  1.00 23.60 ? 150 ALA A O   1 
ATOM   1012 C CB  . ALA A 1 150 ? 14.333  -6.664  -9.443  1.00 21.96 ? 150 ALA A CB  1 
ATOM   1013 N N   . ALA A 1 151 ? 16.006  -3.971  -9.165  1.00 26.32 ? 151 ALA A N   1 
ATOM   1014 C CA  . ALA A 1 151 ? 17.134  -3.033  -9.579  1.00 25.98 ? 151 ALA A CA  1 
ATOM   1015 C C   . ALA A 1 151 ? 18.102  -2.817  -8.418  1.00 25.89 ? 151 ALA A C   1 
ATOM   1016 O O   . ALA A 1 151 ? 19.319  -2.778  -8.616  1.00 26.72 ? 151 ALA A O   1 
ATOM   1017 C CB  . ALA A 1 151 ? 16.587  -1.691  -10.091 1.00 24.52 ? 151 ALA A CB  1 
ATOM   1018 N N   . VAL A 1 152 ? 17.576  -2.672  -7.188  1.00 25.11 ? 152 VAL A N   1 
ATOM   1019 C CA  . VAL A 1 152 ? 18.437  -2.426  -6.069  1.00 25.84 ? 152 VAL A CA  1 
ATOM   1020 C C   . VAL A 1 152 ? 19.240  -3.685  -5.771  1.00 27.11 ? 152 VAL A C   1 
ATOM   1021 O O   . VAL A 1 152 ? 20.401  -3.599  -5.532  1.00 27.16 ? 152 VAL A O   1 
ATOM   1022 C CB  . VAL A 1 152 ? 17.679  -1.910  -4.822  1.00 27.23 ? 152 VAL A CB  1 
ATOM   1023 C CG1 . VAL A 1 152 ? 18.589  -1.817  -3.620  1.00 27.62 ? 152 VAL A CG1 1 
ATOM   1024 C CG2 . VAL A 1 152 ? 16.990  -0.567  -5.084  1.00 27.07 ? 152 VAL A CG2 1 
ATOM   1025 N N   . ILE A 1 153 ? 18.594  -4.851  -5.755  1.00 26.86 ? 153 ILE A N   1 
ATOM   1026 C CA  . ILE A 1 153 ? 19.285  -6.089  -5.508  1.00 24.45 ? 153 ILE A CA  1 
ATOM   1027 C C   . ILE A 1 153 ? 20.416  -6.255  -6.533  1.00 28.04 ? 153 ILE A C   1 
ATOM   1028 O O   . ILE A 1 153 ? 21.520  -6.650  -6.175  1.00 28.51 ? 153 ILE A O   1 
ATOM   1029 C CB  . ILE A 1 153 ? 18.310  -7.285  -5.533  1.00 23.00 ? 153 ILE A CB  1 
ATOM   1030 C CG1 . ILE A 1 153 ? 17.350  -7.261  -4.328  1.00 21.25 ? 153 ILE A CG1 1 
ATOM   1031 C CG2 . ILE A 1 153 ? 19.125  -8.566  -5.598  1.00 22.21 ? 153 ILE A CG2 1 
ATOM   1032 C CD1 . ILE A 1 153 ? 16.144  -8.173  -4.440  1.00 21.52 ? 153 ILE A CD1 1 
ATOM   1033 N N   . ASP A 1 154 ? 20.098  -6.026  -7.809  1.00 29.50 ? 154 ASP A N   1 
ATOM   1034 C CA  . ASP A 1 154 ? 21.086  -6.164  -8.912  1.00 29.80 ? 154 ASP A CA  1 
ATOM   1035 C C   . ASP A 1 154 ? 22.277  -5.234  -8.717  1.00 30.56 ? 154 ASP A C   1 
ATOM   1036 O O   . ASP A 1 154 ? 23.425  -5.646  -8.977  1.00 32.48 ? 154 ASP A O   1 
ATOM   1037 C CB  . ASP A 1 154 ? 20.467  -5.833  -10.261 1.00 29.93 ? 154 ASP A CB  1 
ATOM   1038 C CG  . ASP A 1 154 ? 19.720  -6.999  -10.877 1.00 27.65 ? 154 ASP A CG  1 
ATOM   1039 O OD1 . ASP A 1 154 ? 20.090  -8.165  -10.611 1.00 36.72 ? 154 ASP A OD1 1 
ATOM   1040 O OD2 . ASP A 1 154 ? 18.803  -6.721  -11.621 1.00 32.55 ? 154 ASP A OD2 1 
ATOM   1041 N N   . ALA A 1 155 ? 22.000  -4.004  -8.289  1.00 32.04 ? 155 ALA A N   1 
ATOM   1042 C CA  . ALA A 1 155 ? 23.085  -3.033  -8.033  1.00 33.00 ? 155 ALA A CA  1 
ATOM   1043 C C   . ALA A 1 155 ? 23.901  -3.542  -6.849  1.00 33.68 ? 155 ALA A C   1 
ATOM   1044 O O   . ALA A 1 155 ? 25.116  -3.435  -6.868  1.00 39.75 ? 155 ALA A O   1 
ATOM   1045 C CB  . ALA A 1 155 ? 22.556  -1.633  -7.827  1.00 33.03 ? 155 ALA A CB  1 
ATOM   1046 N N   . GLU A 1 156 ? 23.239  -4.119  -5.834  1.00 32.83 ? 156 GLU A N   1 
ATOM   1047 C CA  . GLU A 1 156 ? 23.945  -4.697  -4.706  1.00 29.32 ? 156 GLU A CA  1 
ATOM   1048 C C   . GLU A 1 156 ? 24.852  -5.841  -5.181  1.00 33.06 ? 156 GLU A C   1 
ATOM   1049 O O   . GLU A 1 156 ? 25.970  -5.989  -4.731  1.00 36.14 ? 156 GLU A O   1 
ATOM   1050 C CB  . GLU A 1 156 ? 22.968  -5.161  -3.629  1.00 30.11 ? 156 GLU A CB  1 
ATOM   1051 C CG  . GLU A 1 156 ? 22.342  -4.030  -2.826  1.00 30.55 ? 156 GLU A CG  1 
ATOM   1052 C CD  . GLU A 1 156 ? 23.344  -3.266  -1.973  1.00 31.46 ? 156 GLU A CD  1 
ATOM   1053 O OE1 . GLU A 1 156 ? 24.124  -2.500  -2.541  1.00 32.38 ? 156 GLU A OE1 1 
ATOM   1054 O OE2 . GLU A 1 156 ? 23.414  -3.520  -0.788  1.00 26.77 ? 156 GLU A OE2 1 
ATOM   1055 N N   . ARG A 1 157 ? 24.333  -6.714  -6.046  1.00 30.07 ? 157 ARG A N   1 
ATOM   1056 C CA  . ARG A 1 157 ? 25.153  -7.791  -6.604  1.00 28.43 ? 157 ARG A CA  1 
ATOM   1057 C C   . ARG A 1 157 ? 26.324  -7.231  -7.452  1.00 32.01 ? 157 ARG A C   1 
ATOM   1058 O O   . ARG A 1 157 ? 27.421  -7.750  -7.375  1.00 32.44 ? 157 ARG A O   1 
ATOM   1059 C CB  . ARG A 1 157 ? 24.259  -8.702  -7.440  1.00 27.15 ? 157 ARG A CB  1 
ATOM   1060 C CG  . ARG A 1 157 ? 23.268  -9.498  -6.589  1.00 25.42 ? 157 ARG A CG  1 
ATOM   1061 C CD  . ARG A 1 157 ? 22.378  -10.344 -7.477  1.00 26.41 ? 157 ARG A CD  1 
ATOM   1062 N NE  . ARG A 1 157 ? 21.407  -11.008 -6.653  1.00 25.05 ? 157 ARG A NE  1 
ATOM   1063 C CZ  . ARG A 1 157 ? 20.618  -11.978 -7.062  1.00 24.16 ? 157 ARG A CZ  1 
ATOM   1064 N NH1 . ARG A 1 157 ? 20.493  -12.248 -8.361  1.00 23.09 ? 157 ARG A NH1 1 
ATOM   1065 N NH2 . ARG A 1 157 ? 20.000  -12.690 -6.137  1.00 24.79 ? 157 ARG A NH2 1 
ATOM   1066 N N   . ASP A 1 158 ? 26.063  -6.216  -8.289  1.00 33.38 ? 158 ASP A N   1 
ATOM   1067 C CA  . ASP A 1 158 ? 27.093  -5.660  -9.185  1.00 40.36 ? 158 ASP A CA  1 
ATOM   1068 C C   . ASP A 1 158 ? 28.235  -5.071  -8.338  1.00 40.61 ? 158 ASP A C   1 
ATOM   1069 O O   . ASP A 1 158 ? 29.395  -5.290  -8.673  1.00 43.35 ? 158 ASP A O   1 
ATOM   1070 C CB  . ASP A 1 158 ? 26.534  -4.622  -10.161 1.00 39.76 ? 158 ASP A CB  1 
ATOM   1071 C CG  . ASP A 1 158 ? 25.596  -5.169  -11.220 1.00 43.02 ? 158 ASP A CG  1 
ATOM   1072 O OD1 . ASP A 1 158 ? 25.520  -6.418  -11.400 1.00 42.96 ? 158 ASP A OD1 1 
ATOM   1073 O OD2 . ASP A 1 158 ? 24.916  -4.337  -11.845 1.00 46.25 ? 158 ASP A OD2 1 
ATOM   1074 N N   . ARG A 1 159 ? 27.915  -4.419  -7.213  1.00 35.58 ? 159 ARG A N   1 
ATOM   1075 C CA  . ARG A 1 159 ? 28.937  -3.797  -6.317  1.00 40.63 ? 159 ARG A CA  1 
ATOM   1076 C C   . ARG A 1 159 ? 29.654  -4.856  -5.466  1.00 39.37 ? 159 ARG A C   1 
ATOM   1077 O O   . ARG A 1 159 ? 30.640  -4.539  -4.824  1.00 39.24 ? 159 ARG A O   1 
ATOM   1078 C CB  . ARG A 1 159 ? 28.330  -2.613  -5.541  1.00 42.62 ? 159 ARG A CB  1 
ATOM   1079 C CG  . ARG A 1 159 ? 27.841  -2.877  -4.124  1.00 46.57 ? 159 ARG A CG  1 
ATOM   1080 C CD  . ARG A 1 159 ? 27.235  -1.620  -3.494  1.00 53.41 ? 159 ARG A CD  1 
ATOM   1081 N NE  . ARG A 1 159 ? 26.419  -1.865  -2.292  1.00 55.54 ? 159 ARG A NE  1 
ATOM   1082 C CZ  . ARG A 1 159 ? 26.862  -1.929  -1.028  1.00 64.26 ? 159 ARG A CZ  1 
ATOM   1083 N NH1 . ARG A 1 159 ? 28.120  -1.649  -0.731  1.00 79.67 ? 159 ARG A NH1 1 
ATOM   1084 N NH2 . ARG A 1 159 ? 26.044  -2.290  -0.053  1.00 65.58 ? 159 ARG A NH2 1 
ATOM   1085 N N   . GLY A 1 160 ? 29.202  -6.119  -5.490  1.00 35.51 ? 160 GLY A N   1 
ATOM   1086 C CA  . GLY A 1 160 ? 29.865  -7.229  -4.779  1.00 34.49 ? 160 GLY A CA  1 
ATOM   1087 C C   . GLY A 1 160 ? 29.375  -7.365  -3.348  1.00 35.41 ? 160 GLY A C   1 
ATOM   1088 O O   . GLY A 1 160 ? 29.926  -8.112  -2.594  1.00 36.56 ? 160 GLY A O   1 
ATOM   1089 N N   . ALA A 1 161 ? 28.286  -6.661  -3.012  1.00 38.04 ? 161 ALA A N   1 
ATOM   1090 C CA  . ALA A 1 161 ? 27.700  -6.649  -1.661  1.00 36.59 ? 161 ALA A CA  1 
ATOM   1091 C C   . ALA A 1 161 ? 26.726  -7.818  -1.468  1.00 34.54 ? 161 ALA A C   1 
ATOM   1092 O O   . ALA A 1 161 ? 26.561  -8.283  -0.375  1.00 40.48 ? 161 ALA A O   1 
ATOM   1093 C CB  . ALA A 1 161 ? 27.035  -5.309  -1.415  1.00 39.27 ? 161 ALA A CB  1 
ATOM   1094 N N   . ALA A 1 162 ? 26.108  -8.305  -2.546  1.00 32.93 ? 162 ALA A N   1 
ATOM   1095 C CA  . ALA A 1 162 ? 25.121  -9.409  -2.458  1.00 31.68 ? 162 ALA A CA  1 
ATOM   1096 C C   . ALA A 1 162 ? 25.524  -10.533 -3.402  1.00 27.06 ? 162 ALA A C   1 
ATOM   1097 O O   . ALA A 1 162 ? 26.011  -10.275 -4.488  1.00 29.95 ? 162 ALA A O   1 
ATOM   1098 C CB  . ALA A 1 162 ? 23.733  -8.910  -2.763  1.00 28.30 ? 162 ALA A CB  1 
ATOM   1099 N N   . PRO A 1 163 ? 25.405  -11.804 -2.980  1.00 29.76 ? 163 PRO A N   1 
ATOM   1100 C CA  . PRO A 1 163 ? 25.770  -12.940 -3.827  1.00 33.06 ? 163 PRO A CA  1 
ATOM   1101 C C   . PRO A 1 163 ? 24.705  -13.193 -4.909  1.00 32.52 ? 163 PRO A C   1 
ATOM   1102 O O   . PRO A 1 163 ? 23.507  -12.880 -4.727  1.00 28.83 ? 163 PRO A O   1 
ATOM   1103 C CB  . PRO A 1 163 ? 25.854  -14.103 -2.802  1.00 33.33 ? 163 PRO A CB  1 
ATOM   1104 C CG  . PRO A 1 163 ? 24.794  -13.735 -1.755  1.00 32.92 ? 163 PRO A CG  1 
ATOM   1105 C CD  . PRO A 1 163 ? 24.894  -12.222 -1.664  1.00 30.45 ? 163 PRO A CD  1 
ATOM   1106 N N   . ARG A 1 164 ? 25.134  -13.786 -6.016  1.00 28.17 ? 164 ARG A N   1 
ATOM   1107 C CA  . ARG A 1 164 ? 24.231  -14.056 -7.107  1.00 32.03 ? 164 ARG A CA  1 
ATOM   1108 C C   . ARG A 1 164 ? 23.545  -15.400 -6.827  1.00 32.78 ? 164 ARG A C   1 
ATOM   1109 O O   . ARG A 1 164 ? 24.044  -16.460 -7.193  1.00 29.93 ? 164 ARG A O   1 
ATOM   1110 C CB  . ARG A 1 164 ? 24.996  -14.058 -8.439  1.00 32.47 ? 164 ARG A CB  1 
ATOM   1111 C CG  . ARG A 1 164 ? 25.662  -12.722 -8.755  1.00 36.67 ? 164 ARG A CG  1 
ATOM   1112 C CD  . ARG A 1 164 ? 26.043  -12.520 -10.223 1.00 40.72 ? 164 ARG A CD  1 
ATOM   1113 N NE  . ARG A 1 164 ? 26.606  -11.184 -10.457 1.00 38.62 ? 164 ARG A NE  1 
ATOM   1114 C CZ  . ARG A 1 164 ? 25.887  -10.078 -10.683 1.00 36.68 ? 164 ARG A CZ  1 
ATOM   1115 N NH1 . ARG A 1 164 ? 24.569  -10.135 -10.796 1.00 43.58 ? 164 ARG A NH1 1 
ATOM   1116 N NH2 . ARG A 1 164 ? 26.491  -8.911  -10.803 1.00 38.44 ? 164 ARG A NH2 1 
ATOM   1117 N N   . THR A 1 165 ? 22.398  -15.345 -6.178  1.00 27.32 ? 165 THR A N   1 
ATOM   1118 C CA  . THR A 1 165 ? 21.657  -16.536 -5.828  1.00 29.13 ? 165 THR A CA  1 
ATOM   1119 C C   . THR A 1 165 ? 20.476  -16.637 -6.791  1.00 28.33 ? 165 THR A C   1 
ATOM   1120 O O   . THR A 1 165 ? 20.642  -16.817 -7.980  1.00 25.70 ? 165 THR A O   1 
ATOM   1121 C CB  . THR A 1 165 ? 21.266  -16.476 -4.346  1.00 28.53 ? 165 THR A CB  1 
ATOM   1122 O OG1 . THR A 1 165 ? 20.682  -15.184 -4.122  1.00 24.01 ? 165 THR A OG1 1 
ATOM   1123 C CG2 . THR A 1 165 ? 22.451  -16.664 -3.430  1.00 30.00 ? 165 THR A CG2 1 
ATOM   1124 N N   . LEU A 1 166 ? 19.279  -16.403 -6.285  1.00 26.06 ? 166 LEU A N   1 
ATOM   1125 C CA  . LEU A 1 166 ? 18.099  -16.504 -7.087  1.00 25.17 ? 166 LEU A CA  1 
ATOM   1126 C C   . LEU A 1 166 ? 18.108  -15.387 -8.127  1.00 24.66 ? 166 LEU A C   1 
ATOM   1127 O O   . LEU A 1 166 ? 18.709  -14.343 -7.890  1.00 24.77 ? 166 LEU A O   1 
ATOM   1128 C CB  . LEU A 1 166 ? 16.870  -16.266 -6.218  1.00 22.82 ? 166 LEU A CB  1 
ATOM   1129 C CG  . LEU A 1 166 ? 16.546  -17.267 -5.115  1.00 26.50 ? 166 LEU A CG  1 
ATOM   1130 C CD1 . LEU A 1 166 ? 15.230  -16.826 -4.489  1.00 24.29 ? 166 LEU A CD1 1 
ATOM   1131 C CD2 . LEU A 1 166 ? 16.451  -18.700 -5.647  1.00 28.11 ? 166 LEU A CD2 1 
ATOM   1132 N N   . PRO A 1 167 ? 17.383  -15.558 -9.253  1.00 24.64 ? 167 PRO A N   1 
ATOM   1133 C CA  . PRO A 1 167 ? 17.001  -14.444 -10.131 1.00 23.94 ? 167 PRO A CA  1 
ATOM   1134 C C   . PRO A 1 167 ? 16.428  -13.292 -9.302  1.00 24.29 ? 167 PRO A C   1 
ATOM   1135 O O   . PRO A 1 167 ? 15.479  -13.505 -8.564  1.00 24.03 ? 167 PRO A O   1 
ATOM   1136 C CB  . PRO A 1 167 ? 15.907  -15.042 -11.019 1.00 24.58 ? 167 PRO A CB  1 
ATOM   1137 C CG  . PRO A 1 167 ? 16.301  -16.528 -11.125 1.00 25.40 ? 167 PRO A CG  1 
ATOM   1138 C CD  . PRO A 1 167 ? 16.919  -16.850 -9.776  1.00 23.85 ? 167 PRO A CD  1 
ATOM   1139 N N   . ALA A 1 168 ? 16.999  -12.094 -9.453  1.00 22.83 ? 168 ALA A N   1 
ATOM   1140 C CA  . ALA A 1 168 ? 16.665  -10.963 -8.635  1.00 22.86 ? 168 ALA A CA  1 
ATOM   1141 C C   . ALA A 1 168 ? 15.174  -10.681 -8.741  1.00 21.41 ? 168 ALA A C   1 
ATOM   1142 O O   . ALA A 1 168 ? 14.605  -10.298 -7.740  1.00 19.97 ? 168 ALA A O   1 
ATOM   1143 C CB  . ALA A 1 168 ? 17.496  -9.739  -9.007  1.00 23.97 ? 168 ALA A CB  1 
ATOM   1144 N N   . HIS A 1 169 ? 14.575  -10.806 -9.937  1.00 20.03 ? 169 HIS A N   1 
ATOM   1145 C CA  . HIS A 1 169 ? 13.225  -10.321 -10.104 1.00 22.12 ? 169 HIS A CA  1 
ATOM   1146 C C   . HIS A 1 169 ? 12.241  -11.251 -9.380  1.00 23.84 ? 169 HIS A C   1 
ATOM   1147 O O   . HIS A 1 169 ? 11.207  -10.818 -8.898  1.00 21.65 ? 169 HIS A O   1 
ATOM   1148 C CB  . HIS A 1 169 ? 12.857  -10.184 -11.582 1.00 22.07 ? 169 HIS A CB  1 
ATOM   1149 C CG  . HIS A 1 169 ? 11.584  -9.446  -11.841 1.00 19.39 ? 169 HIS A CG  1 
ATOM   1150 N ND1 . HIS A 1 169 ? 10.352  -10.072 -11.935 1.00 21.51 ? 169 HIS A ND1 1 
ATOM   1151 C CD2 . HIS A 1 169 ? 11.355  -8.120  -11.952 1.00 18.65 ? 169 HIS A CD2 1 
ATOM   1152 C CE1 . HIS A 1 169 ? 9.412   -9.155  -12.144 1.00 19.54 ? 169 HIS A CE1 1 
ATOM   1153 N NE2 . HIS A 1 169 ? 10.031  -7.930  -12.207 1.00 19.89 ? 169 HIS A NE2 1 
ATOM   1154 N N   . GLU A 1 170 ? 12.565  -12.551 -9.389  1.00 20.57 ? 170 GLU A N   1 
ATOM   1155 C CA  . GLU A 1 170 ? 11.757  -13.598 -8.756  1.00 20.65 ? 170 GLU A CA  1 
ATOM   1156 C C   . GLU A 1 170 ? 11.831  -13.438 -7.231  1.00 19.17 ? 170 GLU A C   1 
ATOM   1157 O O   . GLU A 1 170 ? 10.791  -13.501 -6.583  1.00 16.67 ? 170 GLU A O   1 
ATOM   1158 C CB  . GLU A 1 170 ? 12.214  -14.983 -9.208  1.00 20.90 ? 170 GLU A CB  1 
ATOM   1159 C CG  . GLU A 1 170 ? 11.935  -15.219 -10.667 1.00 21.49 ? 170 GLU A CG  1 
ATOM   1160 C CD  . GLU A 1 170 ? 12.518  -16.485 -11.285 1.00 23.82 ? 170 GLU A CD  1 
ATOM   1161 O OE1 . GLU A 1 170 ? 13.130  -17.296 -10.554 1.00 20.88 ? 170 GLU A OE1 1 
ATOM   1162 O OE2 . GLU A 1 170 ? 12.354  -16.614 -12.524 1.00 24.69 ? 170 GLU A OE2 1 
ATOM   1163 N N   . LEU A 1 171 ? 13.049  -13.228 -6.705  1.00 18.78 ? 171 LEU A N   1 
ATOM   1164 C CA  . LEU A 1 171 ? 13.281  -12.992 -5.288  1.00 19.92 ? 171 LEU A CA  1 
ATOM   1165 C C   . LEU A 1 171 ? 12.483  -11.758 -4.893  1.00 18.94 ? 171 LEU A C   1 
ATOM   1166 O O   . LEU A 1 171 ? 11.758  -11.788 -3.904  1.00 17.74 ? 171 LEU A O   1 
ATOM   1167 C CB  . LEU A 1 171 ? 14.772  -12.803 -5.029  1.00 20.85 ? 171 LEU A CB  1 
ATOM   1168 C CG  . LEU A 1 171 ? 15.195  -12.406 -3.615  1.00 21.19 ? 171 LEU A CG  1 
ATOM   1169 C CD1 . LEU A 1 171 ? 14.612  -13.320 -2.531  1.00 19.38 ? 171 LEU A CD1 1 
ATOM   1170 C CD2 . LEU A 1 171 ? 16.710  -12.346 -3.529  1.00 21.51 ? 171 LEU A CD2 1 
ATOM   1171 N N   . ALA A 1 172 ? 12.610  -10.706 -5.705  1.00 18.10 ? 172 ALA A N   1 
ATOM   1172 C CA  . ALA A 1 172 ? 11.896  -9.417  -5.443  1.00 20.45 ? 172 ALA A CA  1 
ATOM   1173 C C   . ALA A 1 172 ? 10.383  -9.634  -5.407  1.00 18.89 ? 172 ALA A C   1 
ATOM   1174 O O   . ALA A 1 172 ? 9.679   -9.132  -4.495  1.00 18.82 ? 172 ALA A O   1 
ATOM   1175 C CB  . ALA A 1 172 ? 12.300  -8.397  -6.457  1.00 19.74 ? 172 ALA A CB  1 
ATOM   1176 N N   . THR A 1 173 ? 9.864   -10.430 -6.351  1.00 19.15 ? 173 THR A N   1 
ATOM   1177 C CA  . THR A 1 173 ? 8.451   -10.750 -6.366  1.00 19.32 ? 173 THR A CA  1 
ATOM   1178 C C   . THR A 1 173 ? 8.022   -11.365 -5.014  1.00 17.73 ? 173 THR A C   1 
ATOM   1179 O O   . THR A 1 173 ? 7.106   -10.903 -4.426  1.00 18.07 ? 173 THR A O   1 
ATOM   1180 C CB  . THR A 1 173 ? 8.061   -11.595 -7.593  1.00 20.66 ? 173 THR A CB  1 
ATOM   1181 O OG1 . THR A 1 173 ? 8.528   -10.908 -8.762  1.00 20.15 ? 173 THR A OG1 1 
ATOM   1182 C CG2 . THR A 1 173 ? 6.577   -11.892 -7.640  1.00 19.84 ? 173 THR A CG2 1 
ATOM   1183 N N   . ALA A 1 174 ? 8.630   -12.483 -4.582  1.00 17.92 ? 174 ALA A N   1 
ATOM   1184 C CA  . ALA A 1 174 ? 8.203   -13.148 -3.383  1.00 17.58 ? 174 ALA A CA  1 
ATOM   1185 C C   . ALA A 1 174 ? 8.287   -12.207 -2.171  1.00 16.16 ? 174 ALA A C   1 
ATOM   1186 O O   . ALA A 1 174 ? 7.487   -12.274 -1.314  1.00 16.89 ? 174 ALA A O   1 
ATOM   1187 C CB  . ALA A 1 174 ? 9.033   -14.404 -3.168  1.00 16.70 ? 174 ALA A CB  1 
ATOM   1188 N N   . LEU A 1 175 ? 9.340   -11.368 -2.079  1.00 15.61 ? 175 LEU A N   1 
ATOM   1189 C CA  . LEU A 1 175 ? 9.533   -10.587 -0.924  1.00 15.88 ? 175 LEU A CA  1 
ATOM   1190 C C   . LEU A 1 175 ? 8.461   -9.490  -0.861  1.00 18.16 ? 175 LEU A C   1 
ATOM   1191 O O   . LEU A 1 175 ? 7.936   -9.125  0.230   1.00 18.77 ? 175 LEU A O   1 
ATOM   1192 C CB  . LEU A 1 175 ? 10.942  -10.006 -0.941  1.00 16.39 ? 175 LEU A CB  1 
ATOM   1193 C CG  . LEU A 1 175 ? 12.092  -10.979 -0.642  1.00 17.40 ? 175 LEU A CG  1 
ATOM   1194 C CD1 . LEU A 1 175 ? 13.411  -10.213 -0.706  1.00 18.66 ? 175 LEU A CD1 1 
ATOM   1195 C CD2 . LEU A 1 175 ? 11.933  -11.641 0.716   1.00 18.49 ? 175 LEU A CD2 1 
ATOM   1196 N N   . ASN A 1 176 ? 8.099   -8.962  -2.013  1.00 19.21 ? 176 ASN A N   1 
ATOM   1197 C CA  . ASN A 1 176 ? 7.052   -7.931  -2.071  1.00 17.95 ? 176 ASN A CA  1 
ATOM   1198 C C   . ASN A 1 176 ? 5.683   -8.536  -1.732  1.00 17.97 ? 176 ASN A C   1 
ATOM   1199 O O   . ASN A 1 176 ? 4.846   -7.912  -1.079  1.00 17.94 ? 176 ASN A O   1 
ATOM   1200 C CB  . ASN A 1 176 ? 7.094   -7.244  -3.438  1.00 19.45 ? 176 ASN A CB  1 
ATOM   1201 C CG  . ASN A 1 176 ? 8.100   -6.104  -3.464  1.00 19.88 ? 176 ASN A CG  1 
ATOM   1202 O OD1 . ASN A 1 176 ? 7.711   -4.983  -3.171  1.00 23.56 ? 176 ASN A OD1 1 
ATOM   1203 N ND2 . ASN A 1 176 ? 9.370   -6.359  -3.774  1.00 18.84 ? 176 ASN A ND2 1 
ATOM   1204 N N   . LEU A 1 177 ? 5.408   -9.738  -2.251  1.00 18.74 ? 177 LEU A N   1 
ATOM   1205 C CA  . LEU A 1 177 ? 4.158   -10.427 -1.958  1.00 18.44 ? 177 LEU A CA  1 
ATOM   1206 C C   . LEU A 1 177 ? 4.055   -10.824 -0.454  1.00 18.08 ? 177 LEU A C   1 
ATOM   1207 O O   . LEU A 1 177 ? 2.990   -10.694 0.183   1.00 17.53 ? 177 LEU A O   1 
ATOM   1208 C CB  . LEU A 1 177 ? 4.042   -11.664 -2.868  1.00 20.56 ? 177 LEU A CB  1 
ATOM   1209 C CG  . LEU A 1 177 ? 3.643   -11.382 -4.334  1.00 20.38 ? 177 LEU A CG  1 
ATOM   1210 C CD1 . LEU A 1 177 ? 3.582   -12.687 -5.099  1.00 22.24 ? 177 LEU A CD1 1 
ATOM   1211 C CD2 . LEU A 1 177 ? 2.348   -10.613 -4.428  1.00 20.57 ? 177 LEU A CD2 1 
ATOM   1212 N N   . MET A 1 178 ? 5.170   -11.258 0.150   1.00 18.24 ? 178 MET A N   1 
ATOM   1213 C CA  . MET A 1 178 ? 5.220   -11.453 1.547   1.00 18.55 ? 178 MET A CA  1 
ATOM   1214 C C   . MET A 1 178 ? 4.802   -10.170 2.268   1.00 18.03 ? 178 MET A C   1 
ATOM   1215 O O   . MET A 1 178 ? 4.019   -10.239 3.245   1.00 17.57 ? 178 MET A O   1 
ATOM   1216 C CB  . MET A 1 178 ? 6.607   -11.833 2.054   1.00 19.67 ? 178 MET A CB  1 
ATOM   1217 C CG  . MET A 1 178 ? 6.726   -11.786 3.594   1.00 19.89 ? 178 MET A CG  1 
ATOM   1218 S SD  . MET A 1 178 ? 8.358   -12.376 4.166   1.00 21.17 ? 178 MET A SD  1 
ATOM   1219 C CE  . MET A 1 178 ? 9.450   -10.996 3.766   1.00 22.46 ? 178 MET A CE  1 
ATOM   1220 N N   . ASN A 1 179 ? 5.465   -9.071  1.942   1.00 19.27 ? 179 ASN A N   1 
ATOM   1221 C CA  . ASN A 1 179 ? 5.193   -7.799  2.607   1.00 20.99 ? 179 ASN A CA  1 
ATOM   1222 C C   . ASN A 1 179 ? 3.719   -7.431  2.505   1.00 20.53 ? 179 ASN A C   1 
ATOM   1223 O O   . ASN A 1 179 ? 3.137   -6.999  3.496   1.00 22.10 ? 179 ASN A O   1 
ATOM   1224 C CB  . ASN A 1 179 ? 6.033   -6.636  2.112   1.00 19.01 ? 179 ASN A CB  1 
ATOM   1225 C CG  . ASN A 1 179 ? 7.425   -6.700  2.678   1.00 18.87 ? 179 ASN A CG  1 
ATOM   1226 O OD1 . ASN A 1 179 ? 7.826   -7.762  3.121   1.00 18.43 ? 179 ASN A OD1 1 
ATOM   1227 N ND2 . ASN A 1 179 ? 8.166   -5.594  2.649   1.00 17.91 ? 179 ASN A ND2 1 
ATOM   1228 N N   . GLU A 1 180 ? 3.145   -7.563  1.319   1.00 20.02 ? 180 GLU A N   1 
ATOM   1229 C CA  . GLU A 1 180 ? 1.749   -7.211  1.108   1.00 20.60 ? 180 GLU A CA  1 
ATOM   1230 C C   . GLU A 1 180 ? 0.873   -8.004  2.091   1.00 21.77 ? 180 GLU A C   1 
ATOM   1231 O O   . GLU A 1 180 ? 0.052   -7.444  2.842   1.00 18.96 ? 180 GLU A O   1 
ATOM   1232 C CB  . GLU A 1 180 ? 1.317   -7.577  -0.315  1.00 23.59 ? 180 GLU A CB  1 
ATOM   1233 C CG  . GLU A 1 180 ? -0.145  -7.270  -0.603  1.00 26.42 ? 180 GLU A CG  1 
ATOM   1234 C CD  . GLU A 1 180 ? -0.668  -7.924  -1.869  1.00 31.87 ? 180 GLU A CD  1 
ATOM   1235 O OE1 . GLU A 1 180 ? -0.004  -7.869  -2.874  1.00 31.59 ? 180 GLU A OE1 1 
ATOM   1236 O OE2 . GLU A 1 180 ? -1.723  -8.545  -1.818  1.00 47.66 ? 180 GLU A OE2 1 
ATOM   1237 N N   . ARG A 1 181 ? 1.033   -9.329  2.067   1.00 21.50 ? 181 ARG A N   1 
ATOM   1238 C CA  . ARG A 1 181 ? 0.172   -10.206 2.842   1.00 22.75 ? 181 ARG A CA  1 
ATOM   1239 C C   . ARG A 1 181 ? 0.389   -10.013 4.350   1.00 21.31 ? 181 ARG A C   1 
ATOM   1240 O O   . ARG A 1 181 ? -0.572  -9.989  5.117   1.00 19.98 ? 181 ARG A O   1 
ATOM   1241 C CB  . ARG A 1 181 ? 0.452   -11.669 2.525   1.00 22.99 ? 181 ARG A CB  1 
ATOM   1242 C CG  . ARG A 1 181 ? -0.534  -12.627 3.170   1.00 26.15 ? 181 ARG A CG  1 
ATOM   1243 C CD  . ARG A 1 181 ? -1.944  -12.546 2.594   1.00 28.83 ? 181 ARG A CD  1 
ATOM   1244 N NE  . ARG A 1 181 ? -2.767  -13.565 3.237   1.00 31.05 ? 181 ARG A NE  1 
ATOM   1245 C CZ  . ARG A 1 181 ? -3.429  -13.406 4.389   1.00 31.58 ? 181 ARG A CZ  1 
ATOM   1246 N NH1 . ARG A 1 181 ? -3.658  -12.203 4.854   1.00 29.97 ? 181 ARG A NH1 1 
ATOM   1247 N NH2 . ARG A 1 181 ? -3.910  -14.445 5.045   1.00 33.30 ? 181 ARG A NH2 1 
ATOM   1248 N N   . THR A 1 182 ? 1.654   -9.905  4.767   1.00 17.61 ? 182 THR A N   1 
ATOM   1249 C CA  . THR A 1 182 ? 2.009   -9.844  6.168   1.00 19.51 ? 182 THR A CA  1 
ATOM   1250 C C   . THR A 1 182 ? 1.654   -8.458  6.754   1.00 21.15 ? 182 THR A C   1 
ATOM   1251 O O   . THR A 1 182 ? 1.072   -8.379  7.834   1.00 17.76 ? 182 THR A O   1 
ATOM   1252 C CB  . THR A 1 182 ? 3.508   -10.164 6.302   1.00 20.33 ? 182 THR A CB  1 
ATOM   1253 O OG1 . THR A 1 182 ? 3.740   -11.435 5.680   1.00 21.43 ? 182 THR A OG1 1 
ATOM   1254 C CG2 . THR A 1 182 ? 3.994   -10.150 7.727   1.00 21.13 ? 182 THR A CG2 1 
ATOM   1255 N N   . LEU A 1 183 ? 1.970   -7.358  6.034   1.00 19.17 ? 183 LEU A N   1 
ATOM   1256 C CA  . LEU A 1 183 ? 1.595   -6.017  6.533   1.00 21.09 ? 183 LEU A CA  1 
ATOM   1257 C C   . LEU A 1 183 ? 0.081   -5.960  6.728   1.00 23.88 ? 183 LEU A C   1 
ATOM   1258 O O   . LEU A 1 183 ? -0.391  -5.528  7.812   1.00 22.74 ? 183 LEU A O   1 
ATOM   1259 C CB  . LEU A 1 183 ? 2.046   -4.899  5.600   1.00 22.45 ? 183 LEU A CB  1 
ATOM   1260 C CG  . LEU A 1 183 ? 3.533   -4.552  5.635   1.00 23.86 ? 183 LEU A CG  1 
ATOM   1261 C CD1 . LEU A 1 183 ? 3.851   -3.526  4.566   1.00 25.14 ? 183 LEU A CD1 1 
ATOM   1262 C CD2 . LEU A 1 183 ? 3.944   -4.031  6.988   1.00 25.70 ? 183 LEU A CD2 1 
ATOM   1263 N N   . PHE A 1 184 ? -0.667  -6.392  5.713   1.00 23.15 ? 184 PHE A N   1 
ATOM   1264 C CA  . PHE A 1 184 ? -2.122  -6.158  5.697   1.00 24.20 ? 184 PHE A CA  1 
ATOM   1265 C C   . PHE A 1 184 ? -2.815  -7.076  6.726   1.00 26.19 ? 184 PHE A C   1 
ATOM   1266 O O   . PHE A 1 184 ? -3.773  -6.634  7.359   1.00 24.12 ? 184 PHE A O   1 
ATOM   1267 C CB  . PHE A 1 184 ? -2.701  -6.274  4.276   1.00 26.88 ? 184 PHE A CB  1 
ATOM   1268 C CG  . PHE A 1 184 ? -2.174  -5.253  3.279   1.00 28.54 ? 184 PHE A CG  1 
ATOM   1269 C CD1 . PHE A 1 184 ? -1.380  -4.181  3.676   1.00 28.96 ? 184 PHE A CD1 1 
ATOM   1270 C CD2 . PHE A 1 184 ? -2.457  -5.385  1.921   1.00 30.79 ? 184 PHE A CD2 1 
ATOM   1271 C CE1 . PHE A 1 184 ? -0.897  -3.263  2.740   1.00 29.78 ? 184 PHE A CE1 1 
ATOM   1272 C CE2 . PHE A 1 184 ? -2.006  -4.451  0.989   1.00 30.06 ? 184 PHE A CE2 1 
ATOM   1273 C CZ  . PHE A 1 184 ? -1.198  -3.412  1.396   1.00 27.05 ? 184 PHE A CZ  1 
ATOM   1274 N N   . ALA A 1 185 ? -2.300  -8.301  6.942   1.00 22.56 ? 185 ALA A N   1 
ATOM   1275 C CA  . ALA A 1 185 ? -2.783  -9.182  8.023   1.00 22.67 ? 185 ALA A CA  1 
ATOM   1276 C C   . ALA A 1 185 ? -2.558  -8.510  9.390   1.00 23.41 ? 185 ALA A C   1 
ATOM   1277 O O   . ALA A 1 185 ? -3.399  -8.540  10.266  1.00 26.23 ? 185 ALA A O   1 
ATOM   1278 C CB  . ALA A 1 185 ? -2.030  -10.486 7.950   1.00 24.56 ? 185 ALA A CB  1 
ATOM   1279 N N   . SER A 1 186 ? -1.371  -7.934  9.567   1.00 21.93 ? 186 SER A N   1 
ATOM   1280 C CA  A SER A 1 186 ? -1.020  -7.260  10.781  0.50 22.40 ? 186 SER A CA  1 
ATOM   1281 C CA  B SER A 1 186 ? -1.002  -7.244  10.789  0.50 21.79 ? 186 SER A CA  1 
ATOM   1282 C C   . SER A 1 186 ? -1.969  -6.071  11.013  1.00 23.97 ? 186 SER A C   1 
ATOM   1283 O O   . SER A 1 186 ? -2.554  -5.935  12.080  1.00 23.86 ? 186 SER A O   1 
ATOM   1284 C CB  A SER A 1 186 ? 0.420   -6.842  10.744  0.50 21.47 ? 186 SER A CB  1 
ATOM   1285 C CB  B SER A 1 186 ? 0.445   -6.783  10.765  0.50 20.26 ? 186 SER A CB  1 
ATOM   1286 O OG  A SER A 1 186 ? 0.811   -6.345  12.004  0.50 23.32 ? 186 SER A OG  1 
ATOM   1287 O OG  B SER A 1 186 ? 1.347   -7.859  10.987  0.50 20.34 ? 186 SER A OG  1 
ATOM   1288 N N   . PHE A 1 187 ? -2.146  -5.220  10.002  1.00 21.89 ? 187 PHE A N   1 
ATOM   1289 C CA  . PHE A 1 187 ? -3.000  -4.038  10.178  1.00 24.38 ? 187 PHE A CA  1 
ATOM   1290 C C   . PHE A 1 187 ? -4.436  -4.429  10.530  1.00 29.86 ? 187 PHE A C   1 
ATOM   1291 O O   . PHE A 1 187 ? -5.092  -3.718  11.282  1.00 30.58 ? 187 PHE A O   1 
ATOM   1292 C CB  . PHE A 1 187 ? -3.062  -3.210  8.901   1.00 23.75 ? 187 PHE A CB  1 
ATOM   1293 C CG  . PHE A 1 187 ? -1.751  -2.606  8.495   1.00 22.96 ? 187 PHE A CG  1 
ATOM   1294 C CD1 . PHE A 1 187 ? -0.773  -2.321  9.446   1.00 22.54 ? 187 PHE A CD1 1 
ATOM   1295 C CD2 . PHE A 1 187 ? -1.525  -2.251  7.176   1.00 23.66 ? 187 PHE A CD2 1 
ATOM   1296 C CE1 . PHE A 1 187 ? 0.390   -1.660  9.076   1.00 23.75 ? 187 PHE A CE1 1 
ATOM   1297 C CE2 . PHE A 1 187 ? -0.334  -1.648  6.807   1.00 25.28 ? 187 PHE A CE2 1 
ATOM   1298 C CZ  . PHE A 1 187 ? 0.626   -1.364  7.747   1.00 24.27 ? 187 PHE A CZ  1 
ATOM   1299 N N   . ALA A 1 188 ? -4.934  -5.496  9.905   1.00 30.18 ? 188 ALA A N   1 
ATOM   1300 C CA  . ALA A 1 188 ? -6.325  -5.951  10.107  1.00 32.87 ? 188 ALA A CA  1 
ATOM   1301 C C   . ALA A 1 188 ? -6.470  -6.722  11.421  1.00 35.83 ? 188 ALA A C   1 
ATOM   1302 O O   . ALA A 1 188 ? -7.589  -7.090  11.785  1.00 36.34 ? 188 ALA A O   1 
ATOM   1303 C CB  . ALA A 1 188 ? -6.756  -6.820  8.959   1.00 35.16 ? 188 ALA A CB  1 
ATOM   1304 N N   . GLY A 1 189 ? -5.344  -7.014  12.083  1.00 31.92 ? 189 GLY A N   1 
ATOM   1305 C CA  . GLY A 1 189 ? -5.333  -7.885  13.218  1.00 34.60 ? 189 GLY A CA  1 
ATOM   1306 C C   . GLY A 1 189 ? -5.889  -9.272  12.885  1.00 37.26 ? 189 GLY A C   1 
ATOM   1307 O O   . GLY A 1 189 ? -6.584  -9.857  13.714  1.00 34.10 ? 189 GLY A O   1 
ATOM   1308 N N   . GLU A 1 190 ? -5.553  -9.843  11.712  1.00 32.91 ? 190 GLU A N   1 
ATOM   1309 C CA  . GLU A 1 190 ? -6.047  -11.207 11.354  1.00 32.11 ? 190 GLU A CA  1 
ATOM   1310 C C   . GLU A 1 190 ? -5.445  -12.228 12.308  1.00 29.25 ? 190 GLU A C   1 
ATOM   1311 O O   . GLU A 1 190 ? -4.386  -12.009 12.931  1.00 28.01 ? 190 GLU A O   1 
ATOM   1312 C CB  . GLU A 1 190 ? -5.674  -11.708 9.960   1.00 32.41 ? 190 GLU A CB  1 
ATOM   1313 C CG  . GLU A 1 190 ? -6.341  -10.940 8.877   1.00 33.07 ? 190 GLU A CG  1 
ATOM   1314 C CD  . GLU A 1 190 ? -5.947  -11.364 7.477   1.00 34.87 ? 190 GLU A CD  1 
ATOM   1315 O OE1 . GLU A 1 190 ? -5.264  -12.392 7.319   1.00 32.14 ? 190 GLU A OE1 1 
ATOM   1316 O OE2 . GLU A 1 190 ? -6.404  -10.680 6.546   1.00 45.68 ? 190 GLU A OE2 1 
ATOM   1317 N N   . GLN A 1 191 ? -6.148  -13.353 12.436  1.00 32.57 ? 191 GLN A N   1 
ATOM   1318 C CA  . GLN A 1 191 ? -5.589  -14.512 13.108  1.00 34.29 ? 191 GLN A CA  1 
ATOM   1319 C C   . GLN A 1 191 ? -5.362  -15.580 12.040  1.00 34.26 ? 191 GLN A C   1 
ATOM   1320 O O   . GLN A 1 191 ? -6.330  -16.048 11.414  1.00 37.41 ? 191 GLN A O   1 
ATOM   1321 C CB  . GLN A 1 191 ? -6.496  -14.970 14.254  1.00 45.95 ? 191 GLN A CB  1 
ATOM   1322 C CG  . GLN A 1 191 ? -5.929  -16.168 15.014  1.00 57.66 ? 191 GLN A CG  1 
ATOM   1323 C CD  . GLN A 1 191 ? -6.560  -16.437 16.363  1.00 62.19 ? 191 GLN A CD  1 
ATOM   1324 O OE1 . GLN A 1 191 ? -6.079  -17.268 17.137  1.00 64.82 ? 191 GLN A OE1 1 
ATOM   1325 N NE2 . GLN A 1 191 ? -7.647  -15.743 16.659  1.00 60.36 ? 191 GLN A NE2 1 
ATOM   1326 N N   . PRO A 1 192 ? -4.089  -15.905 11.769  1.00 28.60 ? 192 PRO A N   1 
ATOM   1327 C CA  . PRO A 1 192 ? -2.887  -15.381 12.411  1.00 25.98 ? 192 PRO A CA  1 
ATOM   1328 C C   . PRO A 1 192 ? -2.259  -14.130 11.782  1.00 24.09 ? 192 PRO A C   1 
ATOM   1329 O O   . PRO A 1 192 ? -2.482  -13.816 10.627  1.00 26.00 ? 192 PRO A O   1 
ATOM   1330 C CB  . PRO A 1 192 ? -1.889  -16.524 12.191  1.00 30.89 ? 192 PRO A CB  1 
ATOM   1331 C CG  . PRO A 1 192 ? -2.220  -16.995 10.797  1.00 33.34 ? 192 PRO A CG  1 
ATOM   1332 C CD  . PRO A 1 192 ? -3.722  -16.788 10.656  1.00 33.31 ? 192 PRO A CD  1 
ATOM   1333 N N   . SER A 1 193 ? -1.415  -13.435 12.551  1.00 22.11 ? 193 SER A N   1 
ATOM   1334 C CA  . SER A 1 193 ? -0.683  -12.294 12.041  1.00 23.05 ? 193 SER A CA  1 
ATOM   1335 C C   . SER A 1 193 ? 0.479   -11.997 12.980  1.00 22.52 ? 193 SER A C   1 
ATOM   1336 O O   . SER A 1 193 ? 0.445   -12.387 14.106  1.00 24.86 ? 193 SER A O   1 
ATOM   1337 C CB  . SER A 1 193 ? -1.549  -11.075 11.841  1.00 21.97 ? 193 SER A CB  1 
ATOM   1338 O OG  . SER A 1 193 ? -2.140  -10.699 13.049  1.00 22.65 ? 193 SER A OG  1 
ATOM   1339 N N   . VAL A 1 194 ? 1.491   -11.319 12.460  1.00 20.42 ? 194 VAL A N   1 
ATOM   1340 C CA  . VAL A 1 194 ? 2.571   -10.793 13.238  1.00 19.97 ? 194 VAL A CA  1 
ATOM   1341 C C   . VAL A 1 194 ? 2.023   -9.563  13.941  1.00 20.48 ? 194 VAL A C   1 
ATOM   1342 O O   . VAL A 1 194 ? 1.327   -8.763  13.315  1.00 21.43 ? 194 VAL A O   1 
ATOM   1343 C CB  . VAL A 1 194 ? 3.754   -10.447 12.329  1.00 21.08 ? 194 VAL A CB  1 
ATOM   1344 C CG1 . VAL A 1 194 ? 4.927   -9.906  13.100  1.00 21.81 ? 194 VAL A CG1 1 
ATOM   1345 C CG2 . VAL A 1 194 ? 4.194   -11.667 11.494  1.00 23.70 ? 194 VAL A CG2 1 
ATOM   1346 N N   . PRO A 1 195 ? 2.288   -9.366  15.239  1.00 22.38 ? 195 PRO A N   1 
ATOM   1347 C CA  . PRO A 1 195 ? 1.865   -8.127  15.892  1.00 23.32 ? 195 PRO A CA  1 
ATOM   1348 C C   . PRO A 1 195 ? 2.436   -6.926  15.140  1.00 23.30 ? 195 PRO A C   1 
ATOM   1349 O O   . PRO A 1 195 ? 3.609   -6.920  14.728  1.00 20.70 ? 195 PRO A O   1 
ATOM   1350 C CB  . PRO A 1 195 ? 2.457   -8.186  17.306  1.00 24.43 ? 195 PRO A CB  1 
ATOM   1351 C CG  . PRO A 1 195 ? 2.806   -9.682  17.526  1.00 25.13 ? 195 PRO A CG  1 
ATOM   1352 C CD  . PRO A 1 195 ? 3.010   -10.277 16.150  1.00 22.57 ? 195 PRO A CD  1 
ATOM   1353 N N   . GLU A 1 196 ? 1.617   -5.888  15.029  1.00 24.20 ? 196 GLU A N   1 
ATOM   1354 C CA  . GLU A 1 196 ? 1.969   -4.733  14.279  1.00 24.80 ? 196 GLU A CA  1 
ATOM   1355 C C   . GLU A 1 196 ? 3.275   -4.130  14.774  1.00 22.61 ? 196 GLU A C   1 
ATOM   1356 O O   . GLU A 1 196 ? 4.069   -3.629  13.980  1.00 19.99 ? 196 GLU A O   1 
ATOM   1357 C CB  . GLU A 1 196 ? 0.834   -3.718  14.342  1.00 27.04 ? 196 GLU A CB  1 
ATOM   1358 C CG  . GLU A 1 196 ? 1.086   -2.585  13.401  1.00 29.12 ? 196 GLU A CG  1 
ATOM   1359 C CD  . GLU A 1 196 ? -0.061  -1.584  13.301  1.00 34.77 ? 196 GLU A CD  1 
ATOM   1360 O OE1 . GLU A 1 196 ? -1.222  -1.990  13.436  1.00 37.43 ? 196 GLU A OE1 1 
ATOM   1361 O OE2 . GLU A 1 196 ? 0.216   -0.447  12.964  1.00 37.12 ? 196 GLU A OE2 1 
ATOM   1362 N N   . ALA A 1 197 ? 3.513   -4.175  16.086  1.00 22.91 ? 197 ALA A N   1 
ATOM   1363 C CA  . ALA A 1 197 ? 4.734   -3.612  16.670  1.00 22.30 ? 197 ALA A CA  1 
ATOM   1364 C C   . ALA A 1 197 ? 5.970   -4.471  16.369  1.00 21.77 ? 197 ALA A C   1 
ATOM   1365 O O   . ALA A 1 197 ? 7.090   -4.088  16.711  1.00 21.58 ? 197 ALA A O   1 
ATOM   1366 C CB  . ALA A 1 197 ? 4.525   -3.423  18.166  1.00 24.19 ? 197 ALA A CB  1 
ATOM   1367 N N   . ARG A 1 198 ? 5.790   -5.645  15.761  1.00 19.67 ? 198 ARG A N   1 
ATOM   1368 C CA  . ARG A 1 198 ? 6.922   -6.570  15.473  1.00 21.92 ? 198 ARG A CA  1 
ATOM   1369 C C   . ARG A 1 198 ? 7.131   -6.767  13.958  1.00 23.02 ? 198 ARG A C   1 
ATOM   1370 O O   . ARG A 1 198 ? 8.116   -7.415  13.573  1.00 19.80 ? 198 ARG A O   1 
ATOM   1371 C CB  . ARG A 1 198 ? 6.639   -7.952  16.060  1.00 22.84 ? 198 ARG A CB  1 
ATOM   1372 C CG  . ARG A 1 198 ? 6.762   -7.993  17.573  1.00 22.33 ? 198 ARG A CG  1 
ATOM   1373 C CD  . ARG A 1 198 ? 8.191   -7.772  18.047  1.00 23.12 ? 198 ARG A CD  1 
ATOM   1374 N NE  . ARG A 1 198 ? 9.186   -8.613  17.386  1.00 24.27 ? 198 ARG A NE  1 
ATOM   1375 C CZ  . ARG A 1 198 ? 10.439  -8.257  17.068  1.00 26.54 ? 198 ARG A CZ  1 
ATOM   1376 N NH1 . ARG A 1 198 ? 10.950  -7.104  17.494  1.00 29.34 ? 198 ARG A NH1 1 
ATOM   1377 N NH2 . ARG A 1 198 ? 11.201  -9.076  16.344  1.00 23.86 ? 198 ARG A NH2 1 
ATOM   1378 N N   . VAL A 1 199 ? 6.210   -6.263  13.130  1.00 20.44 ? 199 VAL A N   1 
ATOM   1379 C CA  . VAL A 1 199 ? 6.165   -6.691  11.716  1.00 21.76 ? 199 VAL A CA  1 
ATOM   1380 C C   . VAL A 1 199 ? 7.343   -6.078  10.931  1.00 20.66 ? 199 VAL A C   1 
ATOM   1381 O O   . VAL A 1 199 ? 8.035   -6.778  10.135  1.00 21.61 ? 199 VAL A O   1 
ATOM   1382 C CB  . VAL A 1 199 ? 4.779   -6.437  11.102  1.00 23.28 ? 199 VAL A CB  1 
ATOM   1383 C CG1 . VAL A 1 199 ? 4.401   -4.985  11.015  1.00 23.57 ? 199 VAL A CG1 1 
ATOM   1384 C CG2 . VAL A 1 199 ? 4.624   -7.133  9.754   1.00 23.93 ? 199 VAL A CG2 1 
ATOM   1385 N N   . LEU A 1 200 ? 7.672   -4.803  11.189  1.00 20.57 ? 200 LEU A N   1 
ATOM   1386 C CA  . LEU A 1 200 ? 8.842   -4.225  10.516  1.00 22.99 ? 200 LEU A CA  1 
ATOM   1387 C C   . LEU A 1 200 ? 10.115  -5.071  10.741  1.00 24.42 ? 200 LEU A C   1 
ATOM   1388 O O   . LEU A 1 200 ? 10.796  -5.474  9.757   1.00 26.17 ? 200 LEU A O   1 
ATOM   1389 C CB  . LEU A 1 200 ? 9.015   -2.793  10.999  1.00 24.20 ? 200 LEU A CB  1 
ATOM   1390 C CG  . LEU A 1 200 ? 9.949   -1.920  10.182  1.00 27.54 ? 200 LEU A CG  1 
ATOM   1391 C CD1 . LEU A 1 200 ? 9.528   -1.892  8.702   1.00 27.85 ? 200 LEU A CD1 1 
ATOM   1392 C CD2 . LEU A 1 200 ? 9.979   -0.505  10.793  1.00 26.01 ? 200 LEU A CD2 1 
ATOM   1393 N N   . ASP A 1 201 ? 10.481  -5.347  12.004  1.00 21.43 ? 201 ASP A N   1 
ATOM   1394 C CA  . ASP A 1 201 ? 11.682  -6.126  12.289  1.00 23.36 ? 201 ASP A CA  1 
ATOM   1395 C C   . ASP A 1 201 ? 11.613  -7.503  11.595  1.00 20.77 ? 201 ASP A C   1 
ATOM   1396 O O   . ASP A 1 201 ? 12.601  -8.019  11.078  1.00 21.75 ? 201 ASP A O   1 
ATOM   1397 C CB  . ASP A 1 201 ? 11.888  -6.349  13.786  1.00 27.77 ? 201 ASP A CB  1 
ATOM   1398 C CG  . ASP A 1 201 ? 12.516  -5.196  14.564  1.00 30.77 ? 201 ASP A CG  1 
ATOM   1399 O OD1 . ASP A 1 201 ? 12.996  -4.227  13.946  1.00 29.01 ? 201 ASP A OD1 1 
ATOM   1400 O OD2 . ASP A 1 201 ? 12.474  -5.277  15.801  1.00 32.92 ? 201 ASP A OD2 1 
ATOM   1401 N N   . THR A 1 202 ? 10.423  -8.109  11.598  1.00 20.96 ? 202 THR A N   1 
ATOM   1402 C CA  . THR A 1 202 ? 10.219  -9.431  11.046  1.00 21.18 ? 202 THR A CA  1 
ATOM   1403 C C   . THR A 1 202 ? 10.534  -9.448  9.538   1.00 19.70 ? 202 THR A C   1 
ATOM   1404 O O   . THR A 1 202 ? 11.333  -10.260 9.072   1.00 19.82 ? 202 THR A O   1 
ATOM   1405 C CB  . THR A 1 202 ? 8.785   -9.919  11.330  1.00 21.83 ? 202 THR A CB  1 
ATOM   1406 O OG1 . THR A 1 202 ? 8.559   -9.969  12.748  1.00 21.81 ? 202 THR A OG1 1 
ATOM   1407 C CG2 . THR A 1 202 ? 8.541   -11.298 10.730  1.00 20.99 ? 202 THR A CG2 1 
ATOM   1408 N N   . LEU A 1 203 ? 9.961   -8.501  8.796   1.00 18.36 ? 203 LEU A N   1 
ATOM   1409 C CA  . LEU A 1 203 ? 10.147  -8.380  7.356   1.00 19.32 ? 203 LEU A CA  1 
ATOM   1410 C C   . LEU A 1 203 ? 11.579  -7.993  7.019   1.00 19.57 ? 203 LEU A C   1 
ATOM   1411 O O   . LEU A 1 203 ? 12.130  -8.551  6.106   1.00 21.32 ? 203 LEU A O   1 
ATOM   1412 C CB  . LEU A 1 203 ? 9.144   -7.361  6.797   1.00 17.77 ? 203 LEU A CB  1 
ATOM   1413 C CG  . LEU A 1 203 ? 7.681   -7.753  6.929   1.00 18.12 ? 203 LEU A CG  1 
ATOM   1414 C CD1 . LEU A 1 203 ? 6.767   -6.685  6.397   1.00 19.69 ? 203 LEU A CD1 1 
ATOM   1415 C CD2 . LEU A 1 203 ? 7.380   -9.079  6.248   1.00 20.59 ? 203 LEU A CD2 1 
ATOM   1416 N N   . VAL A 1 204 ? 12.194  -7.103  7.789   1.00 19.14 ? 204 VAL A N   1 
ATOM   1417 C CA  . VAL A 1 204 ? 13.522  -6.647  7.445   1.00 18.06 ? 204 VAL A CA  1 
ATOM   1418 C C   . VAL A 1 204 ? 14.514  -7.807  7.580   1.00 19.77 ? 204 VAL A C   1 
ATOM   1419 O O   . VAL A 1 204 ? 15.400  -8.006  6.715   1.00 21.44 ? 204 VAL A O   1 
ATOM   1420 C CB  . VAL A 1 204 ? 13.924  -5.455  8.312   1.00 18.19 ? 204 VAL A CB  1 
ATOM   1421 C CG1 . VAL A 1 204 ? 15.422  -5.199  8.231   1.00 18.75 ? 204 VAL A CG1 1 
ATOM   1422 C CG2 . VAL A 1 204 ? 13.111  -4.208  7.958   1.00 17.85 ? 204 VAL A CG2 1 
ATOM   1423 N N   . HIS A 1 205 ? 14.334  -8.606  8.629   1.00 18.99 ? 205 HIS A N   1 
ATOM   1424 C CA  . HIS A 1 205 ? 15.184  -9.780  8.831   1.00 20.09 ? 205 HIS A CA  1 
ATOM   1425 C C   . HIS A 1 205 ? 15.142  -10.691 7.599   1.00 19.28 ? 205 HIS A C   1 
ATOM   1426 O O   . HIS A 1 205 ? 16.198  -11.188 7.157   1.00 19.67 ? 205 HIS A O   1 
ATOM   1427 C CB  . HIS A 1 205 ? 14.754  -10.569 10.054  1.00 20.16 ? 205 HIS A CB  1 
ATOM   1428 C CG  . HIS A 1 205 ? 15.412  -11.894 10.161  1.00 18.95 ? 205 HIS A CG  1 
ATOM   1429 N ND1 . HIS A 1 205 ? 16.668  -12.031 10.666  1.00 21.06 ? 205 HIS A ND1 1 
ATOM   1430 C CD2 . HIS A 1 205 ? 15.006  -13.118 9.775   1.00 20.76 ? 205 HIS A CD2 1 
ATOM   1431 C CE1 . HIS A 1 205 ? 17.016  -13.299 10.651  1.00 23.17 ? 205 HIS A CE1 1 
ATOM   1432 N NE2 . HIS A 1 205 ? 16.007  -13.997 10.090  1.00 20.45 ? 205 HIS A NE2 1 
ATOM   1433 N N   . ILE A 1 206 ? 13.910  -11.012 7.148   1.00 18.62 ? 206 ILE A N   1 
ATOM   1434 C CA  . ILE A 1 206 ? 13.720  -11.985 6.036   1.00 17.54 ? 206 ILE A CA  1 
ATOM   1435 C C   . ILE A 1 206 ? 14.293  -11.361 4.742   1.00 19.59 ? 206 ILE A C   1 
ATOM   1436 O O   . ILE A 1 206 ? 14.889  -12.058 3.962   1.00 19.56 ? 206 ILE A O   1 
ATOM   1437 C CB  . ILE A 1 206 ? 12.215  -12.358 5.903   1.00 17.19 ? 206 ILE A CB  1 
ATOM   1438 C CG1 . ILE A 1 206 ? 11.682  -12.984 7.196   1.00 17.69 ? 206 ILE A CG1 1 
ATOM   1439 C CG2 . ILE A 1 206 ? 12.006  -13.294 4.713   1.00 16.09 ? 206 ILE A CG2 1 
ATOM   1440 C CD1 . ILE A 1 206 ? 10.217  -13.308 7.210   1.00 19.08 ? 206 ILE A CD1 1 
ATOM   1441 N N   . TRP A 1 207 ? 14.082  -10.054 4.514   1.00 21.15 ? 207 TRP A N   1 
ATOM   1442 C CA  . TRP A 1 207 ? 14.695  -9.365  3.338   1.00 21.85 ? 207 TRP A CA  1 
ATOM   1443 C C   . TRP A 1 207 ? 16.218  -9.436  3.415   1.00 23.13 ? 207 TRP A C   1 
ATOM   1444 O O   . TRP A 1 207 ? 16.863  -9.836  2.446   1.00 20.45 ? 207 TRP A O   1 
ATOM   1445 C CB  . TRP A 1 207 ? 14.255  -7.908  3.216   1.00 20.55 ? 207 TRP A CB  1 
ATOM   1446 C CG  . TRP A 1 207 ? 12.890  -7.729  2.628   1.00 19.08 ? 207 TRP A CG  1 
ATOM   1447 C CD1 . TRP A 1 207 ? 11.712  -8.291  3.042   1.00 19.97 ? 207 TRP A CD1 1 
ATOM   1448 C CD2 . TRP A 1 207 ? 12.559  -6.962  1.470   1.00 21.63 ? 207 TRP A CD2 1 
ATOM   1449 N NE1 . TRP A 1 207 ? 10.679  -7.907  2.232   1.00 21.99 ? 207 TRP A NE1 1 
ATOM   1450 C CE2 . TRP A 1 207 ? 11.165  -7.090  1.260   1.00 20.85 ? 207 TRP A CE2 1 
ATOM   1451 C CE3 . TRP A 1 207 ? 13.309  -6.203  0.572   1.00 20.88 ? 207 TRP A CE3 1 
ATOM   1452 C CZ2 . TRP A 1 207 ? 10.509  -6.465  0.210   1.00 23.24 ? 207 TRP A CZ2 1 
ATOM   1453 C CZ3 . TRP A 1 207 ? 12.651  -5.555  -0.443  1.00 21.32 ? 207 TRP A CZ3 1 
ATOM   1454 C CH2 . TRP A 1 207 ? 11.280  -5.690  -0.628  1.00 20.85 ? 207 TRP A CH2 1 
ATOM   1455 N N   . VAL A 1 208 ? 16.800  -9.067  4.561   1.00 21.50 ? 208 VAL A N   1 
ATOM   1456 C CA  . VAL A 1 208 ? 18.255  -8.925  4.594   1.00 23.78 ? 208 VAL A CA  1 
ATOM   1457 C C   . VAL A 1 208 ? 18.899  -10.321 4.501   1.00 23.49 ? 208 VAL A C   1 
ATOM   1458 O O   . VAL A 1 208 ? 19.874  -10.566 3.760   1.00 23.29 ? 208 VAL A O   1 
ATOM   1459 C CB  . VAL A 1 208 ? 18.710  -8.146  5.843   1.00 25.67 ? 208 VAL A CB  1 
ATOM   1460 C CG1 . VAL A 1 208 ? 20.184  -8.385  6.197   1.00 28.10 ? 208 VAL A CG1 1 
ATOM   1461 C CG2 . VAL A 1 208 ? 18.415  -6.666  5.654   1.00 27.31 ? 208 VAL A CG2 1 
ATOM   1462 N N   . THR A 1 209 ? 18.332  -11.280 5.214   1.00 23.31 ? 209 THR A N   1 
ATOM   1463 C CA  . THR A 1 209 ? 18.916  -12.609 5.131   1.00 21.99 ? 209 THR A CA  1 
ATOM   1464 C C   . THR A 1 209 ? 18.769  -13.182 3.727   1.00 22.58 ? 209 THR A C   1 
ATOM   1465 O O   . THR A 1 209 ? 19.709  -13.832 3.260   1.00 21.91 ? 209 THR A O   1 
ATOM   1466 C CB  . THR A 1 209 ? 18.381  -13.570 6.187   1.00 24.83 ? 209 THR A CB  1 
ATOM   1467 O OG1 . THR A 1 209 ? 16.955  -13.632 6.075   1.00 26.60 ? 209 THR A OG1 1 
ATOM   1468 C CG2 . THR A 1 209 ? 18.840  -13.169 7.566   1.00 23.49 ? 209 THR A CG2 1 
ATOM   1469 N N   . SER A 1 210 ? 17.640  -12.935 3.038   1.00 20.47 ? 210 SER A N   1 
ATOM   1470 C CA  . SER A 1 210 ? 17.414  -13.626 1.745   1.00 21.47 ? 210 SER A CA  1 
ATOM   1471 C C   . SER A 1 210 ? 18.164  -12.928 0.610   1.00 23.28 ? 210 SER A C   1 
ATOM   1472 O O   . SER A 1 210 ? 18.568  -13.594 -0.376  1.00 22.29 ? 210 SER A O   1 
ATOM   1473 C CB  . SER A 1 210 ? 15.965  -13.835 1.459   1.00 21.30 ? 210 SER A CB  1 
ATOM   1474 O OG  . SER A 1 210 ? 15.305  -12.625 1.168   1.00 22.87 ? 210 SER A OG  1 
ATOM   1475 N N   . ILE A 1 211 ? 18.406  -11.616 0.766   1.00 22.83 ? 211 ILE A N   1 
ATOM   1476 C CA  . ILE A 1 211 ? 19.114  -10.858 -0.216  1.00 22.55 ? 211 ILE A CA  1 
ATOM   1477 C C   . ILE A 1 211 ? 20.643  -11.040 -0.073  1.00 24.19 ? 211 ILE A C   1 
ATOM   1478 O O   . ILE A 1 211 ? 21.355  -11.101 -1.134  1.00 20.97 ? 211 ILE A O   1 
ATOM   1479 C CB  . ILE A 1 211 ? 18.707  -9.379  -0.180  1.00 23.89 ? 211 ILE A CB  1 
ATOM   1480 C CG1 . ILE A 1 211 ? 17.271  -9.240  -0.671  1.00 20.91 ? 211 ILE A CG1 1 
ATOM   1481 C CG2 . ILE A 1 211 ? 19.686  -8.555  -0.997  1.00 24.55 ? 211 ILE A CG2 1 
ATOM   1482 C CD1 . ILE A 1 211 ? 16.659  -7.922  -0.370  1.00 21.78 ? 211 ILE A CD1 1 
ATOM   1483 N N   . TYR A 1 212 ? 21.170  -11.105 1.154   1.00 20.50 ? 212 TYR A N   1 
ATOM   1484 C CA  . TYR A 1 212 ? 22.630  -11.103 1.339   1.00 24.22 ? 212 TYR A CA  1 
ATOM   1485 C C   . TYR A 1 212 ? 23.163  -12.498 1.661   1.00 26.80 ? 212 TYR A C   1 
ATOM   1486 O O   . TYR A 1 212 ? 24.394  -12.693 1.672   1.00 25.50 ? 212 TYR A O   1 
ATOM   1487 C CB  . TYR A 1 212 ? 23.056  -10.058 2.375   1.00 22.05 ? 212 TYR A CB  1 
ATOM   1488 C CG  . TYR A 1 212 ? 22.689  -8.683  1.911   1.00 24.56 ? 212 TYR A CG  1 
ATOM   1489 C CD1 . TYR A 1 212 ? 23.497  -7.979  1.026   1.00 27.77 ? 212 TYR A CD1 1 
ATOM   1490 C CD2 . TYR A 1 212 ? 21.527  -8.062  2.355   1.00 24.85 ? 212 TYR A CD2 1 
ATOM   1491 C CE1 . TYR A 1 212 ? 23.132  -6.727  0.549   1.00 24.06 ? 212 TYR A CE1 1 
ATOM   1492 C CE2 . TYR A 1 212 ? 21.141  -6.824  1.873   1.00 23.92 ? 212 TYR A CE2 1 
ATOM   1493 C CZ  . TYR A 1 212 ? 21.969  -6.128  1.010   1.00 26.28 ? 212 TYR A CZ  1 
ATOM   1494 O OH  . TYR A 1 212 ? 21.551  -4.921  0.518   1.00 25.31 ? 212 TYR A OH  1 
ATOM   1495 N N   . GLY A 1 213 ? 22.265  -13.457 1.892   1.00 26.04 ? 213 GLY A N   1 
ATOM   1496 C CA  . GLY A 1 213 ? 22.660  -14.745 2.428   1.00 29.50 ? 213 GLY A CA  1 
ATOM   1497 C C   . GLY A 1 213 ? 22.986  -15.724 1.311   1.00 35.47 ? 213 GLY A C   1 
ATOM   1498 O O   . GLY A 1 213 ? 22.428  -15.644 0.228   1.00 29.93 ? 213 GLY A O   1 
ATOM   1499 N N   . GLU A 1 214 ? 23.905  -16.654 1.591   1.00 43.03 ? 214 GLU A N   1 
ATOM   1500 C CA  . GLU A 1 214 ? 24.162  -17.806 0.724   1.00 47.83 ? 214 GLU A CA  1 
ATOM   1501 C C   . GLU A 1 214 ? 24.216  -19.045 1.607   1.00 48.43 ? 214 GLU A C   1 
ATOM   1502 O O   . GLU A 1 214 ? 23.169  -19.462 2.089   1.00 54.43 ? 214 GLU A O   1 
ATOM   1503 C CB  . GLU A 1 214 ? 25.443  -17.602 -0.070  1.00 50.54 ? 214 GLU A CB  1 
ATOM   1504 C CG  . GLU A 1 214 ? 26.589  -17.081 0.775   1.00 53.92 ? 214 GLU A CG  1 
ATOM   1505 C CD  . GLU A 1 214 ? 27.610  -16.248 0.018   1.00 65.15 ? 214 GLU A CD  1 
ATOM   1506 O OE1 . GLU A 1 214 ? 28.290  -15.431 0.677   1.00 69.72 ? 214 GLU A OE1 1 
ATOM   1507 O OE2 . GLU A 1 214 ? 27.728  -16.418 -1.230  1.00 62.94 ? 214 GLU A OE2 1 
HETATM 1508 S S   . SO4 B 2 .   ? -27.790 3.358   -2.080  1.00 48.74 ? 301 SO4 A S   1 
HETATM 1509 O O1  . SO4 B 2 .   ? -28.060 4.779   -1.759  1.00 45.53 ? 301 SO4 A O1  1 
HETATM 1510 O O2  . SO4 B 2 .   ? -28.496 2.542   -1.073  1.00 51.99 ? 301 SO4 A O2  1 
HETATM 1511 O O3  . SO4 B 2 .   ? -28.269 3.037   -3.430  1.00 50.53 ? 301 SO4 A O3  1 
HETATM 1512 O O4  . SO4 B 2 .   ? -26.325 3.091   -2.045  1.00 42.89 ? 301 SO4 A O4  1 
HETATM 1513 C C4  . UAE C 3 .   ? 4.635   -4.184  0.756   1.00 42.92 ? 302 UAE A C4  1 
HETATM 1514 C C5  . UAE C 3 .   ? 6.885   -3.426  0.454   1.00 30.53 ? 302 UAE A C5  1 
HETATM 1515 C C6  . UAE C 3 .   ? 9.006   -2.348  -0.547  1.00 37.85 ? 302 UAE A C6  1 
HETATM 1516 C C11 . UAE C 3 .   ? 10.289  -2.620  0.179   1.00 36.55 ? 302 UAE A C11 1 
HETATM 1517 C C7  . UAE C 3 .   ? 9.359   -2.272  -2.038  1.00 34.82 ? 302 UAE A C7  1 
HETATM 1518 C C8  . UAE C 3 .   ? 10.439  -1.242  -2.382  1.00 36.29 ? 302 UAE A C8  1 
HETATM 1519 C C9  . UAE C 3 .   ? 11.671  -1.338  -1.510  1.00 34.89 ? 302 UAE A C9  1 
HETATM 1520 C C10 . UAE C 3 .   ? 11.265  -1.465  -0.058  1.00 38.14 ? 302 UAE A C10 1 
HETATM 1521 C C12 . UAE C 3 .   ? 5.381   -3.816  -1.556  1.00 39.27 ? 302 UAE A C12 1 
HETATM 1522 C C13 . UAE C 3 .   ? 3.989   -3.291  -1.874  1.00 42.69 ? 302 UAE A C13 1 
HETATM 1523 N N1  . UAE C 3 .   ? 5.710   -3.705  -0.133  1.00 38.27 ? 302 UAE A N1  1 
HETATM 1524 N N2  . UAE C 3 .   ? 7.975   -3.374  -0.336  1.00 30.30 ? 302 UAE A N2  1 
HETATM 1525 C C3  . UAE C 3 .   ? 3.328   -3.486  0.509   1.00 38.22 ? 302 UAE A C3  1 
HETATM 1526 C C1  . UAE C 3 .   ? 1.547   -3.069  -1.188  1.00 40.11 ? 302 UAE A C1  1 
HETATM 1527 C C2  . UAE C 3 .   ? 2.890   -3.737  -0.914  1.00 40.90 ? 302 UAE A C2  1 
HETATM 1528 O O1  . UAE C 3 .   ? 6.934   -3.394  1.702   1.00 27.48 ? 302 UAE A O1  1 
HETATM 1529 O O   . HOH D 4 .   ? -3.029  -9.988  4.195   1.00 37.26 ? 401 HOH A O   1 
HETATM 1530 O O   . HOH D 4 .   ? -4.032  -14.229 8.342   1.00 30.37 ? 402 HOH A O   1 
HETATM 1531 O O   . HOH D 4 .   ? 14.414  -2.682  15.209  1.00 52.29 ? 403 HOH A O   1 
HETATM 1532 O O   . HOH D 4 .   ? 22.566  -11.581 -10.637 1.00 34.82 ? 404 HOH A O   1 
HETATM 1533 O O   . HOH D 4 .   ? -17.784 13.379  6.773   1.00 60.23 ? 405 HOH A O   1 
HETATM 1534 O O   . HOH D 4 .   ? 23.967  -0.728  -4.274  1.00 49.32 ? 406 HOH A O   1 
HETATM 1535 O O   . HOH D 4 .   ? -10.371 14.448  1.094   1.00 46.72 ? 407 HOH A O   1 
HETATM 1536 O O   . HOH D 4 .   ? 17.753  3.837   -5.695  1.00 49.57 ? 408 HOH A O   1 
HETATM 1537 O O   . HOH D 4 .   ? 23.206  2.307   2.483   1.00 42.81 ? 409 HOH A O   1 
HETATM 1538 O O   . HOH D 4 .   ? -9.168  -6.478  3.071   1.00 37.49 ? 410 HOH A O   1 
HETATM 1539 O O   . HOH D 4 .   ? -1.302  10.539  -3.301  1.00 36.27 ? 411 HOH A O   1 
HETATM 1540 O O   . HOH D 4 .   ? 17.245  -4.796  -12.218 1.00 39.02 ? 412 HOH A O   1 
HETATM 1541 O O   . HOH D 4 .   ? 20.910  -14.528 -1.567  1.00 23.30 ? 413 HOH A O   1 
HETATM 1542 O O   . HOH D 4 .   ? 28.062  -9.935  -6.063  1.00 42.28 ? 414 HOH A O   1 
HETATM 1543 O O   . HOH D 4 .   ? 18.362  -0.893  10.518  1.00 42.43 ? 415 HOH A O   1 
HETATM 1544 O O   . HOH D 4 .   ? 11.329  -14.682 -13.972 0.50 19.98 ? 416 HOH A O   1 
HETATM 1545 O O   . HOH D 4 .   ? -13.907 -0.085  -8.637  1.00 52.95 ? 417 HOH A O   1 
HETATM 1546 O O   . HOH D 4 .   ? 4.263   10.609  -0.322  1.00 36.52 ? 418 HOH A O   1 
HETATM 1547 O O   . HOH D 4 .   ? -7.015  0.891   -12.537 1.00 38.78 ? 419 HOH A O   1 
HETATM 1548 O O   . HOH D 4 .   ? 7.793   3.570   11.669  1.00 24.91 ? 420 HOH A O   1 
HETATM 1549 O O   . HOH D 4 .   ? 7.779   -1.527  16.736  1.00 34.67 ? 421 HOH A O   1 
HETATM 1550 O O   . HOH D 4 .   ? -18.149 11.062  8.053   1.00 50.65 ? 422 HOH A O   1 
HETATM 1551 O O   . HOH D 4 .   ? -7.944  4.566   5.727   1.00 28.11 ? 423 HOH A O   1 
HETATM 1552 O O   . HOH D 4 .   ? 20.311  -2.195  -11.014 1.00 38.15 ? 424 HOH A O   1 
HETATM 1553 O O   . HOH D 4 .   ? 16.596  -7.849  -12.618 1.00 32.34 ? 425 HOH A O   1 
HETATM 1554 O O   . HOH D 4 .   ? -16.358 -3.530  -6.696  1.00 40.48 ? 426 HOH A O   1 
HETATM 1555 O O   . HOH D 4 .   ? 3.832   -0.915  -13.565 1.00 33.52 ? 427 HOH A O   1 
HETATM 1556 O O   . HOH D 4 .   ? 26.751  3.800   4.644   1.00 48.34 ? 428 HOH A O   1 
HETATM 1557 O O   . HOH D 4 .   ? 10.085  -11.061 14.661  1.00 24.51 ? 429 HOH A O   1 
HETATM 1558 O O   . HOH D 4 .   ? 23.170  -7.857  -11.119 1.00 42.40 ? 430 HOH A O   1 
HETATM 1559 O O   . HOH D 4 .   ? -14.158 -2.869  -0.433  1.00 35.51 ? 431 HOH A O   1 
HETATM 1560 O O   . HOH D 4 .   ? -2.654  -9.687  0.439   1.00 34.48 ? 432 HOH A O   1 
HETATM 1561 O O   . HOH D 4 .   ? -5.317  -4.791  6.137   1.00 31.69 ? 433 HOH A O   1 
HETATM 1562 O O   . HOH D 4 .   ? 21.201  -11.619 -3.777  1.00 23.42 ? 434 HOH A O   1 
HETATM 1563 O O   . HOH D 4 .   ? 14.429  -4.096  -12.318 1.00 24.71 ? 435 HOH A O   1 
HETATM 1564 O O   . HOH D 4 .   ? 26.798  -11.466 1.527   1.00 48.44 ? 436 HOH A O   1 
HETATM 1565 O O   . HOH D 4 .   ? -22.974 9.965   6.782   1.00 47.47 ? 437 HOH A O   1 
HETATM 1566 O O   . HOH D 4 .   ? -24.024 23.658  -6.230  1.00 43.28 ? 438 HOH A O   1 
HETATM 1567 O O   . HOH D 4 .   ? -18.015 -4.050  1.431   1.00 42.13 ? 439 HOH A O   1 
HETATM 1568 O O   . HOH D 4 .   ? 23.326  5.491   1.146   1.00 41.83 ? 440 HOH A O   1 
HETATM 1569 O O   . HOH D 4 .   ? 3.469   8.155   -8.011  1.00 40.04 ? 441 HOH A O   1 
HETATM 1570 O O   . HOH D 4 .   ? 8.550   3.302   -7.691  1.00 39.46 ? 442 HOH A O   1 
HETATM 1571 O O   . HOH D 4 .   ? -25.534 16.876  5.526   1.00 44.52 ? 443 HOH A O   1 
HETATM 1572 O O   . HOH D 4 .   ? 13.900  -8.468  16.413  1.00 28.73 ? 444 HOH A O   1 
HETATM 1573 O O   . HOH D 4 .   ? 15.022  -6.966  11.919  1.00 23.47 ? 445 HOH A O   1 
HETATM 1574 O O   . HOH D 4 .   ? 10.197  0.682   -10.896 1.00 31.37 ? 446 HOH A O   1 
HETATM 1575 O O   . HOH D 4 .   ? -6.174  -2.679  7.202   1.00 31.66 ? 447 HOH A O   1 
HETATM 1576 O O   . HOH D 4 .   ? -25.840 19.297  -3.208  1.00 31.31 ? 448 HOH A O   1 
HETATM 1577 O O   . HOH D 4 .   ? -1.168  -6.278  15.382  1.00 37.47 ? 449 HOH A O   1 
HETATM 1578 O O   . HOH D 4 .   ? 1.139   -10.479 9.769   1.00 26.37 ? 450 HOH A O   1 
HETATM 1579 O O   . HOH D 4 .   ? 8.020   -5.924  -12.292 1.00 24.33 ? 451 HOH A O   1 
HETATM 1580 O O   . HOH D 4 .   ? 11.063  5.416   6.225   1.00 24.83 ? 452 HOH A O   1 
HETATM 1581 O O   . HOH D 4 .   ? -5.384  -8.579  4.881   1.00 39.60 ? 453 HOH A O   1 
HETATM 1582 O O   . HOH D 4 .   ? 9.205   -4.338  14.372  1.00 18.52 ? 454 HOH A O   1 
HETATM 1583 O O   . HOH D 4 .   ? -2.134  6.171   -10.372 1.00 33.95 ? 455 HOH A O   1 
HETATM 1584 O O   . HOH D 4 .   ? -5.238  4.020   9.656   1.00 31.65 ? 456 HOH A O   1 
HETATM 1585 O O   . HOH D 4 .   ? -15.889 -6.166  -3.029  1.00 47.80 ? 457 HOH A O   1 
HETATM 1586 O O   . HOH D 4 .   ? -9.679  14.232  -5.605  1.00 50.78 ? 458 HOH A O   1 
HETATM 1587 O O   . HOH D 4 .   ? 12.620  -0.268  13.205  1.00 41.85 ? 459 HOH A O   1 
HETATM 1588 O O   . HOH D 4 .   ? -13.622 0.058   -5.745  1.00 35.99 ? 460 HOH A O   1 
HETATM 1589 O O   . HOH D 4 .   ? 18.086  4.567   5.124   1.00 41.31 ? 461 HOH A O   1 
HETATM 1590 O O   . HOH D 4 .   ? -24.004 21.107  -3.064  1.00 39.62 ? 462 HOH A O   1 
HETATM 1591 O O   . HOH D 4 .   ? -30.434 14.071  -2.015  1.00 47.90 ? 463 HOH A O   1 
HETATM 1592 O O   . HOH D 4 .   ? -7.817  4.297   8.818   1.00 36.86 ? 464 HOH A O   1 
HETATM 1593 O O   . HOH D 4 .   ? 16.822  3.620   2.258   1.00 48.30 ? 465 HOH A O   1 
HETATM 1594 O O   . HOH D 4 .   ? 9.747   -12.948 -12.190 1.00 40.07 ? 466 HOH A O   1 
HETATM 1595 O O   . HOH D 4 .   ? 10.229  -4.054  17.274  1.00 51.23 ? 467 HOH A O   1 
HETATM 1596 O O   . HOH D 4 .   ? 1.316   -4.307  18.087  1.00 25.29 ? 468 HOH A O   1 
HETATM 1597 O O   . HOH D 4 .   ? -12.419 11.747  -9.191  1.00 59.99 ? 469 HOH A O   1 
HETATM 1598 O O   . HOH D 4 .   ? 28.038  -14.476 -6.021  1.00 37.79 ? 470 HOH A O   1 
HETATM 1599 O O   . HOH D 4 .   ? -6.377  -16.833 8.520   1.00 46.97 ? 471 HOH A O   1 
HETATM 1600 O O   . HOH D 4 .   ? -11.073 -8.159  -10.587 1.00 47.73 ? 472 HOH A O   1 
HETATM 1601 O O   . HOH D 4 .   ? 26.088  -2.770  4.943   1.00 44.00 ? 473 HOH A O   1 
HETATM 1602 O O   . HOH D 4 .   ? 22.869  -7.390  7.602   1.00 50.69 ? 474 HOH A O   1 
HETATM 1603 O O   . HOH D 4 .   ? -22.872 3.210   -5.387  1.00 49.84 ? 475 HOH A O   1 
HETATM 1604 O O   . HOH D 4 .   ? -0.884  -10.459 16.178  1.00 46.65 ? 476 HOH A O   1 
HETATM 1605 O O   . HOH D 4 .   ? -18.656 -6.341  -9.748  1.00 56.88 ? 477 HOH A O   1 
HETATM 1606 O O   . HOH D 4 .   ? -9.535  11.160  2.139   1.00 57.67 ? 478 HOH A O   1 
HETATM 1607 O O   . HOH D 4 .   ? 7.310   11.999  -0.568  1.00 45.34 ? 479 HOH A O   1 
HETATM 1608 O O   . HOH D 4 .   ? 16.619  -10.949 -12.422 1.00 41.04 ? 480 HOH A O   1 
HETATM 1609 O O   . HOH D 4 .   ? 22.068  -19.648 5.111   1.00 46.30 ? 481 HOH A O   1 
HETATM 1610 O O   . HOH D 4 .   ? 21.880  -14.194 5.625   1.00 55.09 ? 482 HOH A O   1 
HETATM 1611 O O   . HOH D 4 .   ? 7.516   -5.019  19.777  1.00 41.54 ? 483 HOH A O   1 
HETATM 1612 O O   . HOH D 4 .   ? 19.341  -19.799 -8.429  1.00 48.16 ? 484 HOH A O   1 
HETATM 1613 O O   . HOH D 4 .   ? 1.893   8.634   6.748   1.00 52.88 ? 485 HOH A O   1 
HETATM 1614 O O   . HOH D 4 .   ? 17.350  -7.524  10.588  1.00 36.76 ? 486 HOH A O   1 
HETATM 1615 O O   . HOH D 4 .   ? 3.890   10.691  2.582   1.00 41.72 ? 487 HOH A O   1 
HETATM 1616 O O   . HOH D 4 .   ? 6.833   -1.386  -13.623 1.00 46.09 ? 488 HOH A O   1 
HETATM 1617 O O   . HOH D 4 .   ? -14.744 2.219   -10.053 1.00 58.50 ? 489 HOH A O   1 
HETATM 1618 O O   . HOH D 4 .   ? 13.053  0.348   -11.213 1.00 39.23 ? 490 HOH A O   1 
HETATM 1619 O O   . HOH D 4 .   ? 2.412   -1.865  -15.645 1.00 41.88 ? 491 HOH A O   1 
HETATM 1620 O O   . HOH D 4 .   ? -16.152 -1.815  -8.843  1.00 55.40 ? 492 HOH A O   1 
HETATM 1621 O O   . HOH D 4 .   ? -8.014  -2.972  9.253   1.00 36.53 ? 493 HOH A O   1 
HETATM 1622 O O   . HOH D 4 .   ? -31.346 18.231  -3.753  1.00 25.59 ? 494 HOH A O   1 
HETATM 1623 O O   . HOH D 4 .   ? -9.818  -5.279  9.230   1.00 54.38 ? 495 HOH A O   1 
HETATM 1624 O O   . HOH D 4 .   ? 6.165   -8.014  -11.945 1.00 35.56 ? 496 HOH A O   1 
HETATM 1625 O O   . HOH D 4 .   ? -4.251  -12.118 -0.072  0.50 34.87 ? 497 HOH A O   1 
HETATM 1626 O O   . HOH D 4 .   ? 0.794   -1.653  17.531  1.00 43.97 ? 498 HOH A O   1 
HETATM 1627 O O   . HOH D 4 .   ? 13.403  -2.164  -13.841 1.00 43.90 ? 499 HOH A O   1 
HETATM 1628 O O   . HOH D 4 .   ? -15.250 -1.823  -4.851  1.00 36.53 ? 500 HOH A O   1 
HETATM 1629 O O   . HOH D 4 .   ? -6.649  -6.317  4.346   1.00 41.61 ? 501 HOH A O   1 
HETATM 1630 O O   . HOH D 4 .   ? -15.629 -3.374  -2.508  1.00 41.04 ? 502 HOH A O   1 
HETATM 1631 O O   . HOH D 4 .   ? 7.128   -0.484  14.295  1.00 26.19 ? 503 HOH A O   1 
HETATM 1632 O O   . HOH D 4 .   ? -30.282 15.967  -0.070  1.00 43.83 ? 504 HOH A O   1 
HETATM 1633 O O   . HOH D 4 .   ? -32.086 15.584  -3.664  1.00 37.36 ? 505 HOH A O   1 
HETATM 1634 O O   . HOH D 4 .   ? -2.397  3.909   -12.339 1.00 50.81 ? 506 HOH A O   1 
HETATM 1635 O O   . HOH D 4 .   ? -30.854 18.898  -1.099  1.00 46.95 ? 507 HOH A O   1 
# 
